data_2WPV
#
_entry.id   2WPV
#
_cell.length_a   48.275
_cell.length_b   118.770
_cell.length_c   168.377
_cell.angle_alpha   90.00
_cell.angle_beta   95.17
_cell.angle_gamma   90.00
#
_symmetry.space_group_name_H-M   'P 1 21 1'
#
loop_
_entity.id
_entity.type
_entity.pdbx_description
1 polymer 'UPF0363 PROTEIN YOR164C'
2 polymer 'UBIQUITIN-LIKE PROTEIN MDY2'
3 non-polymer 'MERCURY (II) ION'
4 water water
#
loop_
_entity_poly.entity_id
_entity_poly.type
_entity_poly.pdbx_seq_one_letter_code
_entity_poly.pdbx_strand_id
1 'polypeptide(L)'
;MVPAESNAVQAKLAKTLQRFENKIKAGDYYEAHQTLRTIANRYVRSKSYEHAIELISQGALSFLKAKQGGSGTDLIFYLL
EVYDLAEVKVDDISVARLVRLIAELDPSEPNLKDVITGMNNWSIKFSEYKFGDPYLHNTIGSKLLEGDFVYEAERYFMLG
THDSMIKYVDLLWDWLCQVDDIEDSTVAEFFSRLVFNYLFISNISFAHESKDIFLERFIEKFHPKYEKIDKNGYEIVFFE
DYSDLNFLQLLLITCQTKDKSYFLNLKNHYLDFSQAYKSELEFLGQEYFNIVAPKQTNFLQDMMSGFLGGSK
;
A,C,E,G
2 'polypeptide(L)' MSTSASGPEHEFVSKFLTLATLTEPKLPKSYTKPLKDVTNLGVPLPTLKYKYKQNRAKK B,D,F,H
#
loop_
_chem_comp.id
_chem_comp.type
_chem_comp.name
_chem_comp.formula
HG non-polymer 'MERCURY (II) ION' 'Hg 2'
#
# COMPACT_ATOMS: atom_id res chain seq x y z
N LYS A 12 0.28 4.29 22.24
CA LYS A 12 0.38 4.47 20.75
C LYS A 12 0.72 3.15 20.05
N LEU A 13 1.75 2.46 20.51
CA LEU A 13 2.14 1.21 19.89
C LEU A 13 1.02 0.19 19.97
N ALA A 14 0.35 0.13 21.12
CA ALA A 14 -0.77 -0.79 21.31
C ALA A 14 -1.88 -0.47 20.33
N LYS A 15 -2.11 0.82 20.10
CA LYS A 15 -3.14 1.27 19.17
C LYS A 15 -2.75 0.89 17.75
N THR A 16 -1.47 1.07 17.43
CA THR A 16 -0.97 0.74 16.11
C THR A 16 -1.16 -0.75 15.84
N LEU A 17 -0.87 -1.58 16.83
CA LEU A 17 -1.01 -3.02 16.68
C LEU A 17 -2.47 -3.42 16.57
N GLN A 18 -3.34 -2.69 17.28
CA GLN A 18 -4.77 -2.97 17.23
C GLN A 18 -5.30 -2.74 15.81
N ARG A 19 -4.92 -1.61 15.22
CA ARG A 19 -5.37 -1.28 13.87
C ARG A 19 -4.80 -2.31 12.89
N PHE A 20 -3.55 -2.70 13.12
CA PHE A 20 -2.89 -3.67 12.27
C PHE A 20 -3.63 -5.00 12.28
N GLU A 21 -3.86 -5.55 13.48
CA GLU A 21 -4.56 -6.81 13.62
C GLU A 21 -5.97 -6.75 13.02
N ASN A 22 -6.59 -5.58 13.08
CA ASN A 22 -7.92 -5.41 12.52
C ASN A 22 -7.86 -5.57 11.00
N LYS A 23 -6.85 -4.96 10.38
CA LYS A 23 -6.69 -5.08 8.94
C LYS A 23 -6.39 -6.52 8.56
N ILE A 24 -5.60 -7.19 9.40
CA ILE A 24 -5.26 -8.60 9.15
C ILE A 24 -6.52 -9.45 9.16
N LYS A 25 -7.38 -9.21 10.13
CA LYS A 25 -8.62 -9.96 10.25
C LYS A 25 -9.57 -9.69 9.09
N ALA A 26 -9.53 -8.47 8.58
CA ALA A 26 -10.39 -8.10 7.45
C ALA A 26 -9.80 -8.62 6.14
N GLY A 27 -8.58 -9.15 6.21
CA GLY A 27 -7.95 -9.67 5.01
C GLY A 27 -7.26 -8.63 4.15
N ASP A 28 -7.07 -7.43 4.70
CA ASP A 28 -6.39 -6.36 3.96
C ASP A 28 -4.90 -6.45 4.22
N TYR A 29 -4.31 -7.55 3.76
CA TYR A 29 -2.88 -7.82 3.97
C TYR A 29 -1.96 -6.75 3.42
N TYR A 30 -2.21 -6.31 2.20
CA TYR A 30 -1.38 -5.29 1.58
C TYR A 30 -1.30 -4.02 2.43
N GLU A 31 -2.45 -3.50 2.82
CA GLU A 31 -2.49 -2.29 3.65
C GLU A 31 -1.86 -2.50 5.02
N ALA A 32 -2.16 -3.64 5.63
CA ALA A 32 -1.59 -3.94 6.94
C ALA A 32 -0.06 -3.94 6.83
N HIS A 33 0.44 -4.60 5.79
CA HIS A 33 1.88 -4.69 5.55
C HIS A 33 2.50 -3.32 5.31
N GLN A 34 1.90 -2.55 4.40
CA GLN A 34 2.40 -1.23 4.07
C GLN A 34 2.42 -0.26 5.24
N THR A 35 1.36 -0.22 6.01
CA THR A 35 1.28 0.69 7.13
C THR A 35 2.27 0.32 8.23
N LEU A 36 2.39 -0.96 8.53
CA LEU A 36 3.32 -1.41 9.57
C LEU A 36 4.76 -1.03 9.23
N ARG A 37 5.17 -1.24 7.98
CA ARG A 37 6.54 -0.89 7.59
C ARG A 37 6.78 0.61 7.70
N THR A 38 5.79 1.42 7.32
CA THR A 38 5.91 2.87 7.38
C THR A 38 6.13 3.35 8.82
N ILE A 39 5.34 2.81 9.73
CA ILE A 39 5.46 3.17 11.14
C ILE A 39 6.77 2.65 11.71
N ALA A 40 7.13 1.43 11.31
CA ALA A 40 8.37 0.83 11.78
C ALA A 40 9.54 1.67 11.29
N ASN A 41 9.47 2.14 10.04
CA ASN A 41 10.52 2.98 9.48
C ASN A 41 10.74 4.21 10.36
N ARG A 42 9.64 4.80 10.82
CA ARG A 42 9.70 5.98 11.67
C ARG A 42 10.43 5.68 12.99
N TYR A 43 10.08 4.57 13.63
CA TYR A 43 10.75 4.19 14.88
C TYR A 43 12.25 4.03 14.64
N VAL A 44 12.60 3.41 13.52
CA VAL A 44 14.01 3.19 13.18
C VAL A 44 14.75 4.51 13.01
N ARG A 45 14.14 5.45 12.29
CA ARG A 45 14.76 6.75 12.08
C ARG A 45 14.95 7.47 13.41
N SER A 46 14.02 7.25 14.34
CA SER A 46 14.10 7.86 15.66
C SER A 46 15.05 7.10 16.56
N LYS A 47 15.52 5.96 16.09
CA LYS A 47 16.43 5.11 16.85
C LYS A 47 15.68 4.46 18.00
N SER A 48 14.36 4.30 17.84
CA SER A 48 13.53 3.66 18.85
C SER A 48 13.46 2.20 18.45
N TYR A 49 14.62 1.55 18.43
CA TYR A 49 14.75 0.16 18.03
C TYR A 49 13.89 -0.84 18.78
N GLU A 50 13.72 -0.66 20.08
CA GLU A 50 12.90 -1.60 20.84
C GLU A 50 11.44 -1.53 20.40
N HIS A 51 10.99 -0.34 20.02
CA HIS A 51 9.61 -0.17 19.55
C HIS A 51 9.51 -0.84 18.18
N ALA A 52 10.52 -0.62 17.36
CA ALA A 52 10.56 -1.20 16.01
C ALA A 52 10.55 -2.73 16.10
N ILE A 53 11.41 -3.26 16.94
CA ILE A 53 11.51 -4.70 17.10
C ILE A 53 10.18 -5.32 17.53
N GLU A 54 9.50 -4.70 18.49
CA GLU A 54 8.22 -5.22 18.94
C GLU A 54 7.15 -5.19 17.85
N LEU A 55 7.11 -4.08 17.11
CA LEU A 55 6.14 -3.92 16.03
C LEU A 55 6.40 -4.91 14.89
N ILE A 56 7.63 -4.95 14.40
CA ILE A 56 7.99 -5.82 13.31
C ILE A 56 7.81 -7.29 13.68
N SER A 57 8.24 -7.64 14.89
CA SER A 57 8.13 -9.01 15.38
C SER A 57 6.66 -9.48 15.44
N GLN A 58 5.79 -8.67 16.05
CA GLN A 58 4.39 -9.03 16.15
C GLN A 58 3.75 -9.07 14.77
N GLY A 59 4.19 -8.17 13.91
CA GLY A 59 3.65 -8.13 12.56
C GLY A 59 3.99 -9.40 11.79
N ALA A 60 5.25 -9.82 11.86
CA ALA A 60 5.68 -11.03 11.16
C ALA A 60 4.88 -12.23 11.65
N LEU A 61 4.73 -12.33 12.96
CA LEU A 61 4.00 -13.43 13.56
C LEU A 61 2.54 -13.45 13.08
N SER A 62 1.91 -12.29 13.05
CA SER A 62 0.53 -12.21 12.60
C SER A 62 0.36 -12.67 11.15
N PHE A 63 1.25 -12.24 10.25
CA PHE A 63 1.16 -12.63 8.86
C PHE A 63 1.36 -14.15 8.70
N LEU A 64 2.34 -14.71 9.41
CA LEU A 64 2.60 -16.13 9.32
C LEU A 64 1.41 -16.95 9.81
N LYS A 65 0.81 -16.56 10.92
CA LYS A 65 -0.34 -17.30 11.43
C LYS A 65 -1.53 -17.19 10.48
N ALA A 66 -1.54 -16.13 9.67
CA ALA A 66 -2.61 -15.92 8.69
C ALA A 66 -2.25 -16.58 7.36
N LYS A 67 -1.18 -17.35 7.37
CA LYS A 67 -0.71 -18.06 6.18
C LYS A 67 -0.28 -17.13 5.05
N GLN A 68 0.27 -15.97 5.41
CA GLN A 68 0.76 -15.03 4.40
C GLN A 68 2.29 -15.06 4.50
N GLY A 69 2.86 -16.16 4.00
CA GLY A 69 4.29 -16.35 4.05
C GLY A 69 5.13 -15.24 3.45
N GLY A 70 4.69 -14.72 2.31
CA GLY A 70 5.43 -13.64 1.67
C GLY A 70 5.63 -12.43 2.57
N SER A 71 4.53 -11.91 3.11
CA SER A 71 4.62 -10.74 3.98
C SER A 71 5.27 -11.09 5.31
N GLY A 72 5.04 -12.30 5.80
CA GLY A 72 5.63 -12.72 7.06
C GLY A 72 7.14 -12.77 6.99
N THR A 73 7.68 -13.46 6.00
CA THR A 73 9.13 -13.57 5.87
C THR A 73 9.76 -12.22 5.57
N ASP A 74 9.03 -11.37 4.85
CA ASP A 74 9.53 -10.02 4.53
C ASP A 74 9.82 -9.27 5.82
N LEU A 75 8.90 -9.38 6.78
CA LEU A 75 9.08 -8.70 8.06
C LEU A 75 10.15 -9.38 8.92
N ILE A 76 10.36 -10.68 8.72
CA ILE A 76 11.40 -11.36 9.47
C ILE A 76 12.75 -10.79 9.02
N PHE A 77 12.90 -10.59 7.71
CA PHE A 77 14.15 -10.04 7.21
C PHE A 77 14.33 -8.63 7.76
N TYR A 78 13.22 -7.89 7.86
CA TYR A 78 13.26 -6.54 8.40
C TYR A 78 13.68 -6.63 9.86
N LEU A 79 13.12 -7.59 10.59
CA LEU A 79 13.45 -7.77 12.00
C LEU A 79 14.95 -8.02 12.19
N LEU A 80 15.49 -8.93 11.39
CA LEU A 80 16.91 -9.27 11.48
C LEU A 80 17.83 -8.08 11.16
N GLU A 81 17.43 -7.26 10.21
CA GLU A 81 18.24 -6.10 9.84
C GLU A 81 18.27 -5.12 11.02
N VAL A 82 17.14 -4.96 11.71
CA VAL A 82 17.11 -4.05 12.86
C VAL A 82 17.91 -4.64 14.02
N TYR A 83 17.89 -5.98 14.14
CA TYR A 83 18.66 -6.66 15.18
C TYR A 83 20.13 -6.29 14.98
N ASP A 84 20.55 -6.25 13.72
CA ASP A 84 21.93 -5.90 13.39
C ASP A 84 22.17 -4.42 13.69
N LEU A 85 21.30 -3.58 13.16
CA LEU A 85 21.40 -2.13 13.35
C LEU A 85 21.43 -1.78 14.84
N ALA A 86 20.57 -2.43 15.61
CA ALA A 86 20.49 -2.17 17.05
C ALA A 86 21.52 -2.94 17.87
N GLU A 87 22.33 -3.75 17.21
CA GLU A 87 23.35 -4.54 17.91
C GLU A 87 22.73 -5.43 18.98
N VAL A 88 21.65 -6.11 18.63
CA VAL A 88 20.99 -6.99 19.59
C VAL A 88 21.82 -8.23 19.87
N LYS A 89 22.29 -8.35 21.11
CA LYS A 89 23.10 -9.49 21.54
C LYS A 89 22.27 -10.75 21.60
N VAL A 90 22.91 -11.87 21.31
CA VAL A 90 22.25 -13.16 21.36
C VAL A 90 22.06 -13.56 22.82
N ASP A 91 20.81 -13.79 23.21
CA ASP A 91 20.48 -14.23 24.56
C ASP A 91 19.07 -14.81 24.54
N ASP A 92 18.62 -15.32 25.69
CA ASP A 92 17.29 -15.93 25.78
C ASP A 92 16.15 -15.10 25.16
N ILE A 93 16.13 -13.80 25.42
CA ILE A 93 15.07 -12.96 24.89
C ILE A 93 15.11 -12.74 23.38
N SER A 94 16.28 -12.40 22.85
CA SER A 94 16.41 -12.16 21.41
C SER A 94 16.18 -13.43 20.62
N VAL A 95 16.68 -14.55 21.14
CA VAL A 95 16.50 -15.83 20.46
C VAL A 95 15.05 -16.28 20.53
N ALA A 96 14.41 -16.04 21.67
CA ALA A 96 13.02 -16.43 21.87
C ALA A 96 12.09 -15.89 20.80
N ARG A 97 12.31 -14.64 20.38
CA ARG A 97 11.48 -14.04 19.34
C ARG A 97 11.59 -14.83 18.04
N LEU A 98 12.82 -15.23 17.71
CA LEU A 98 13.05 -15.97 16.48
C LEU A 98 12.45 -17.37 16.54
N VAL A 99 12.66 -18.05 17.67
CA VAL A 99 12.13 -19.40 17.85
C VAL A 99 10.62 -19.37 17.66
N ARG A 100 9.97 -18.32 18.16
CA ARG A 100 8.52 -18.18 18.06
C ARG A 100 8.07 -18.04 16.60
N LEU A 101 8.86 -17.35 15.80
CA LEU A 101 8.55 -17.14 14.40
C LEU A 101 8.78 -18.43 13.60
N ILE A 102 9.86 -19.14 13.94
CA ILE A 102 10.19 -20.40 13.28
C ILE A 102 9.04 -21.41 13.43
N ALA A 103 8.40 -21.41 14.60
CA ALA A 103 7.31 -22.34 14.85
C ALA A 103 6.14 -22.12 13.89
N GLU A 104 6.04 -20.92 13.32
CA GLU A 104 4.95 -20.61 12.40
C GLU A 104 5.35 -20.68 10.93
N LEU A 105 6.62 -20.92 10.65
CA LEU A 105 7.08 -21.01 9.27
C LEU A 105 6.76 -22.32 8.59
N ASP A 106 6.00 -22.24 7.50
CA ASP A 106 5.64 -23.43 6.72
C ASP A 106 6.93 -23.96 6.11
N PRO A 107 7.26 -25.24 6.35
CA PRO A 107 8.49 -25.79 5.78
C PRO A 107 8.59 -25.68 4.27
N SER A 108 7.49 -25.30 3.61
CA SER A 108 7.47 -25.17 2.16
C SER A 108 7.72 -23.75 1.65
N GLU A 109 7.89 -22.78 2.56
CA GLU A 109 8.14 -21.41 2.12
C GLU A 109 9.32 -21.38 1.15
N PRO A 110 9.15 -20.76 -0.02
CA PRO A 110 10.20 -20.66 -1.04
C PRO A 110 11.52 -20.10 -0.51
N ASN A 111 11.44 -19.16 0.43
CA ASN A 111 12.65 -18.57 0.99
C ASN A 111 12.93 -19.03 2.42
N LEU A 112 12.50 -20.24 2.75
CA LEU A 112 12.73 -20.78 4.09
C LEU A 112 14.21 -20.79 4.41
N LYS A 113 15.02 -21.25 3.45
CA LYS A 113 16.47 -21.34 3.65
C LYS A 113 17.11 -19.98 3.95
N ASP A 114 16.74 -18.96 3.18
CA ASP A 114 17.30 -17.61 3.40
C ASP A 114 16.89 -17.03 4.74
N VAL A 115 15.68 -17.32 5.19
CA VAL A 115 15.21 -16.84 6.49
C VAL A 115 16.09 -17.47 7.57
N ILE A 116 16.29 -18.77 7.47
CA ILE A 116 17.10 -19.51 8.43
C ILE A 116 18.54 -19.03 8.45
N THR A 117 19.11 -18.80 7.26
CA THR A 117 20.48 -18.31 7.15
C THR A 117 20.61 -16.96 7.84
N GLY A 118 19.63 -16.09 7.62
CA GLY A 118 19.65 -14.78 8.24
C GLY A 118 19.67 -14.90 9.76
N MET A 119 18.86 -15.80 10.29
CA MET A 119 18.80 -15.99 11.73
C MET A 119 20.13 -16.54 12.26
N ASN A 120 20.68 -17.55 11.60
CA ASN A 120 21.93 -18.13 12.05
C ASN A 120 23.08 -17.11 11.98
N ASN A 121 23.12 -16.34 10.89
CA ASN A 121 24.15 -15.33 10.70
C ASN A 121 24.14 -14.28 11.80
N TRP A 122 22.94 -13.86 12.22
CA TRP A 122 22.84 -12.89 13.29
C TRP A 122 23.38 -13.48 14.60
N SER A 123 23.07 -14.75 14.85
CA SER A 123 23.53 -15.38 16.08
C SER A 123 25.05 -15.60 16.08
N ILE A 124 25.65 -15.64 14.90
CA ILE A 124 27.10 -15.79 14.80
C ILE A 124 27.74 -14.45 15.15
N LYS A 125 27.23 -13.42 14.50
CA LYS A 125 27.74 -12.06 14.64
C LYS A 125 27.60 -11.46 16.03
N PHE A 126 26.56 -11.84 16.77
CA PHE A 126 26.35 -11.27 18.10
C PHE A 126 26.38 -12.26 19.26
N SER A 127 27.25 -13.27 19.16
CA SER A 127 27.41 -14.26 20.22
C SER A 127 28.88 -14.67 20.20
N GLU A 128 29.27 -15.54 21.12
CA GLU A 128 30.66 -16.01 21.20
C GLU A 128 30.83 -17.27 20.37
N TYR A 129 29.79 -17.64 19.63
CA TYR A 129 29.82 -18.84 18.80
C TYR A 129 30.15 -18.53 17.36
N LYS A 130 31.32 -19.00 16.93
CA LYS A 130 31.81 -18.79 15.57
C LYS A 130 30.85 -19.35 14.53
N PHE A 131 30.14 -20.41 14.87
CA PHE A 131 29.22 -21.04 13.92
C PHE A 131 27.74 -20.88 14.25
N GLY A 132 27.44 -20.04 15.24
CA GLY A 132 26.05 -19.82 15.60
C GLY A 132 25.65 -20.37 16.95
N ASP A 133 24.56 -19.84 17.50
CA ASP A 133 24.05 -20.26 18.80
C ASP A 133 23.55 -21.70 18.78
N PRO A 134 24.07 -22.55 19.68
CA PRO A 134 23.63 -23.96 19.73
C PRO A 134 22.14 -24.17 20.04
N TYR A 135 21.56 -23.34 20.90
CA TYR A 135 20.14 -23.48 21.21
C TYR A 135 19.31 -23.18 19.95
N LEU A 136 19.66 -22.11 19.26
CA LEU A 136 18.95 -21.74 18.05
C LEU A 136 19.12 -22.87 17.03
N HIS A 137 20.34 -23.43 16.98
CA HIS A 137 20.63 -24.52 16.06
C HIS A 137 19.70 -25.71 16.24
N ASN A 138 19.37 -26.02 17.49
CA ASN A 138 18.49 -27.15 17.77
C ASN A 138 17.13 -26.95 17.10
N THR A 139 16.65 -25.71 17.13
CA THR A 139 15.35 -25.35 16.56
C THR A 139 15.38 -25.25 15.04
N ILE A 140 16.30 -24.46 14.49
CA ILE A 140 16.35 -24.30 13.04
C ILE A 140 16.77 -25.57 12.34
N GLY A 141 17.51 -26.43 13.03
CA GLY A 141 17.94 -27.68 12.43
C GLY A 141 16.74 -28.55 12.08
N SER A 142 15.77 -28.63 12.99
CA SER A 142 14.59 -29.44 12.75
C SER A 142 13.73 -28.83 11.63
N LYS A 143 13.66 -27.50 11.60
CA LYS A 143 12.88 -26.83 10.57
C LYS A 143 13.49 -27.10 9.19
N LEU A 144 14.82 -27.07 9.11
CA LEU A 144 15.52 -27.33 7.86
C LEU A 144 15.27 -28.76 7.40
N LEU A 145 15.33 -29.71 8.33
CA LEU A 145 15.10 -31.10 7.98
C LEU A 145 13.70 -31.20 7.37
N GLU A 146 12.71 -30.59 8.02
CA GLU A 146 11.34 -30.61 7.51
C GLU A 146 11.30 -30.06 6.08
N GLY A 147 12.13 -29.04 5.82
CA GLY A 147 12.17 -28.43 4.51
C GLY A 147 13.04 -29.15 3.49
N ASP A 148 13.50 -30.34 3.87
CA ASP A 148 14.33 -31.19 3.01
C ASP A 148 15.77 -30.70 2.79
N PHE A 149 16.29 -29.93 3.74
CA PHE A 149 17.66 -29.45 3.68
C PHE A 149 18.43 -30.31 4.69
N VAL A 150 18.66 -31.57 4.32
CA VAL A 150 19.31 -32.54 5.20
C VAL A 150 20.75 -32.29 5.61
N TYR A 151 21.60 -31.83 4.69
CA TYR A 151 22.98 -31.58 5.07
C TYR A 151 23.13 -30.37 5.98
N GLU A 152 22.28 -29.37 5.79
CA GLU A 152 22.32 -28.18 6.63
C GLU A 152 21.77 -28.57 8.02
N ALA A 153 20.76 -29.43 8.05
CA ALA A 153 20.19 -29.88 9.31
C ALA A 153 21.28 -30.59 10.11
N GLU A 154 22.03 -31.46 9.44
CA GLU A 154 23.13 -32.21 10.05
C GLU A 154 24.15 -31.26 10.67
N ARG A 155 24.57 -30.27 9.89
CA ARG A 155 25.56 -29.28 10.33
C ARG A 155 25.07 -28.56 11.59
N TYR A 156 23.82 -28.10 11.57
CA TYR A 156 23.28 -27.38 12.73
C TYR A 156 23.14 -28.30 13.95
N PHE A 157 22.70 -29.54 13.75
CA PHE A 157 22.55 -30.46 14.86
C PHE A 157 23.92 -30.76 15.45
N MET A 158 24.91 -30.93 14.58
CA MET A 158 26.29 -31.20 14.99
C MET A 158 26.79 -30.06 15.87
N LEU A 159 26.37 -28.85 15.52
CA LEU A 159 26.77 -27.65 16.25
C LEU A 159 25.66 -27.24 17.22
N GLY A 160 24.85 -28.20 17.61
CA GLY A 160 23.75 -27.91 18.51
C GLY A 160 23.98 -28.37 19.95
N THR A 161 22.89 -28.72 20.60
CA THR A 161 22.90 -29.17 21.98
C THR A 161 22.79 -30.68 22.09
N HIS A 162 22.61 -31.16 23.32
CA HIS A 162 22.49 -32.58 23.55
C HIS A 162 21.22 -33.10 22.86
N ASP A 163 20.15 -32.31 22.90
CA ASP A 163 18.90 -32.71 22.25
C ASP A 163 19.15 -32.82 20.75
N SER A 164 20.05 -31.97 20.24
CA SER A 164 20.39 -31.96 18.82
C SER A 164 21.12 -33.25 18.46
N MET A 165 21.96 -33.74 19.38
CA MET A 165 22.69 -34.98 19.16
C MET A 165 21.70 -36.13 18.96
N ILE A 166 20.66 -36.15 19.78
CA ILE A 166 19.63 -37.18 19.69
C ILE A 166 18.91 -37.06 18.35
N LYS A 167 18.60 -35.84 17.94
CA LYS A 167 17.92 -35.62 16.67
C LYS A 167 18.84 -36.01 15.51
N TYR A 168 20.13 -35.77 15.68
CA TYR A 168 21.10 -36.09 14.64
C TYR A 168 21.13 -37.61 14.45
N VAL A 169 21.15 -38.36 15.55
CA VAL A 169 21.17 -39.82 15.45
C VAL A 169 19.88 -40.31 14.78
N ASP A 170 18.74 -39.70 15.11
CA ASP A 170 17.47 -40.09 14.50
C ASP A 170 17.51 -39.83 12.99
N LEU A 171 18.10 -38.69 12.61
CA LEU A 171 18.19 -38.33 11.20
C LEU A 171 18.94 -39.41 10.42
N LEU A 172 20.15 -39.73 10.87
CA LEU A 172 20.97 -40.74 10.21
C LEU A 172 20.33 -42.14 10.28
N TRP A 173 19.75 -42.47 11.43
CA TRP A 173 19.11 -43.77 11.58
C TRP A 173 17.95 -43.90 10.60
N ASP A 174 17.07 -42.91 10.58
CA ASP A 174 15.93 -42.95 9.67
C ASP A 174 16.37 -42.97 8.21
N TRP A 175 17.43 -42.22 7.90
CA TRP A 175 17.95 -42.16 6.54
C TRP A 175 18.46 -43.56 6.14
N LEU A 176 19.22 -44.17 7.03
CA LEU A 176 19.76 -45.51 6.76
C LEU A 176 18.65 -46.50 6.44
N CYS A 177 17.63 -46.52 7.28
CA CYS A 177 16.50 -47.42 7.08
C CYS A 177 15.77 -47.13 5.77
N GLN A 178 16.01 -45.96 5.19
CA GLN A 178 15.38 -45.54 3.95
C GLN A 178 15.97 -46.23 2.72
N VAL A 179 17.27 -46.44 2.72
CA VAL A 179 18.03 -47.00 1.62
C VAL A 179 18.03 -48.49 1.50
N ASP A 180 17.33 -49.20 2.38
CA ASP A 180 17.19 -50.68 2.26
C ASP A 180 18.49 -51.26 1.80
N ASP A 181 19.53 -50.97 2.62
CA ASP A 181 20.86 -51.55 2.29
C ASP A 181 21.71 -51.68 3.55
N ILE A 182 22.09 -52.86 3.94
CA ILE A 182 22.88 -53.04 5.15
C ILE A 182 24.30 -53.55 4.91
N GLU A 183 24.84 -53.27 3.73
CA GLU A 183 26.20 -53.69 3.41
C GLU A 183 27.09 -52.91 4.39
N ASP A 184 28.16 -53.54 4.87
CA ASP A 184 29.05 -52.88 5.82
C ASP A 184 29.48 -51.49 5.33
N SER A 185 29.81 -51.37 4.06
CA SER A 185 30.25 -50.10 3.50
C SER A 185 29.15 -49.04 3.61
N THR A 186 27.90 -49.46 3.47
CA THR A 186 26.77 -48.54 3.56
C THR A 186 26.45 -48.11 4.99
N VAL A 187 26.39 -49.07 5.90
CA VAL A 187 26.09 -48.75 7.28
C VAL A 187 27.20 -47.82 7.79
N ALA A 188 28.42 -48.07 7.34
CA ALA A 188 29.57 -47.26 7.73
C ALA A 188 29.47 -45.82 7.23
N GLU A 189 28.83 -45.62 6.07
CA GLU A 189 28.68 -44.27 5.53
C GLU A 189 27.89 -43.39 6.50
N PHE A 190 26.94 -44.00 7.20
CA PHE A 190 26.13 -43.27 8.17
C PHE A 190 26.82 -43.19 9.51
N PHE A 191 27.24 -44.33 10.04
CA PHE A 191 27.92 -44.39 11.33
C PHE A 191 29.14 -43.48 11.43
N SER A 192 29.97 -43.46 10.38
CA SER A 192 31.18 -42.65 10.40
C SER A 192 30.96 -41.15 10.57
N ARG A 193 29.80 -40.66 10.15
CA ARG A 193 29.51 -39.23 10.26
C ARG A 193 29.41 -38.81 11.70
N LEU A 194 28.84 -39.68 12.53
CA LEU A 194 28.71 -39.39 13.96
C LEU A 194 30.11 -39.37 14.58
N VAL A 195 30.90 -40.37 14.25
CA VAL A 195 32.25 -40.50 14.76
C VAL A 195 33.17 -39.35 14.32
N PHE A 196 33.21 -39.06 13.03
CA PHE A 196 34.07 -37.98 12.55
C PHE A 196 33.64 -36.59 12.99
N ASN A 197 32.36 -36.26 12.83
CA ASN A 197 31.90 -34.94 13.22
C ASN A 197 32.13 -34.62 14.69
N TYR A 198 31.80 -35.54 15.59
CA TYR A 198 32.00 -35.25 16.98
C TYR A 198 33.47 -35.24 17.36
N LEU A 199 34.28 -35.97 16.60
CA LEU A 199 35.72 -35.96 16.85
C LEU A 199 36.27 -34.63 16.36
N PHE A 200 35.77 -34.14 15.22
CA PHE A 200 36.23 -32.86 14.69
C PHE A 200 35.99 -31.70 15.65
N ILE A 201 34.82 -31.67 16.31
CA ILE A 201 34.55 -30.59 17.25
C ILE A 201 34.92 -30.98 18.67
N SER A 202 35.64 -32.10 18.78
CA SER A 202 36.11 -32.61 20.06
C SER A 202 35.10 -32.80 21.17
N ASN A 203 33.92 -33.30 20.82
CA ASN A 203 32.92 -33.56 21.85
C ASN A 203 32.92 -35.08 21.99
N ILE A 204 33.87 -35.56 22.79
CA ILE A 204 34.02 -37.00 23.02
C ILE A 204 32.79 -37.63 23.66
N SER A 205 32.14 -36.93 24.58
CA SER A 205 30.96 -37.49 25.23
C SER A 205 29.83 -37.68 24.22
N PHE A 206 29.66 -36.71 23.31
CA PHE A 206 28.62 -36.84 22.30
C PHE A 206 28.97 -37.99 21.35
N ALA A 207 30.25 -38.14 21.03
CA ALA A 207 30.69 -39.21 20.13
C ALA A 207 30.28 -40.57 20.72
N HIS A 208 30.60 -40.78 21.99
CA HIS A 208 30.27 -42.03 22.65
C HIS A 208 28.76 -42.30 22.76
N GLU A 209 27.99 -41.27 23.12
CA GLU A 209 26.54 -41.44 23.25
C GLU A 209 25.86 -41.74 21.93
N SER A 210 26.15 -40.91 20.92
CA SER A 210 25.53 -41.12 19.62
C SER A 210 25.92 -42.50 19.10
N LYS A 211 27.19 -42.85 19.27
CA LYS A 211 27.70 -44.15 18.85
C LYS A 211 26.87 -45.26 19.46
N ASP A 212 26.66 -45.18 20.78
CA ASP A 212 25.89 -46.20 21.51
C ASP A 212 24.46 -46.30 21.01
N ILE A 213 23.78 -45.17 20.87
CA ILE A 213 22.40 -45.19 20.40
C ILE A 213 22.31 -45.85 19.02
N PHE A 214 23.17 -45.40 18.11
CA PHE A 214 23.18 -45.93 16.75
C PHE A 214 23.44 -47.44 16.70
N LEU A 215 24.51 -47.88 17.37
CA LEU A 215 24.84 -49.30 17.38
C LEU A 215 23.77 -50.12 18.09
N GLU A 216 23.23 -49.60 19.19
CA GLU A 216 22.18 -50.29 19.94
C GLU A 216 21.03 -50.57 18.99
N ARG A 217 20.64 -49.54 18.23
CA ARG A 217 19.54 -49.66 17.29
C ARG A 217 19.83 -50.63 16.15
N PHE A 218 21.05 -50.56 15.63
CA PHE A 218 21.46 -51.45 14.54
C PHE A 218 21.36 -52.90 15.00
N ILE A 219 21.81 -53.16 16.23
CA ILE A 219 21.76 -54.51 16.78
C ILE A 219 20.33 -55.02 16.93
N GLU A 220 19.47 -54.22 17.56
CA GLU A 220 18.08 -54.61 17.75
C GLU A 220 17.36 -54.88 16.45
N LYS A 221 17.57 -54.01 15.47
CA LYS A 221 16.93 -54.09 14.17
C LYS A 221 17.36 -55.28 13.32
N PHE A 222 18.64 -55.38 13.03
CA PHE A 222 19.16 -56.42 12.14
C PHE A 222 19.77 -57.67 12.77
N HIS A 223 20.01 -57.64 14.07
CA HIS A 223 20.59 -58.79 14.75
C HIS A 223 21.84 -59.35 14.09
N PRO A 224 22.88 -58.52 13.95
CA PRO A 224 24.12 -59.00 13.32
C PRO A 224 24.92 -59.84 14.33
N LYS A 225 25.86 -60.63 13.84
CA LYS A 225 26.69 -61.45 14.71
C LYS A 225 27.68 -60.51 15.40
N TYR A 226 27.73 -60.56 16.74
CA TYR A 226 28.64 -59.69 17.47
C TYR A 226 28.97 -60.21 18.85
N GLU A 227 30.03 -59.66 19.44
CA GLU A 227 30.46 -60.01 20.77
C GLU A 227 30.98 -58.71 21.38
N LYS A 228 30.49 -58.38 22.57
CA LYS A 228 30.95 -57.17 23.22
C LYS A 228 32.25 -57.39 23.96
N ILE A 229 33.19 -56.48 23.75
CA ILE A 229 34.49 -56.55 24.39
C ILE A 229 34.60 -55.38 25.34
N ASP A 230 34.73 -55.67 26.63
CA ASP A 230 34.84 -54.60 27.62
C ASP A 230 36.19 -54.62 28.33
N LYS A 231 36.83 -53.45 28.36
CA LYS A 231 38.13 -53.32 29.01
C LYS A 231 38.24 -51.97 29.70
N ASN A 232 38.59 -52.01 30.99
CA ASN A 232 38.77 -50.79 31.77
C ASN A 232 37.68 -49.74 31.63
N GLY A 233 36.43 -50.18 31.55
CA GLY A 233 35.33 -49.24 31.45
C GLY A 233 34.94 -48.86 30.03
N TYR A 234 35.70 -49.37 29.06
CA TYR A 234 35.42 -49.09 27.66
C TYR A 234 34.83 -50.32 27.00
N GLU A 235 33.99 -50.10 25.99
CA GLU A 235 33.38 -51.22 25.28
C GLU A 235 33.44 -51.10 23.78
N ILE A 236 33.71 -52.21 23.12
CA ILE A 236 33.74 -52.26 21.67
C ILE A 236 32.82 -53.39 21.27
N VAL A 237 31.89 -53.09 20.38
CA VAL A 237 30.97 -54.10 19.88
C VAL A 237 31.64 -54.69 18.64
N PHE A 238 32.25 -55.86 18.81
CA PHE A 238 32.94 -56.50 17.69
C PHE A 238 31.94 -57.19 16.78
N PHE A 239 31.81 -56.68 15.55
CA PHE A 239 30.91 -57.26 14.57
C PHE A 239 31.71 -58.22 13.72
N GLU A 240 31.19 -59.43 13.53
CA GLU A 240 31.89 -60.43 12.72
C GLU A 240 31.82 -60.12 11.24
N ASP A 241 30.78 -59.41 10.81
CA ASP A 241 30.61 -59.09 9.40
C ASP A 241 30.59 -57.60 9.08
N TYR A 242 30.99 -56.78 10.04
CA TYR A 242 31.03 -55.33 9.85
C TYR A 242 32.34 -54.77 10.36
N SER A 243 33.42 -55.13 9.67
CA SER A 243 34.76 -54.70 10.07
C SER A 243 34.94 -53.19 10.06
N ASP A 244 34.24 -52.49 9.16
CA ASP A 244 34.36 -51.04 9.09
C ASP A 244 33.85 -50.44 10.40
N LEU A 245 32.74 -50.99 10.90
CA LEU A 245 32.15 -50.53 12.15
C LEU A 245 33.09 -50.76 13.32
N ASN A 246 33.89 -51.83 13.23
CA ASN A 246 34.84 -52.13 14.29
C ASN A 246 35.93 -51.05 14.28
N PHE A 247 36.44 -50.78 13.08
CA PHE A 247 37.48 -49.76 12.90
C PHE A 247 37.03 -48.41 13.42
N LEU A 248 35.83 -47.98 13.00
CA LEU A 248 35.29 -46.69 13.40
C LEU A 248 35.16 -46.55 14.92
N GLN A 249 34.76 -47.62 15.59
CA GLN A 249 34.62 -47.58 17.05
C GLN A 249 35.99 -47.40 17.69
N LEU A 250 37.00 -48.05 17.13
CA LEU A 250 38.34 -47.96 17.68
C LEU A 250 38.96 -46.57 17.48
N LEU A 251 38.52 -45.87 16.45
CA LEU A 251 39.03 -44.52 16.17
C LEU A 251 38.81 -43.61 17.38
N LEU A 252 37.60 -43.68 17.94
CA LEU A 252 37.23 -42.86 19.09
C LEU A 252 38.24 -42.97 20.22
N ILE A 253 38.46 -44.19 20.70
CA ILE A 253 39.39 -44.42 21.80
C ILE A 253 40.79 -43.96 21.45
N THR A 254 41.21 -44.24 20.22
CA THR A 254 42.54 -43.87 19.75
C THR A 254 42.79 -42.36 19.81
N CYS A 255 41.85 -41.56 19.31
CA CYS A 255 42.03 -40.11 19.37
C CYS A 255 42.06 -39.65 20.84
N GLN A 256 41.31 -40.34 21.68
CA GLN A 256 41.27 -40.00 23.11
C GLN A 256 42.65 -40.16 23.73
N THR A 257 43.40 -41.16 23.28
CA THR A 257 44.73 -41.40 23.82
C THR A 257 45.74 -40.37 23.32
N LYS A 258 45.50 -39.84 22.12
CA LYS A 258 46.40 -38.86 21.51
C LYS A 258 47.78 -39.49 21.36
N ASP A 259 47.80 -40.82 21.28
CA ASP A 259 49.04 -41.58 21.13
C ASP A 259 49.31 -41.92 19.67
N LYS A 260 50.36 -41.32 19.11
CA LYS A 260 50.74 -41.56 17.72
C LYS A 260 50.92 -43.03 17.37
N SER A 261 51.48 -43.80 18.31
CA SER A 261 51.71 -45.22 18.08
C SER A 261 50.44 -46.01 17.84
N TYR A 262 49.42 -45.76 18.65
CA TYR A 262 48.16 -46.48 18.49
C TYR A 262 47.48 -46.09 17.18
N PHE A 263 47.53 -44.81 16.86
CA PHE A 263 46.95 -44.29 15.63
C PHE A 263 47.57 -45.04 14.46
N LEU A 264 48.89 -45.09 14.46
CA LEU A 264 49.64 -45.76 13.41
C LEU A 264 49.35 -47.27 13.40
N ASN A 265 49.26 -47.87 14.58
CA ASN A 265 48.96 -49.30 14.65
C ASN A 265 47.56 -49.61 14.14
N LEU A 266 46.61 -48.76 14.46
CA LEU A 266 45.23 -48.98 14.00
C LEU A 266 45.17 -48.94 12.47
N LYS A 267 45.73 -47.88 11.89
CA LYS A 267 45.73 -47.73 10.43
C LYS A 267 46.45 -48.86 9.71
N ASN A 268 47.55 -49.34 10.28
CA ASN A 268 48.31 -50.42 9.68
C ASN A 268 47.50 -51.69 9.58
N HIS A 269 46.59 -51.89 10.53
CA HIS A 269 45.76 -53.09 10.54
C HIS A 269 44.55 -52.97 9.61
N TYR A 270 44.07 -51.75 9.41
CA TYR A 270 42.92 -51.51 8.55
C TYR A 270 43.36 -50.64 7.36
N LEU A 271 44.19 -51.22 6.49
CA LEU A 271 44.72 -50.52 5.33
C LEU A 271 43.65 -49.95 4.40
N ASP A 272 42.70 -50.78 3.99
CA ASP A 272 41.64 -50.33 3.10
C ASP A 272 40.83 -49.16 3.67
N PHE A 273 40.26 -49.34 4.85
CA PHE A 273 39.48 -48.28 5.46
C PHE A 273 40.30 -47.01 5.62
N SER A 274 41.58 -47.19 5.96
CA SER A 274 42.47 -46.04 6.14
C SER A 274 42.62 -45.27 4.83
N GLN A 275 42.42 -45.94 3.71
CA GLN A 275 42.53 -45.30 2.41
C GLN A 275 41.22 -44.58 2.10
N ALA A 276 40.11 -45.24 2.41
CA ALA A 276 38.79 -44.66 2.17
C ALA A 276 38.56 -43.40 3.00
N TYR A 277 39.10 -43.40 4.21
CA TYR A 277 38.97 -42.25 5.11
C TYR A 277 40.29 -41.49 5.22
N LYS A 278 41.09 -41.53 4.16
CA LYS A 278 42.38 -40.87 4.16
C LYS A 278 42.34 -39.41 4.58
N SER A 279 41.48 -38.62 3.95
CA SER A 279 41.37 -37.19 4.27
C SER A 279 40.94 -36.93 5.71
N GLU A 280 39.98 -37.71 6.20
CA GLU A 280 39.51 -37.53 7.58
C GLU A 280 40.63 -37.86 8.56
N LEU A 281 41.28 -39.01 8.35
CA LEU A 281 42.36 -39.45 9.21
C LEU A 281 43.53 -38.46 9.24
N GLU A 282 43.78 -37.81 8.11
CA GLU A 282 44.86 -36.82 8.05
C GLU A 282 44.53 -35.66 8.97
N PHE A 283 43.27 -35.25 8.99
CA PHE A 283 42.86 -34.15 9.85
C PHE A 283 42.98 -34.57 11.32
N LEU A 284 42.48 -35.76 11.63
CA LEU A 284 42.54 -36.27 12.98
C LEU A 284 44.00 -36.43 13.39
N GLY A 285 44.85 -36.73 12.42
CA GLY A 285 46.26 -36.90 12.69
C GLY A 285 46.84 -35.62 13.27
N GLN A 286 46.49 -34.49 12.67
CA GLN A 286 46.99 -33.20 13.16
C GLN A 286 46.22 -32.74 14.39
N GLU A 287 44.92 -33.01 14.42
CA GLU A 287 44.09 -32.58 15.55
C GLU A 287 44.37 -33.26 16.88
N TYR A 288 44.51 -34.59 16.87
CA TYR A 288 44.75 -35.32 18.11
C TYR A 288 46.15 -35.87 18.31
N PHE A 289 46.88 -36.12 17.23
CA PHE A 289 48.21 -36.68 17.38
C PHE A 289 49.35 -35.72 17.03
N ASN A 290 48.97 -34.49 16.69
CA ASN A 290 49.93 -33.46 16.34
C ASN A 290 50.81 -33.86 15.16
N ILE A 291 50.25 -34.62 14.23
CA ILE A 291 50.95 -35.07 13.04
C ILE A 291 50.61 -34.14 11.89
N VAL A 292 51.59 -33.36 11.43
CA VAL A 292 51.36 -32.43 10.33
C VAL A 292 51.00 -33.17 9.03
N GLY B 7 37.74 -63.84 13.52
CA GLY B 7 38.71 -64.64 14.33
C GLY B 7 39.95 -63.84 14.70
N PRO B 8 40.90 -63.70 13.77
CA PRO B 8 42.12 -62.93 14.06
C PRO B 8 41.80 -61.46 14.34
N GLU B 9 40.74 -60.95 13.72
CA GLU B 9 40.34 -59.56 13.92
C GLU B 9 39.89 -59.39 15.36
N HIS B 10 39.13 -60.36 15.86
CA HIS B 10 38.63 -60.31 17.23
C HIS B 10 39.81 -60.20 18.19
N GLU B 11 40.85 -60.99 17.94
CA GLU B 11 42.04 -60.98 18.77
C GLU B 11 42.71 -59.61 18.73
N PHE B 12 42.82 -59.04 17.54
CA PHE B 12 43.44 -57.73 17.39
C PHE B 12 42.64 -56.63 18.08
N VAL B 13 41.33 -56.62 17.88
CA VAL B 13 40.49 -55.60 18.51
C VAL B 13 40.59 -55.68 20.02
N SER B 14 40.49 -56.90 20.55
CA SER B 14 40.56 -57.12 21.98
C SER B 14 41.88 -56.67 22.59
N LYS B 15 43.00 -57.02 21.96
CA LYS B 15 44.30 -56.64 22.48
C LYS B 15 44.53 -55.13 22.33
N PHE B 16 44.13 -54.58 21.19
CA PHE B 16 44.28 -53.16 20.93
C PHE B 16 43.56 -52.34 21.99
N LEU B 17 42.32 -52.73 22.29
CA LEU B 17 41.53 -52.02 23.28
C LEU B 17 42.14 -52.13 24.67
N THR B 18 42.65 -53.31 25.00
CA THR B 18 43.26 -53.55 26.30
C THR B 18 44.47 -52.63 26.49
N LEU B 19 45.26 -52.47 25.44
CA LEU B 19 46.46 -51.63 25.53
C LEU B 19 46.15 -50.14 25.41
N ALA B 20 45.19 -49.79 24.56
CA ALA B 20 44.80 -48.40 24.36
C ALA B 20 44.23 -47.83 25.66
N THR B 21 43.71 -48.71 26.52
CA THR B 21 43.14 -48.28 27.79
C THR B 21 43.92 -48.79 28.99
N LEU B 22 45.13 -49.28 28.76
CA LEU B 22 45.96 -49.79 29.84
C LEU B 22 46.07 -48.68 30.90
N THR B 23 46.37 -47.48 30.43
CA THR B 23 46.48 -46.30 31.27
C THR B 23 45.32 -45.40 30.84
N GLU B 24 44.80 -44.59 31.76
CA GLU B 24 43.68 -43.74 31.38
C GLU B 24 44.03 -42.73 30.29
N PRO B 25 43.27 -42.74 29.19
CA PRO B 25 43.46 -41.85 28.04
C PRO B 25 43.57 -40.38 28.43
N LYS B 26 44.38 -39.63 27.69
CA LYS B 26 44.54 -38.21 27.95
C LYS B 26 43.17 -37.52 27.99
N LEU B 27 42.29 -37.93 27.08
CA LEU B 27 40.95 -37.37 27.01
C LEU B 27 39.92 -38.38 27.52
N PRO B 28 39.23 -38.06 28.62
CA PRO B 28 38.23 -38.97 29.17
C PRO B 28 36.99 -39.07 28.27
N LYS B 29 36.15 -40.07 28.51
CA LYS B 29 34.95 -40.27 27.71
C LYS B 29 33.98 -39.10 27.82
N SER B 30 34.03 -38.40 28.94
CA SER B 30 33.15 -37.27 29.17
C SER B 30 33.71 -35.96 28.62
N TYR B 31 34.87 -36.02 27.98
CA TYR B 31 35.49 -34.81 27.45
C TYR B 31 34.66 -34.06 26.42
N THR B 32 34.53 -32.75 26.62
CA THR B 32 33.80 -31.90 25.70
C THR B 32 34.50 -30.56 25.61
N LYS B 33 35.01 -30.24 24.42
CA LYS B 33 35.66 -28.96 24.21
C LYS B 33 34.51 -27.95 24.17
N PRO B 34 34.61 -26.86 24.94
CA PRO B 34 33.51 -25.87 24.93
C PRO B 34 33.20 -25.50 23.47
N LEU B 35 31.92 -25.58 23.11
CA LEU B 35 31.50 -25.28 21.75
C LEU B 35 31.89 -23.86 21.32
N LYS B 36 31.97 -22.93 22.27
CA LYS B 36 32.34 -21.57 21.92
C LYS B 36 33.83 -21.47 21.58
N ASP B 37 34.59 -22.53 21.86
CA ASP B 37 36.03 -22.54 21.56
C ASP B 37 36.35 -23.26 20.25
N VAL B 38 35.35 -23.86 19.63
CA VAL B 38 35.57 -24.57 18.37
C VAL B 38 35.72 -23.56 17.24
N THR B 39 36.81 -23.68 16.49
CA THR B 39 37.08 -22.76 15.39
C THR B 39 37.20 -23.47 14.05
N ASN B 40 37.45 -24.77 14.09
CA ASN B 40 37.61 -25.55 12.87
C ASN B 40 36.67 -26.75 12.89
N LEU B 41 35.89 -26.93 11.83
CA LEU B 41 34.95 -28.04 11.77
C LEU B 41 35.52 -29.29 11.11
N GLY B 42 36.82 -29.27 10.82
CA GLY B 42 37.45 -30.42 10.20
C GLY B 42 37.45 -30.36 8.68
N VAL B 43 37.25 -31.50 8.03
CA VAL B 43 37.21 -31.53 6.58
C VAL B 43 35.81 -31.94 6.14
N PRO B 44 35.37 -31.49 4.96
CA PRO B 44 34.03 -31.86 4.50
C PRO B 44 33.94 -33.36 4.31
N LEU B 45 32.86 -33.96 4.84
CA LEU B 45 32.67 -35.38 4.67
C LEU B 45 32.05 -35.58 3.30
N PRO B 46 32.24 -36.76 2.70
CA PRO B 46 31.65 -36.97 1.39
C PRO B 46 30.14 -37.00 1.56
N THR B 47 29.41 -36.87 0.46
CA THR B 47 27.95 -36.94 0.51
C THR B 47 27.64 -38.41 0.72
N LEU B 48 26.43 -38.72 1.17
CA LEU B 48 26.04 -40.12 1.29
C LEU B 48 25.84 -40.50 -0.18
N LYS B 49 26.01 -41.76 -0.53
CA LYS B 49 25.85 -42.14 -1.93
C LYS B 49 24.38 -42.29 -2.33
N TYR B 50 23.49 -41.84 -1.48
CA TYR B 50 22.06 -41.91 -1.74
C TYR B 50 21.42 -40.55 -1.45
N LYS B 51 20.28 -40.28 -2.06
CA LYS B 51 19.58 -39.04 -1.78
C LYS B 51 18.73 -39.31 -0.56
N TYR B 52 18.20 -38.24 0.04
CA TYR B 52 17.35 -38.35 1.22
C TYR B 52 15.90 -38.29 0.77
N LYS B 53 15.07 -39.18 1.31
CA LYS B 53 13.66 -39.25 0.99
C LYS B 53 12.85 -38.69 2.17
N GLN B 54 12.20 -37.55 1.97
CA GLN B 54 11.43 -36.93 3.04
C GLN B 54 9.99 -37.44 3.09
N ALA C 11 34.29 -49.92 -23.85
CA ALA C 11 33.87 -51.06 -24.72
C ALA C 11 32.83 -51.91 -24.00
N LYS C 12 33.23 -52.48 -22.86
CA LYS C 12 32.33 -53.30 -22.06
C LYS C 12 31.39 -52.34 -21.34
N LEU C 13 31.98 -51.30 -20.75
CA LEU C 13 31.22 -50.27 -20.05
C LEU C 13 30.29 -49.61 -21.06
N ALA C 14 30.81 -49.41 -22.28
CA ALA C 14 30.03 -48.79 -23.35
C ALA C 14 28.81 -49.63 -23.67
N LYS C 15 28.94 -50.95 -23.49
CA LYS C 15 27.83 -51.85 -23.75
C LYS C 15 26.77 -51.65 -22.67
N THR C 16 27.22 -51.58 -21.42
CA THR C 16 26.34 -51.39 -20.28
C THR C 16 25.50 -50.13 -20.45
N LEU C 17 26.16 -49.03 -20.82
CA LEU C 17 25.46 -47.76 -21.01
C LEU C 17 24.40 -47.86 -22.09
N GLN C 18 24.68 -48.65 -23.11
CA GLN C 18 23.74 -48.84 -24.21
C GLN C 18 22.48 -49.51 -23.66
N ARG C 19 22.66 -50.55 -22.86
CA ARG C 19 21.54 -51.27 -22.26
C ARG C 19 20.74 -50.29 -21.42
N PHE C 20 21.47 -49.51 -20.62
CA PHE C 20 20.86 -48.50 -19.75
C PHE C 20 20.04 -47.52 -20.56
N GLU C 21 20.68 -46.88 -21.53
CA GLU C 21 19.99 -45.92 -22.38
C GLU C 21 18.73 -46.50 -22.98
N ASN C 22 18.79 -47.78 -23.37
CA ASN C 22 17.64 -48.45 -23.94
C ASN C 22 16.48 -48.49 -22.96
N LYS C 23 16.77 -48.74 -21.69
CA LYS C 23 15.73 -48.78 -20.66
C LYS C 23 15.13 -47.39 -20.46
N ILE C 24 15.99 -46.37 -20.46
CA ILE C 24 15.53 -45.00 -20.29
C ILE C 24 14.60 -44.61 -21.43
N LYS C 25 15.05 -44.85 -22.66
CA LYS C 25 14.23 -44.53 -23.83
C LYS C 25 12.92 -45.29 -23.77
N ALA C 26 12.95 -46.45 -23.14
CA ALA C 26 11.77 -47.29 -23.00
C ALA C 26 10.87 -46.81 -21.87
N GLY C 27 11.46 -46.13 -20.88
CA GLY C 27 10.70 -45.63 -19.76
C GLY C 27 10.77 -46.53 -18.54
N ASP C 28 11.72 -47.45 -18.52
CA ASP C 28 11.90 -48.36 -17.38
C ASP C 28 12.89 -47.74 -16.41
N TYR C 29 12.49 -46.63 -15.82
CA TYR C 29 13.34 -45.89 -14.88
C TYR C 29 13.77 -46.67 -13.65
N TYR C 30 12.82 -47.29 -12.95
CA TYR C 30 13.17 -48.04 -11.75
C TYR C 30 14.21 -49.12 -12.02
N GLU C 31 13.98 -49.92 -13.07
CA GLU C 31 14.88 -50.99 -13.42
C GLU C 31 16.23 -50.44 -13.87
N ALA C 32 16.20 -49.38 -14.66
CA ALA C 32 17.42 -48.76 -15.16
C ALA C 32 18.25 -48.26 -13.98
N HIS C 33 17.58 -47.59 -13.04
CA HIS C 33 18.25 -47.05 -11.88
C HIS C 33 18.86 -48.14 -11.00
N GLN C 34 18.05 -49.12 -10.63
CA GLN C 34 18.51 -50.22 -9.79
C GLN C 34 19.63 -51.01 -10.47
N THR C 35 19.50 -51.22 -11.78
CA THR C 35 20.51 -51.95 -12.52
C THR C 35 21.84 -51.22 -12.59
N LEU C 36 21.78 -49.93 -12.89
CA LEU C 36 23.01 -49.13 -12.98
C LEU C 36 23.73 -49.10 -11.63
N ARG C 37 22.98 -48.93 -10.54
CA ARG C 37 23.59 -48.90 -9.21
C ARG C 37 24.31 -50.20 -8.90
N THR C 38 23.66 -51.33 -9.19
CA THR C 38 24.26 -52.63 -8.93
C THR C 38 25.60 -52.78 -9.65
N ILE C 39 25.61 -52.46 -10.95
CA ILE C 39 26.82 -52.56 -11.73
C ILE C 39 27.86 -51.56 -11.24
N ALA C 40 27.42 -50.34 -10.97
CA ALA C 40 28.33 -49.31 -10.48
C ALA C 40 28.99 -49.77 -9.19
N ASN C 41 28.20 -50.37 -8.30
CA ASN C 41 28.74 -50.85 -7.03
C ASN C 41 29.81 -51.91 -7.24
N ARG C 42 29.68 -52.71 -8.29
CA ARG C 42 30.69 -53.73 -8.57
C ARG C 42 32.00 -53.05 -8.95
N TYR C 43 31.90 -52.01 -9.78
CA TYR C 43 33.07 -51.26 -10.21
C TYR C 43 33.75 -50.63 -9.01
N VAL C 44 32.94 -50.13 -8.08
CA VAL C 44 33.48 -49.50 -6.88
C VAL C 44 34.25 -50.47 -6.01
N ARG C 45 33.65 -51.61 -5.67
CA ARG C 45 34.37 -52.55 -4.83
C ARG C 45 35.58 -53.16 -5.53
N SER C 46 35.70 -52.91 -6.83
CA SER C 46 36.83 -53.40 -7.61
C SER C 46 37.89 -52.30 -7.66
N LYS C 47 37.51 -51.11 -7.20
CA LYS C 47 38.37 -49.93 -7.19
C LYS C 47 38.56 -49.38 -8.60
N SER C 48 37.63 -49.71 -9.48
CA SER C 48 37.66 -49.23 -10.87
C SER C 48 36.82 -47.96 -10.87
N TYR C 49 37.31 -46.95 -10.16
CA TYR C 49 36.61 -45.68 -10.02
C TYR C 49 36.33 -44.94 -11.31
N GLU C 50 37.26 -44.97 -12.25
CA GLU C 50 37.07 -44.29 -13.53
C GLU C 50 35.81 -44.84 -14.22
N HIS C 51 35.66 -46.17 -14.25
CA HIS C 51 34.49 -46.79 -14.86
C HIS C 51 33.22 -46.42 -14.09
N ALA C 52 33.31 -46.46 -12.77
CA ALA C 52 32.17 -46.13 -11.92
C ALA C 52 31.72 -44.70 -12.17
N ILE C 53 32.67 -43.77 -12.16
CA ILE C 53 32.37 -42.37 -12.39
C ILE C 53 31.68 -42.15 -13.74
N GLU C 54 32.25 -42.72 -14.80
CA GLU C 54 31.67 -42.56 -16.12
C GLU C 54 30.24 -43.09 -16.15
N LEU C 55 30.03 -44.27 -15.58
CA LEU C 55 28.72 -44.88 -15.55
C LEU C 55 27.70 -44.07 -14.73
N ILE C 56 28.07 -43.73 -13.50
CA ILE C 56 27.16 -42.98 -12.63
C ILE C 56 26.86 -41.60 -13.21
N SER C 57 27.89 -40.95 -13.73
CA SER C 57 27.75 -39.62 -14.31
C SER C 57 26.78 -39.63 -15.49
N GLN C 58 26.93 -40.59 -16.39
CA GLN C 58 26.06 -40.68 -17.55
C GLN C 58 24.64 -41.03 -17.15
N GLY C 59 24.50 -41.89 -16.14
CA GLY C 59 23.19 -42.28 -15.68
C GLY C 59 22.43 -41.09 -15.11
N ALA C 60 23.12 -40.29 -14.30
CA ALA C 60 22.50 -39.13 -13.69
C ALA C 60 22.00 -38.19 -14.78
N LEU C 61 22.87 -37.90 -15.73
CA LEU C 61 22.53 -37.01 -16.83
C LEU C 61 21.30 -37.48 -17.60
N SER C 62 21.26 -38.76 -17.96
CA SER C 62 20.12 -39.32 -18.70
C SER C 62 18.82 -39.20 -17.91
N PHE C 63 18.87 -39.46 -16.60
CA PHE C 63 17.67 -39.37 -15.77
C PHE C 63 17.17 -37.93 -15.70
N LEU C 64 18.09 -36.97 -15.57
CA LEU C 64 17.69 -35.57 -15.49
C LEU C 64 17.07 -35.12 -16.82
N LYS C 65 17.67 -35.49 -17.94
CA LYS C 65 17.14 -35.11 -19.24
C LYS C 65 15.77 -35.75 -19.47
N ALA C 66 15.54 -36.88 -18.82
CA ALA C 66 14.26 -37.59 -18.92
C ALA C 66 13.28 -37.05 -17.87
N LYS C 67 13.71 -36.01 -17.17
CA LYS C 67 12.89 -35.38 -16.14
C LYS C 67 12.63 -36.26 -14.92
N GLN C 68 13.58 -37.12 -14.60
CA GLN C 68 13.45 -37.99 -13.43
C GLN C 68 14.40 -37.44 -12.37
N GLY C 69 14.02 -36.30 -11.78
CA GLY C 69 14.84 -35.66 -10.77
C GLY C 69 15.26 -36.54 -9.61
N GLY C 70 14.32 -37.31 -9.09
CA GLY C 70 14.62 -38.19 -7.97
C GLY C 70 15.79 -39.13 -8.26
N SER C 71 15.67 -39.87 -9.35
CA SER C 71 16.73 -40.81 -9.74
C SER C 71 17.99 -40.06 -10.15
N GLY C 72 17.81 -38.92 -10.82
CA GLY C 72 18.96 -38.14 -11.27
C GLY C 72 19.79 -37.61 -10.11
N THR C 73 19.15 -36.97 -9.14
CA THR C 73 19.88 -36.43 -8.00
C THR C 73 20.46 -37.53 -7.13
N ASP C 74 19.77 -38.68 -7.05
CA ASP C 74 20.27 -39.80 -6.26
C ASP C 74 21.62 -40.21 -6.83
N LEU C 75 21.70 -40.27 -8.15
CA LEU C 75 22.95 -40.66 -8.82
C LEU C 75 24.00 -39.57 -8.72
N ILE C 76 23.59 -38.32 -8.58
CA ILE C 76 24.57 -37.26 -8.44
C ILE C 76 25.26 -37.44 -7.09
N PHE C 77 24.48 -37.72 -6.05
CA PHE C 77 25.06 -37.93 -4.73
C PHE C 77 26.01 -39.12 -4.77
N TYR C 78 25.65 -40.12 -5.56
CA TYR C 78 26.49 -41.32 -5.70
C TYR C 78 27.79 -40.89 -6.37
N LEU C 79 27.69 -40.09 -7.41
CA LEU C 79 28.87 -39.61 -8.12
C LEU C 79 29.81 -38.85 -7.20
N LEU C 80 29.26 -37.96 -6.38
CA LEU C 80 30.07 -37.17 -5.46
C LEU C 80 30.75 -38.02 -4.40
N GLU C 81 30.10 -39.11 -4.00
CA GLU C 81 30.67 -39.99 -3.00
C GLU C 81 31.85 -40.74 -3.63
N VAL C 82 31.72 -41.10 -4.90
CA VAL C 82 32.81 -41.80 -5.59
C VAL C 82 33.94 -40.81 -5.83
N TYR C 83 33.58 -39.58 -6.17
CA TYR C 83 34.57 -38.51 -6.37
C TYR C 83 35.45 -38.45 -5.14
N ASP C 84 34.83 -38.49 -3.96
CA ASP C 84 35.55 -38.43 -2.70
C ASP C 84 36.42 -39.67 -2.51
N LEU C 85 35.79 -40.83 -2.69
CA LEU C 85 36.47 -42.11 -2.52
C LEU C 85 37.72 -42.19 -3.41
N ALA C 86 37.56 -41.80 -4.68
CA ALA C 86 38.66 -41.83 -5.64
C ALA C 86 39.55 -40.60 -5.56
N GLU C 87 39.23 -39.68 -4.66
CA GLU C 87 40.00 -38.45 -4.51
C GLU C 87 40.14 -37.69 -5.83
N VAL C 88 39.03 -37.52 -6.53
CA VAL C 88 39.04 -36.81 -7.79
C VAL C 88 39.40 -35.35 -7.58
N LYS C 89 40.55 -34.94 -8.11
CA LYS C 89 41.00 -33.57 -7.97
C LYS C 89 40.14 -32.62 -8.78
N VAL C 90 39.98 -31.40 -8.28
CA VAL C 90 39.18 -30.39 -8.98
C VAL C 90 39.98 -29.92 -10.18
N ASP C 91 39.46 -30.16 -11.38
CA ASP C 91 40.11 -29.71 -12.60
C ASP C 91 39.07 -29.51 -13.68
N ASP C 92 39.51 -29.17 -14.90
CA ASP C 92 38.59 -28.93 -16.00
C ASP C 92 37.59 -30.05 -16.26
N ILE C 93 38.09 -31.28 -16.29
CA ILE C 93 37.24 -32.45 -16.55
C ILE C 93 36.25 -32.76 -15.43
N SER C 94 36.73 -32.79 -14.18
CA SER C 94 35.86 -33.13 -13.06
C SER C 94 34.78 -32.08 -12.79
N VAL C 95 35.11 -30.81 -13.02
CA VAL C 95 34.15 -29.74 -12.81
C VAL C 95 33.15 -29.70 -13.96
N ALA C 96 33.64 -29.86 -15.18
CA ALA C 96 32.77 -29.83 -16.35
C ALA C 96 31.68 -30.88 -16.23
N ARG C 97 32.03 -32.01 -15.62
CA ARG C 97 31.08 -33.10 -15.45
C ARG C 97 29.90 -32.63 -14.58
N LEU C 98 30.20 -31.87 -13.52
CA LEU C 98 29.14 -31.38 -12.65
C LEU C 98 28.38 -30.21 -13.28
N VAL C 99 29.08 -29.37 -14.04
CA VAL C 99 28.42 -28.24 -14.69
C VAL C 99 27.38 -28.74 -15.68
N ARG C 100 27.71 -29.83 -16.37
CA ARG C 100 26.80 -30.44 -17.35
C ARG C 100 25.54 -30.93 -16.63
N LEU C 101 25.72 -31.43 -15.42
CA LEU C 101 24.59 -31.94 -14.63
C LEU C 101 23.73 -30.78 -14.13
N ILE C 102 24.39 -29.71 -13.69
CA ILE C 102 23.68 -28.54 -13.19
C ILE C 102 22.71 -27.98 -14.24
N ALA C 103 23.15 -27.95 -15.48
CA ALA C 103 22.35 -27.45 -16.58
C ALA C 103 21.02 -28.18 -16.77
N GLU C 104 20.99 -29.47 -16.45
CA GLU C 104 19.78 -30.27 -16.60
C GLU C 104 18.93 -30.31 -15.33
N LEU C 105 19.45 -29.70 -14.27
CA LEU C 105 18.77 -29.69 -12.98
C LEU C 105 17.63 -28.67 -12.90
N ASP C 106 16.45 -29.14 -12.54
CA ASP C 106 15.28 -28.29 -12.41
C ASP C 106 15.46 -27.44 -11.15
N PRO C 107 15.40 -26.10 -11.28
CA PRO C 107 15.57 -25.22 -10.11
C PRO C 107 14.55 -25.46 -9.00
N SER C 108 13.53 -26.26 -9.29
CA SER C 108 12.50 -26.57 -8.31
C SER C 108 12.73 -27.88 -7.59
N GLU C 109 13.79 -28.61 -7.99
CA GLU C 109 14.08 -29.89 -7.35
C GLU C 109 14.13 -29.69 -5.84
N PRO C 110 13.39 -30.51 -5.08
CA PRO C 110 13.34 -30.44 -3.62
C PRO C 110 14.70 -30.45 -2.94
N ASN C 111 15.64 -31.24 -3.47
CA ASN C 111 16.97 -31.34 -2.87
C ASN C 111 18.06 -30.64 -3.68
N LEU C 112 17.67 -29.60 -4.41
CA LEU C 112 18.60 -28.82 -5.22
C LEU C 112 19.73 -28.28 -4.35
N LYS C 113 19.38 -27.75 -3.19
CA LYS C 113 20.36 -27.17 -2.28
C LYS C 113 21.38 -28.21 -1.79
N ASP C 114 20.91 -29.39 -1.41
CA ASP C 114 21.81 -30.44 -0.93
C ASP C 114 22.75 -30.90 -2.04
N VAL C 115 22.24 -30.96 -3.27
CA VAL C 115 23.08 -31.37 -4.40
C VAL C 115 24.18 -30.33 -4.59
N ILE C 116 23.80 -29.07 -4.54
CA ILE C 116 24.74 -27.95 -4.71
C ILE C 116 25.78 -27.96 -3.61
N THR C 117 25.34 -28.18 -2.38
CA THR C 117 26.25 -28.23 -1.23
C THR C 117 27.25 -29.37 -1.45
N GLY C 118 26.75 -30.52 -1.91
CA GLY C 118 27.61 -31.65 -2.17
C GLY C 118 28.69 -31.31 -3.18
N MET C 119 28.31 -30.67 -4.28
CA MET C 119 29.26 -30.28 -5.31
C MET C 119 30.28 -29.30 -4.75
N ASN C 120 29.81 -28.30 -4.01
CA ASN C 120 30.72 -27.31 -3.47
C ASN C 120 31.70 -27.90 -2.46
N ASN C 121 31.20 -28.75 -1.57
CA ASN C 121 32.04 -29.40 -0.56
C ASN C 121 33.15 -30.21 -1.20
N TRP C 122 32.84 -30.93 -2.28
CA TRP C 122 33.87 -31.71 -2.97
C TRP C 122 34.93 -30.78 -3.54
N SER C 123 34.49 -29.66 -4.11
CA SER C 123 35.42 -28.71 -4.71
C SER C 123 36.32 -28.06 -3.66
N ILE C 124 35.81 -27.94 -2.44
CA ILE C 124 36.61 -27.36 -1.35
C ILE C 124 37.69 -28.38 -0.96
N LYS C 125 37.25 -29.61 -0.77
CA LYS C 125 38.11 -30.70 -0.35
C LYS C 125 39.25 -31.06 -1.31
N PHE C 126 38.98 -31.00 -2.61
CA PHE C 126 40.01 -31.38 -3.58
C PHE C 126 40.51 -30.27 -4.50
N SER C 127 40.64 -29.06 -3.95
CA SER C 127 41.15 -27.92 -4.69
C SER C 127 41.96 -27.11 -3.69
N GLU C 128 42.60 -26.04 -4.17
CA GLU C 128 43.39 -25.18 -3.29
C GLU C 128 42.53 -24.04 -2.74
N TYR C 129 41.22 -24.11 -3.00
CA TYR C 129 40.29 -23.09 -2.54
C TYR C 129 39.53 -23.48 -1.28
N LYS C 130 39.81 -22.76 -0.20
CA LYS C 130 39.19 -23.01 1.09
C LYS C 130 37.67 -22.95 1.06
N PHE C 131 37.12 -22.14 0.16
CA PHE C 131 35.67 -21.99 0.08
C PHE C 131 35.03 -22.54 -1.20
N GLY C 132 35.81 -23.24 -2.02
CA GLY C 132 35.25 -23.81 -3.24
C GLY C 132 35.79 -23.22 -4.52
N ASP C 133 35.77 -24.03 -5.58
CA ASP C 133 36.26 -23.62 -6.88
C ASP C 133 35.45 -22.45 -7.45
N PRO C 134 36.12 -21.33 -7.78
CA PRO C 134 35.44 -20.15 -8.33
C PRO C 134 34.66 -20.35 -9.63
N TYR C 135 35.21 -21.14 -10.55
CA TYR C 135 34.50 -21.37 -11.81
C TYR C 135 33.21 -22.12 -11.51
N LEU C 136 33.29 -23.13 -10.64
CA LEU C 136 32.10 -23.89 -10.27
C LEU C 136 31.10 -22.96 -9.60
N HIS C 137 31.61 -22.06 -8.77
CA HIS C 137 30.73 -21.12 -8.08
C HIS C 137 29.94 -20.26 -9.06
N ASN C 138 30.59 -19.84 -10.14
CA ASN C 138 29.91 -19.01 -11.13
C ASN C 138 28.66 -19.70 -11.66
N THR C 139 28.75 -21.01 -11.88
CA THR C 139 27.62 -21.76 -12.38
C THR C 139 26.63 -22.05 -11.26
N ILE C 140 27.14 -22.50 -10.12
CA ILE C 140 26.31 -22.82 -8.97
C ILE C 140 25.49 -21.64 -8.46
N GLY C 141 26.12 -20.46 -8.41
CA GLY C 141 25.44 -19.28 -7.95
C GLY C 141 24.19 -18.98 -8.77
N SER C 142 24.30 -19.06 -10.09
CA SER C 142 23.14 -18.79 -10.93
C SER C 142 22.01 -19.78 -10.71
N LYS C 143 22.36 -21.06 -10.56
CA LYS C 143 21.35 -22.09 -10.32
C LYS C 143 20.65 -21.85 -8.98
N LEU C 144 21.41 -21.44 -7.96
CA LEU C 144 20.83 -21.17 -6.65
C LEU C 144 19.88 -19.97 -6.70
N LEU C 145 20.27 -18.94 -7.43
CA LEU C 145 19.42 -17.76 -7.54
C LEU C 145 18.10 -18.16 -8.18
N GLU C 146 18.16 -19.03 -9.19
CA GLU C 146 16.96 -19.51 -9.86
C GLU C 146 16.09 -20.27 -8.88
N GLY C 147 16.71 -20.95 -7.94
CA GLY C 147 15.98 -21.72 -6.94
C GLY C 147 15.55 -20.89 -5.75
N ASP C 148 15.79 -19.59 -5.82
CA ASP C 148 15.43 -18.63 -4.77
C ASP C 148 16.27 -18.69 -3.49
N PHE C 149 17.53 -19.07 -3.64
CA PHE C 149 18.47 -19.11 -2.51
C PHE C 149 19.37 -17.92 -2.78
N VAL C 150 18.84 -16.73 -2.53
CA VAL C 150 19.56 -15.49 -2.81
C VAL C 150 20.82 -15.22 -2.00
N TYR C 151 20.80 -15.51 -0.69
CA TYR C 151 21.99 -15.26 0.11
C TYR C 151 23.10 -16.25 -0.21
N GLU C 152 22.73 -17.45 -0.62
CA GLU C 152 23.71 -18.46 -0.99
C GLU C 152 24.29 -18.02 -2.35
N ALA C 153 23.41 -17.61 -3.27
CA ALA C 153 23.84 -17.16 -4.59
C ALA C 153 24.86 -16.04 -4.41
N GLU C 154 24.55 -15.09 -3.54
CA GLU C 154 25.44 -13.96 -3.28
C GLU C 154 26.82 -14.45 -2.83
N ARG C 155 26.82 -15.40 -1.90
CA ARG C 155 28.05 -15.95 -1.37
C ARG C 155 28.91 -16.58 -2.47
N TYR C 156 28.29 -17.41 -3.29
CA TYR C 156 29.00 -18.06 -4.39
C TYR C 156 29.52 -17.07 -5.43
N PHE C 157 28.73 -16.04 -5.73
CA PHE C 157 29.18 -15.03 -6.70
C PHE C 157 30.39 -14.27 -6.15
N MET C 158 30.30 -13.85 -4.90
CA MET C 158 31.38 -13.12 -4.25
C MET C 158 32.67 -13.94 -4.32
N LEU C 159 32.53 -15.26 -4.12
CA LEU C 159 33.66 -16.18 -4.16
C LEU C 159 33.83 -16.77 -5.56
N GLY C 160 33.29 -16.08 -6.56
CA GLY C 160 33.37 -16.58 -7.93
C GLY C 160 34.39 -15.86 -8.81
N THR C 161 34.09 -15.83 -10.10
CA THR C 161 34.99 -15.18 -11.07
C THR C 161 34.47 -13.81 -11.45
N HIS C 162 35.14 -13.17 -12.41
CA HIS C 162 34.75 -11.85 -12.88
C HIS C 162 33.31 -11.88 -13.44
N ASP C 163 32.96 -12.97 -14.12
CA ASP C 163 31.60 -13.09 -14.64
C ASP C 163 30.63 -13.12 -13.46
N SER C 164 31.05 -13.76 -12.37
CA SER C 164 30.23 -13.86 -11.17
C SER C 164 30.00 -12.47 -10.58
N MET C 165 31.02 -11.62 -10.72
CA MET C 165 30.92 -10.26 -10.18
C MET C 165 29.82 -9.51 -10.93
N ILE C 166 29.76 -9.70 -12.24
CA ILE C 166 28.74 -9.08 -13.08
C ILE C 166 27.34 -9.54 -12.67
N LYS C 167 27.19 -10.85 -12.47
CA LYS C 167 25.90 -11.42 -12.07
C LYS C 167 25.52 -10.91 -10.68
N TYR C 168 26.51 -10.70 -9.83
CA TYR C 168 26.28 -10.23 -8.48
C TYR C 168 25.70 -8.81 -8.51
N VAL C 169 26.30 -7.93 -9.29
CA VAL C 169 25.80 -6.57 -9.39
C VAL C 169 24.39 -6.58 -9.94
N ASP C 170 24.13 -7.43 -10.94
CA ASP C 170 22.80 -7.53 -11.51
C ASP C 170 21.81 -7.96 -10.44
N LEU C 171 22.21 -8.92 -9.61
CA LEU C 171 21.37 -9.40 -8.53
C LEU C 171 20.98 -8.24 -7.61
N LEU C 172 21.97 -7.52 -7.08
CA LEU C 172 21.72 -6.40 -6.19
C LEU C 172 20.95 -5.27 -6.84
N TRP C 173 21.25 -4.99 -8.10
CA TRP C 173 20.55 -3.93 -8.83
C TRP C 173 19.08 -4.28 -9.04
N ASP C 174 18.81 -5.50 -9.50
CA ASP C 174 17.43 -5.91 -9.71
C ASP C 174 16.68 -5.89 -8.38
N TRP C 175 17.32 -6.34 -7.31
CA TRP C 175 16.67 -6.37 -6.00
C TRP C 175 16.30 -4.95 -5.57
N LEU C 176 17.26 -4.03 -5.68
CA LEU C 176 17.01 -2.64 -5.31
C LEU C 176 15.82 -2.09 -6.07
N CYS C 177 15.73 -2.39 -7.36
CA CYS C 177 14.63 -1.89 -8.17
C CYS C 177 13.28 -2.48 -7.78
N GLN C 178 13.29 -3.50 -6.92
CA GLN C 178 12.04 -4.12 -6.45
C GLN C 178 11.40 -3.28 -5.33
N VAL C 179 12.22 -2.46 -4.68
CA VAL C 179 11.77 -1.61 -3.58
C VAL C 179 10.98 -0.40 -4.09
N ASP C 180 10.23 0.25 -3.21
CA ASP C 180 9.42 1.40 -3.62
C ASP C 180 10.00 2.78 -3.34
N ASP C 181 11.26 2.84 -2.92
CA ASP C 181 11.88 4.12 -2.65
C ASP C 181 13.39 4.07 -2.89
N ILE C 182 14.00 5.24 -2.91
CA ILE C 182 15.43 5.34 -3.10
C ILE C 182 16.06 6.21 -2.02
N GLU C 183 15.60 6.03 -0.79
CA GLU C 183 16.14 6.78 0.33
C GLU C 183 17.60 6.33 0.44
N ASP C 184 18.44 7.20 0.98
CA ASP C 184 19.85 6.89 1.13
C ASP C 184 20.04 5.57 1.87
N SER C 185 19.32 5.40 2.97
CA SER C 185 19.42 4.19 3.76
C SER C 185 19.05 2.94 2.95
N THR C 186 18.13 3.09 2.00
CA THR C 186 17.72 1.98 1.15
C THR C 186 18.81 1.59 0.15
N VAL C 187 19.22 2.55 -0.67
CA VAL C 187 20.25 2.31 -1.67
C VAL C 187 21.56 1.82 -1.07
N ALA C 188 21.94 2.39 0.08
CA ALA C 188 23.17 2.01 0.76
C ALA C 188 23.15 0.55 1.24
N GLU C 189 21.97 0.05 1.59
CA GLU C 189 21.86 -1.34 2.04
C GLU C 189 22.34 -2.29 0.95
N PHE C 190 22.12 -1.93 -0.30
CA PHE C 190 22.54 -2.76 -1.43
C PHE C 190 23.99 -2.45 -1.81
N PHE C 191 24.30 -1.17 -1.99
CA PHE C 191 25.64 -0.77 -2.38
C PHE C 191 26.74 -1.21 -1.41
N SER C 192 26.47 -1.10 -0.12
CA SER C 192 27.44 -1.49 0.90
C SER C 192 27.83 -2.95 0.85
N ARG C 193 26.96 -3.79 0.30
CA ARG C 193 27.27 -5.22 0.21
C ARG C 193 28.44 -5.45 -0.74
N LEU C 194 28.47 -4.67 -1.82
CA LEU C 194 29.54 -4.79 -2.80
C LEU C 194 30.86 -4.33 -2.22
N VAL C 195 30.83 -3.17 -1.56
CA VAL C 195 32.02 -2.60 -0.96
C VAL C 195 32.58 -3.51 0.14
N PHE C 196 31.76 -3.89 1.11
CA PHE C 196 32.24 -4.72 2.19
C PHE C 196 32.71 -6.11 1.79
N ASN C 197 31.94 -6.82 0.98
CA ASN C 197 32.31 -8.17 0.57
C ASN C 197 33.62 -8.23 -0.22
N TYR C 198 33.82 -7.33 -1.18
CA TYR C 198 35.05 -7.36 -1.93
C TYR C 198 36.23 -6.85 -1.11
N LEU C 199 35.96 -6.02 -0.12
CA LEU C 199 37.03 -5.55 0.75
C LEU C 199 37.41 -6.72 1.66
N PHE C 200 36.41 -7.51 2.07
CA PHE C 200 36.69 -8.66 2.93
C PHE C 200 37.62 -9.67 2.26
N ILE C 201 37.39 -9.98 0.98
CA ILE C 201 38.23 -10.94 0.27
C ILE C 201 39.38 -10.26 -0.45
N SER C 202 39.57 -8.97 -0.15
CA SER C 202 40.65 -8.18 -0.72
C SER C 202 40.72 -8.12 -2.24
N ASN C 203 39.59 -8.02 -2.90
CA ASN C 203 39.62 -7.89 -4.34
C ASN C 203 39.23 -6.46 -4.60
N ILE C 204 40.20 -5.56 -4.43
CA ILE C 204 40.00 -4.14 -4.63
C ILE C 204 39.53 -3.85 -6.05
N SER C 205 40.04 -4.62 -7.00
CA SER C 205 39.65 -4.44 -8.39
C SER C 205 38.15 -4.65 -8.58
N PHE C 206 37.62 -5.76 -8.06
CA PHE C 206 36.19 -6.05 -8.17
C PHE C 206 35.36 -5.01 -7.41
N ALA C 207 35.89 -4.52 -6.29
CA ALA C 207 35.18 -3.52 -5.51
C ALA C 207 34.94 -2.29 -6.38
N HIS C 208 35.99 -1.83 -7.06
CA HIS C 208 35.88 -0.66 -7.93
C HIS C 208 35.00 -0.88 -9.16
N GLU C 209 35.17 -2.01 -9.84
CA GLU C 209 34.35 -2.22 -11.03
C GLU C 209 32.89 -2.48 -10.73
N SER C 210 32.60 -3.20 -9.65
CA SER C 210 31.20 -3.48 -9.30
C SER C 210 30.57 -2.16 -8.87
N LYS C 211 31.32 -1.37 -8.11
CA LYS C 211 30.87 -0.05 -7.67
C LYS C 211 30.54 0.82 -8.89
N ASP C 212 31.43 0.83 -9.88
CA ASP C 212 31.23 1.63 -11.08
C ASP C 212 29.94 1.30 -11.80
N ILE C 213 29.71 0.01 -12.03
CA ILE C 213 28.50 -0.42 -12.71
C ILE C 213 27.26 -0.02 -11.93
N PHE C 214 27.26 -0.32 -10.63
CA PHE C 214 26.13 -0.01 -9.77
C PHE C 214 25.82 1.48 -9.72
N LEU C 215 26.83 2.30 -9.44
CA LEU C 215 26.62 3.74 -9.36
C LEU C 215 26.16 4.33 -10.68
N GLU C 216 26.74 3.84 -11.79
CA GLU C 216 26.34 4.35 -13.09
C GLU C 216 24.87 4.04 -13.37
N ARG C 217 24.42 2.84 -13.02
CA ARG C 217 23.03 2.46 -13.24
C ARG C 217 22.10 3.30 -12.37
N PHE C 218 22.53 3.53 -11.13
CA PHE C 218 21.75 4.33 -10.18
C PHE C 218 21.59 5.78 -10.68
N ILE C 219 22.69 6.35 -11.14
CA ILE C 219 22.68 7.72 -11.66
C ILE C 219 21.74 7.85 -12.85
N GLU C 220 21.92 6.98 -13.82
CA GLU C 220 21.12 6.98 -15.05
C GLU C 220 19.63 6.70 -14.85
N LYS C 221 19.30 5.88 -13.86
CA LYS C 221 17.91 5.52 -13.59
C LYS C 221 17.13 6.53 -12.74
N PHE C 222 17.72 6.97 -11.65
CA PHE C 222 17.04 7.89 -10.73
C PHE C 222 17.45 9.36 -10.76
N HIS C 223 18.45 9.68 -11.57
CA HIS C 223 18.94 11.05 -11.72
C HIS C 223 19.11 11.82 -10.41
N PRO C 224 19.96 11.31 -9.51
CA PRO C 224 20.18 12.00 -8.23
C PRO C 224 21.09 13.21 -8.46
N LYS C 225 21.08 14.17 -7.54
CA LYS C 225 21.95 15.33 -7.67
C LYS C 225 23.35 14.90 -7.27
N TYR C 226 24.34 15.19 -8.09
CA TYR C 226 25.70 14.78 -7.79
C TYR C 226 26.75 15.58 -8.54
N GLU C 227 27.98 15.52 -8.04
CA GLU C 227 29.11 16.18 -8.67
C GLU C 227 30.26 15.18 -8.64
N LYS C 228 30.92 14.99 -9.77
CA LYS C 228 32.04 14.06 -9.87
C LYS C 228 33.29 14.75 -9.33
N ILE C 229 34.00 14.09 -8.43
CA ILE C 229 35.23 14.62 -7.88
C ILE C 229 36.36 13.69 -8.32
N ASP C 230 37.31 14.23 -9.06
CA ASP C 230 38.43 13.44 -9.56
C ASP C 230 39.75 13.99 -9.09
N LYS C 231 40.54 13.15 -8.42
CA LYS C 231 41.83 13.56 -7.91
C LYS C 231 42.83 12.41 -8.02
N ASN C 232 43.99 12.69 -8.56
CA ASN C 232 45.06 11.70 -8.69
C ASN C 232 44.63 10.34 -9.25
N GLY C 233 43.78 10.33 -10.27
CA GLY C 233 43.36 9.07 -10.87
C GLY C 233 42.24 8.36 -10.13
N TYR C 234 41.68 9.02 -9.12
CA TYR C 234 40.58 8.44 -8.36
C TYR C 234 39.35 9.30 -8.52
N GLU C 235 38.18 8.69 -8.50
CA GLU C 235 36.94 9.44 -8.64
C GLU C 235 35.94 9.10 -7.55
N ILE C 236 35.28 10.13 -7.04
CA ILE C 236 34.24 9.95 -6.03
C ILE C 236 33.01 10.66 -6.57
N VAL C 237 31.88 9.97 -6.57
CA VAL C 237 30.65 10.60 -7.03
C VAL C 237 30.05 11.23 -5.78
N PHE C 238 30.11 12.55 -5.68
CA PHE C 238 29.55 13.22 -4.51
C PHE C 238 28.06 13.42 -4.68
N PHE C 239 27.30 12.74 -3.84
CA PHE C 239 25.84 12.83 -3.85
C PHE C 239 25.38 13.83 -2.80
N GLU C 240 24.59 14.80 -3.21
CA GLU C 240 24.09 15.80 -2.28
C GLU C 240 23.13 15.19 -1.26
N ASP C 241 22.34 14.21 -1.69
CA ASP C 241 21.37 13.59 -0.80
C ASP C 241 21.66 12.13 -0.43
N TYR C 242 22.88 11.69 -0.66
CA TYR C 242 23.26 10.32 -0.32
C TYR C 242 24.59 10.28 0.41
N SER C 243 24.62 10.81 1.63
CA SER C 243 25.85 10.83 2.42
C SER C 243 26.44 9.45 2.66
N ASP C 244 25.58 8.45 2.87
CA ASP C 244 26.04 7.09 3.13
C ASP C 244 26.82 6.59 1.90
N LEU C 245 26.31 6.89 0.71
CA LEU C 245 26.96 6.50 -0.53
C LEU C 245 28.32 7.20 -0.64
N ASN C 246 28.41 8.44 -0.15
CA ASN C 246 29.69 9.15 -0.21
C ASN C 246 30.67 8.48 0.74
N PHE C 247 30.19 8.16 1.94
CA PHE C 247 31.00 7.51 2.95
C PHE C 247 31.53 6.17 2.46
N LEU C 248 30.67 5.36 1.85
CA LEU C 248 31.06 4.04 1.36
C LEU C 248 32.12 4.10 0.25
N GLN C 249 32.05 5.12 -0.61
CA GLN C 249 33.05 5.25 -1.67
C GLN C 249 34.40 5.62 -1.07
N LEU C 250 34.39 6.46 -0.03
CA LEU C 250 35.62 6.87 0.63
C LEU C 250 36.21 5.73 1.44
N LEU C 251 35.33 4.89 1.99
CA LEU C 251 35.75 3.75 2.79
C LEU C 251 36.67 2.85 1.97
N LEU C 252 36.30 2.64 0.71
CA LEU C 252 37.06 1.79 -0.19
C LEU C 252 38.49 2.29 -0.37
N ILE C 253 38.63 3.57 -0.73
CA ILE C 253 39.95 4.17 -0.93
C ILE C 253 40.77 4.21 0.36
N THR C 254 40.10 4.39 1.50
CA THR C 254 40.79 4.46 2.78
C THR C 254 41.42 3.11 3.13
N CYS C 255 40.69 2.02 2.91
CA CYS C 255 41.26 0.70 3.18
C CYS C 255 42.50 0.49 2.31
N GLN C 256 42.46 1.01 1.08
CA GLN C 256 43.59 0.89 0.16
C GLN C 256 44.85 1.55 0.73
N THR C 257 44.69 2.68 1.42
CA THR C 257 45.84 3.38 1.99
C THR C 257 46.43 2.66 3.19
N LYS C 258 45.61 1.87 3.88
CA LYS C 258 46.05 1.14 5.07
C LYS C 258 46.56 2.12 6.13
N ASP C 259 46.11 3.36 6.08
CA ASP C 259 46.53 4.38 7.03
C ASP C 259 45.53 4.52 8.16
N LYS C 260 45.91 4.07 9.36
CA LYS C 260 45.04 4.12 10.53
C LYS C 260 44.50 5.52 10.85
N SER C 261 45.27 6.56 10.57
CA SER C 261 44.85 7.92 10.84
C SER C 261 43.68 8.34 9.94
N TYR C 262 43.75 8.00 8.67
CA TYR C 262 42.69 8.32 7.73
C TYR C 262 41.43 7.54 8.10
N PHE C 263 41.62 6.29 8.50
CA PHE C 263 40.52 5.42 8.90
C PHE C 263 39.72 6.05 10.02
N LEU C 264 40.42 6.44 11.09
CA LEU C 264 39.77 7.06 12.23
C LEU C 264 39.12 8.39 11.88
N ASN C 265 39.80 9.18 11.06
CA ASN C 265 39.26 10.48 10.68
C ASN C 265 37.98 10.34 9.87
N LEU C 266 37.94 9.37 8.96
CA LEU C 266 36.75 9.14 8.14
C LEU C 266 35.56 8.74 9.02
N LYS C 267 35.77 7.80 9.94
CA LYS C 267 34.70 7.36 10.82
C LYS C 267 34.20 8.51 11.70
N ASN C 268 35.13 9.34 12.19
CA ASN C 268 34.77 10.48 13.03
C ASN C 268 33.84 11.43 12.28
N HIS C 269 34.05 11.55 10.97
CA HIS C 269 33.24 12.44 10.16
C HIS C 269 31.82 11.90 9.89
N TYR C 270 31.68 10.58 9.86
CA TYR C 270 30.39 9.94 9.63
C TYR C 270 30.01 9.06 10.83
N LEU C 271 29.70 9.71 11.95
CA LEU C 271 29.35 8.99 13.17
C LEU C 271 28.19 8.00 13.06
N ASP C 272 27.07 8.43 12.50
CA ASP C 272 25.92 7.54 12.39
C ASP C 272 26.19 6.29 11.56
N PHE C 273 26.81 6.47 10.40
CA PHE C 273 27.10 5.33 9.53
C PHE C 273 28.15 4.41 10.12
N SER C 274 29.16 4.97 10.76
CA SER C 274 30.21 4.16 11.37
C SER C 274 29.58 3.30 12.47
N GLN C 275 28.53 3.81 13.10
CA GLN C 275 27.84 3.07 14.16
C GLN C 275 27.00 1.97 13.52
N ALA C 276 26.34 2.29 12.41
CA ALA C 276 25.51 1.34 11.71
C ALA C 276 26.35 0.19 11.12
N TYR C 277 27.61 0.48 10.83
CA TYR C 277 28.52 -0.52 10.27
C TYR C 277 29.64 -0.86 11.27
N LYS C 278 29.34 -0.77 12.56
CA LYS C 278 30.34 -1.04 13.59
C LYS C 278 31.11 -2.35 13.43
N SER C 279 30.40 -3.46 13.26
CA SER C 279 31.05 -4.76 13.12
C SER C 279 31.92 -4.86 11.87
N GLU C 280 31.40 -4.39 10.75
CA GLU C 280 32.14 -4.42 9.48
C GLU C 280 33.43 -3.62 9.59
N LEU C 281 33.32 -2.42 10.15
CA LEU C 281 34.47 -1.54 10.31
C LEU C 281 35.51 -2.10 11.28
N GLU C 282 35.06 -2.84 12.28
CA GLU C 282 36.01 -3.42 13.23
C GLU C 282 36.84 -4.47 12.53
N PHE C 283 36.22 -5.22 11.63
CA PHE C 283 36.95 -6.24 10.91
C PHE C 283 37.94 -5.58 9.94
N LEU C 284 37.50 -4.54 9.25
CA LEU C 284 38.38 -3.84 8.32
C LEU C 284 39.55 -3.23 9.09
N GLY C 285 39.27 -2.78 10.32
CA GLY C 285 40.30 -2.20 11.14
C GLY C 285 41.46 -3.17 11.31
N GLN C 286 41.15 -4.44 11.55
CA GLN C 286 42.20 -5.42 11.73
C GLN C 286 42.77 -5.92 10.40
N GLU C 287 41.92 -6.05 9.40
CA GLU C 287 42.37 -6.53 8.09
C GLU C 287 43.26 -5.55 7.33
N TYR C 288 42.88 -4.27 7.29
CA TYR C 288 43.65 -3.29 6.54
C TYR C 288 44.47 -2.29 7.34
N PHE C 289 44.15 -2.13 8.63
CA PHE C 289 44.85 -1.14 9.44
C PHE C 289 45.62 -1.70 10.63
N ASN C 290 45.71 -3.03 10.69
CA ASN C 290 46.43 -3.73 11.75
C ASN C 290 46.00 -3.39 13.17
N ILE C 291 44.72 -3.07 13.35
CA ILE C 291 44.19 -2.76 14.67
C ILE C 291 43.63 -4.11 15.17
N VAL C 292 43.21 -4.18 16.43
CA VAL C 292 42.68 -5.43 16.92
C VAL C 292 41.20 -5.31 17.27
N GLY D 7 27.64 21.63 1.15
CA GLY D 7 28.72 22.63 1.32
C GLY D 7 29.91 22.09 2.09
N PRO D 8 29.78 21.92 3.41
CA PRO D 8 30.88 21.39 4.22
C PRO D 8 31.23 19.93 3.94
N GLU D 9 30.23 19.10 3.62
CA GLU D 9 30.52 17.70 3.35
C GLU D 9 31.31 17.59 2.05
N HIS D 10 30.88 18.35 1.04
CA HIS D 10 31.55 18.35 -0.26
C HIS D 10 33.02 18.75 -0.10
N GLU D 11 33.27 19.68 0.82
CA GLU D 11 34.62 20.16 1.07
C GLU D 11 35.45 19.07 1.75
N PHE D 12 34.84 18.38 2.71
CA PHE D 12 35.54 17.31 3.40
C PHE D 12 35.89 16.18 2.43
N VAL D 13 34.91 15.75 1.65
CA VAL D 13 35.13 14.66 0.69
C VAL D 13 36.24 15.01 -0.29
N SER D 14 36.18 16.22 -0.84
CA SER D 14 37.19 16.69 -1.79
C SER D 14 38.58 16.75 -1.17
N LYS D 15 38.66 17.36 0.01
CA LYS D 15 39.95 17.48 0.70
C LYS D 15 40.46 16.13 1.16
N PHE D 16 39.55 15.27 1.63
CA PHE D 16 39.96 13.94 2.11
C PHE D 16 40.49 13.11 0.94
N LEU D 17 39.76 13.12 -0.18
CA LEU D 17 40.17 12.37 -1.36
C LEU D 17 41.56 12.77 -1.81
N THR D 18 41.82 14.08 -1.80
CA THR D 18 43.12 14.60 -2.20
C THR D 18 44.22 14.09 -1.29
N LEU D 19 43.95 14.09 0.01
CA LEU D 19 44.92 13.62 0.99
C LEU D 19 45.19 12.13 0.81
N ALA D 20 44.12 11.35 0.78
CA ALA D 20 44.22 9.89 0.64
C ALA D 20 44.92 9.46 -0.64
N THR D 21 44.89 10.30 -1.66
CA THR D 21 45.50 9.95 -2.94
C THR D 21 46.71 10.78 -3.30
N LEU D 22 47.15 11.66 -2.39
CA LEU D 22 48.31 12.50 -2.65
C LEU D 22 49.38 11.60 -3.26
N THR D 23 49.69 10.54 -2.54
CA THR D 23 50.66 9.56 -2.99
C THR D 23 49.81 8.32 -3.25
N GLU D 24 50.23 7.50 -4.20
CA GLU D 24 49.49 6.29 -4.55
C GLU D 24 49.25 5.40 -3.34
N PRO D 25 47.99 5.02 -3.08
CA PRO D 25 47.65 4.15 -1.95
C PRO D 25 48.46 2.86 -2.03
N LYS D 26 48.84 2.32 -0.88
CA LYS D 26 49.62 1.08 -0.84
C LYS D 26 49.01 0.00 -1.74
N LEU D 27 47.69 -0.09 -1.71
CA LEU D 27 46.98 -1.05 -2.54
C LEU D 27 46.41 -0.28 -3.71
N PRO D 28 46.87 -0.57 -4.94
CA PRO D 28 46.35 0.14 -6.11
C PRO D 28 44.92 -0.31 -6.44
N LYS D 29 44.23 0.44 -7.30
CA LYS D 29 42.86 0.11 -7.66
C LYS D 29 42.74 -1.24 -8.35
N SER D 30 43.84 -1.72 -8.92
CA SER D 30 43.86 -2.99 -9.63
C SER D 30 44.26 -4.16 -8.74
N TYR D 31 44.51 -3.89 -7.47
CA TYR D 31 44.92 -4.95 -6.56
C TYR D 31 43.86 -6.04 -6.38
N THR D 32 44.32 -7.29 -6.40
CA THR D 32 43.45 -8.44 -6.21
C THR D 32 44.20 -9.54 -5.49
N LYS D 33 43.78 -9.86 -4.26
CA LYS D 33 44.44 -10.95 -3.55
C LYS D 33 43.96 -12.24 -4.18
N PRO D 34 44.90 -13.13 -4.55
CA PRO D 34 44.49 -14.40 -5.17
C PRO D 34 43.44 -15.11 -4.30
N LEU D 35 42.34 -15.52 -4.92
CA LEU D 35 41.27 -16.18 -4.18
C LEU D 35 41.76 -17.37 -3.38
N LYS D 36 42.74 -18.11 -3.92
CA LYS D 36 43.28 -19.28 -3.25
C LYS D 36 43.97 -18.93 -1.93
N ASP D 37 44.25 -17.65 -1.71
CA ASP D 37 44.91 -17.21 -0.49
C ASP D 37 43.97 -16.62 0.55
N VAL D 38 42.69 -16.48 0.21
CA VAL D 38 41.73 -15.92 1.14
C VAL D 38 41.36 -16.99 2.17
N THR D 39 41.48 -16.63 3.46
CA THR D 39 41.18 -17.57 4.53
C THR D 39 40.06 -17.13 5.47
N ASN D 40 39.65 -15.86 5.34
CA ASN D 40 38.60 -15.31 6.21
C ASN D 40 37.64 -14.46 5.37
N LEU D 41 36.35 -14.76 5.46
CA LEU D 41 35.37 -14.02 4.69
C LEU D 41 34.85 -12.77 5.39
N GLY D 42 35.45 -12.43 6.53
CA GLY D 42 35.02 -11.27 7.27
C GLY D 42 33.90 -11.59 8.23
N VAL D 43 32.96 -10.66 8.40
CA VAL D 43 31.83 -10.87 9.30
C VAL D 43 30.55 -10.95 8.49
N PRO D 44 29.51 -11.59 9.04
CA PRO D 44 28.26 -11.68 8.28
C PRO D 44 27.63 -10.29 8.12
N LEU D 45 27.12 -10.01 6.94
CA LEU D 45 26.45 -8.74 6.72
C LEU D 45 25.03 -8.94 7.22
N PRO D 46 24.32 -7.85 7.54
CA PRO D 46 22.95 -7.98 8.00
C PRO D 46 22.09 -8.42 6.83
N THR D 47 20.95 -9.04 7.08
CA THR D 47 20.09 -9.41 5.97
C THR D 47 19.62 -8.08 5.41
N LEU D 48 19.07 -8.11 4.20
CA LEU D 48 18.49 -6.89 3.63
C LEU D 48 17.17 -6.82 4.38
N LYS D 49 16.58 -5.63 4.55
CA LYS D 49 15.32 -5.54 5.29
C LYS D 49 14.09 -5.82 4.44
N TYR D 50 14.29 -6.49 3.31
CA TYR D 50 13.21 -6.85 2.40
C TYR D 50 13.39 -8.30 1.99
N LYS D 51 12.31 -8.94 1.58
CA LYS D 51 12.44 -10.30 1.11
C LYS D 51 12.78 -10.12 -0.38
N TYR D 52 13.18 -11.20 -1.04
CA TYR D 52 13.51 -11.14 -2.45
C TYR D 52 12.34 -11.69 -3.26
N LYS D 53 11.88 -10.92 -4.22
CA LYS D 53 10.76 -11.33 -5.06
C LYS D 53 11.29 -11.99 -6.33
N GLN D 54 10.91 -13.24 -6.56
CA GLN D 54 11.36 -13.96 -7.76
C GLN D 54 10.76 -13.40 -9.03
N LEU E 13 -37.08 53.37 15.99
CA LEU E 13 -36.56 51.97 16.10
C LEU E 13 -35.04 51.98 16.15
N ALA E 14 -34.44 52.74 15.25
CA ALA E 14 -32.98 52.85 15.18
C ALA E 14 -32.45 53.39 16.50
N LYS E 15 -33.23 54.26 17.14
CA LYS E 15 -32.83 54.83 18.42
C LYS E 15 -33.00 53.80 19.52
N THR E 16 -34.10 53.04 19.46
CA THR E 16 -34.36 52.00 20.44
C THR E 16 -33.20 51.03 20.50
N LEU E 17 -32.73 50.62 19.33
CA LEU E 17 -31.61 49.70 19.23
C LEU E 17 -30.35 50.28 19.83
N GLN E 18 -30.06 51.54 19.51
CA GLN E 18 -28.88 52.22 20.03
C GLN E 18 -28.89 52.22 21.57
N ARG E 19 -30.04 52.53 22.15
CA ARG E 19 -30.19 52.55 23.60
C ARG E 19 -29.97 51.14 24.13
N PHE E 20 -30.50 50.16 23.39
CA PHE E 20 -30.37 48.76 23.76
C PHE E 20 -28.90 48.35 23.72
N GLU E 21 -28.23 48.66 22.62
CA GLU E 21 -26.82 48.31 22.46
C GLU E 21 -25.97 48.83 23.61
N ASN E 22 -26.10 50.11 23.93
CA ASN E 22 -25.34 50.71 25.02
C ASN E 22 -25.57 49.97 26.32
N LYS E 23 -26.79 49.50 26.53
CA LYS E 23 -27.13 48.77 27.75
C LYS E 23 -26.30 47.48 27.72
N ILE E 24 -26.15 46.92 26.54
CA ILE E 24 -25.38 45.69 26.37
C ILE E 24 -23.89 45.99 26.54
N LYS E 25 -23.42 47.08 25.94
CA LYS E 25 -22.02 47.46 26.05
C LYS E 25 -21.68 47.66 27.52
N ALA E 26 -22.67 48.10 28.29
CA ALA E 26 -22.48 48.33 29.73
C ALA E 26 -22.45 47.03 30.51
N GLY E 27 -23.12 46.01 29.98
CA GLY E 27 -23.16 44.73 30.66
C GLY E 27 -24.47 44.55 31.40
N ASP E 28 -25.34 45.55 31.29
CA ASP E 28 -26.66 45.51 31.93
C ASP E 28 -27.55 44.64 31.05
N TYR E 29 -27.24 43.35 31.01
CA TYR E 29 -27.96 42.39 30.19
C TYR E 29 -29.43 42.20 30.56
N TYR E 30 -29.71 41.96 31.84
CA TYR E 30 -31.09 41.77 32.26
C TYR E 30 -31.97 42.95 31.87
N GLU E 31 -31.49 44.16 32.13
CA GLU E 31 -32.24 45.37 31.81
C GLU E 31 -32.48 45.48 30.31
N ALA E 32 -31.43 45.24 29.52
CA ALA E 32 -31.54 45.31 28.08
C ALA E 32 -32.58 44.30 27.60
N HIS E 33 -32.52 43.09 28.17
CA HIS E 33 -33.44 42.01 27.82
C HIS E 33 -34.89 42.35 28.16
N GLN E 34 -35.13 42.75 29.39
CA GLN E 34 -36.47 43.08 29.85
C GLN E 34 -37.06 44.25 29.07
N THR E 35 -36.27 45.29 28.88
CA THR E 35 -36.73 46.47 28.15
C THR E 35 -37.11 46.14 26.72
N LEU E 36 -36.28 45.34 26.04
CA LEU E 36 -36.54 44.98 24.66
C LEU E 36 -37.84 44.21 24.49
N ARG E 37 -38.07 43.22 25.36
CA ARG E 37 -39.29 42.43 25.26
C ARG E 37 -40.52 43.32 25.49
N THR E 38 -40.42 44.25 26.43
CA THR E 38 -41.54 45.14 26.72
C THR E 38 -41.93 45.90 25.45
N ILE E 39 -40.93 46.44 24.75
CA ILE E 39 -41.16 47.19 23.52
C ILE E 39 -41.68 46.27 22.43
N ALA E 40 -41.10 45.07 22.33
CA ALA E 40 -41.54 44.11 21.33
C ALA E 40 -42.99 43.73 21.60
N ASN E 41 -43.34 43.60 22.88
CA ASN E 41 -44.70 43.25 23.26
C ASN E 41 -45.70 44.26 22.68
N ARG E 42 -45.36 45.54 22.76
CA ARG E 42 -46.23 46.60 22.23
C ARG E 42 -46.44 46.46 20.73
N TYR E 43 -45.35 46.31 19.99
CA TYR E 43 -45.44 46.16 18.54
C TYR E 43 -46.35 44.99 18.20
N VAL E 44 -46.16 43.87 18.91
CA VAL E 44 -46.97 42.69 18.66
C VAL E 44 -48.44 42.95 18.93
N ARG E 45 -48.74 43.58 20.07
CA ARG E 45 -50.12 43.90 20.40
C ARG E 45 -50.71 44.80 19.31
N SER E 46 -49.85 45.63 18.73
CA SER E 46 -50.28 46.56 17.67
C SER E 46 -50.30 45.86 16.31
N LYS E 47 -49.85 44.60 16.28
CA LYS E 47 -49.80 43.83 15.05
C LYS E 47 -48.75 44.38 14.09
N SER E 48 -47.77 45.09 14.63
CA SER E 48 -46.69 45.66 13.84
C SER E 48 -45.59 44.59 13.86
N TYR E 49 -45.92 43.43 13.29
CA TYR E 49 -45.01 42.29 13.26
C TYR E 49 -43.66 42.55 12.60
N GLU E 50 -43.65 43.36 11.54
CA GLU E 50 -42.40 43.66 10.86
C GLU E 50 -41.45 44.30 11.85
N HIS E 51 -41.96 45.26 12.63
CA HIS E 51 -41.16 45.97 13.62
C HIS E 51 -40.68 45.01 14.71
N ALA E 52 -41.60 44.17 15.19
CA ALA E 52 -41.27 43.21 16.23
C ALA E 52 -40.12 42.31 15.79
N ILE E 53 -40.27 41.71 14.61
CA ILE E 53 -39.26 40.82 14.07
C ILE E 53 -37.88 41.46 13.98
N GLU E 54 -37.82 42.68 13.45
CA GLU E 54 -36.55 43.39 13.33
C GLU E 54 -35.95 43.66 14.71
N LEU E 55 -36.78 44.11 15.63
CA LEU E 55 -36.34 44.40 16.99
C LEU E 55 -35.86 43.16 17.73
N ILE E 56 -36.69 42.12 17.73
CA ILE E 56 -36.34 40.88 18.42
C ILE E 56 -35.11 40.20 17.83
N SER E 57 -35.05 40.08 16.51
CA SER E 57 -33.91 39.42 15.88
C SER E 57 -32.60 40.13 16.17
N GLN E 58 -32.59 41.46 16.12
CA GLN E 58 -31.38 42.21 16.41
C GLN E 58 -30.98 42.03 17.86
N GLY E 59 -31.96 42.04 18.75
CA GLY E 59 -31.68 41.86 20.16
C GLY E 59 -31.04 40.51 20.41
N ALA E 60 -31.58 39.48 19.77
CA ALA E 60 -31.06 38.12 19.92
C ALA E 60 -29.61 38.02 19.44
N LEU E 61 -29.35 38.60 18.27
CA LEU E 61 -28.02 38.56 17.68
C LEU E 61 -26.98 39.25 18.57
N SER E 62 -27.33 40.39 19.14
CA SER E 62 -26.39 41.11 19.99
C SER E 62 -26.12 40.36 21.29
N PHE E 63 -27.15 39.74 21.86
CA PHE E 63 -26.95 38.98 23.08
C PHE E 63 -26.02 37.79 22.83
N LEU E 64 -26.20 37.13 21.69
CA LEU E 64 -25.36 35.99 21.34
C LEU E 64 -23.90 36.41 21.14
N LYS E 65 -23.70 37.56 20.50
CA LYS E 65 -22.35 38.05 20.25
C LYS E 65 -21.69 38.48 21.56
N ALA E 66 -22.51 38.79 22.57
CA ALA E 66 -22.01 39.19 23.88
C ALA E 66 -21.84 37.95 24.75
N LYS E 67 -21.97 36.78 24.11
CA LYS E 67 -21.84 35.50 24.79
C LYS E 67 -22.91 35.28 25.87
N GLN E 68 -24.08 35.86 25.65
CA GLN E 68 -25.19 35.71 26.58
C GLN E 68 -26.23 34.77 25.96
N GLY E 69 -25.90 33.49 25.92
CA GLY E 69 -26.78 32.50 25.34
C GLY E 69 -28.18 32.48 25.92
N GLY E 70 -28.28 32.51 27.24
CA GLY E 70 -29.58 32.51 27.88
C GLY E 70 -30.53 33.53 27.28
N SER E 71 -30.15 34.80 27.36
CA SER E 71 -30.98 35.87 26.82
C SER E 71 -31.11 35.76 25.31
N GLY E 72 -30.03 35.39 24.64
CA GLY E 72 -30.07 35.25 23.19
C GLY E 72 -31.07 34.22 22.70
N THR E 73 -31.03 33.02 23.26
CA THR E 73 -31.96 31.97 22.82
C THR E 73 -33.39 32.30 23.21
N ASP E 74 -33.57 32.97 24.34
CA ASP E 74 -34.91 33.35 24.76
C ASP E 74 -35.55 34.22 23.69
N LEU E 75 -34.77 35.15 23.15
CA LEU E 75 -35.29 36.04 22.11
C LEU E 75 -35.50 35.31 20.78
N ILE E 76 -34.74 34.24 20.55
CA ILE E 76 -34.92 33.46 19.32
C ILE E 76 -36.28 32.76 19.39
N PHE E 77 -36.60 32.20 20.56
CA PHE E 77 -37.89 31.53 20.71
C PHE E 77 -39.00 32.56 20.51
N TYR E 78 -38.76 33.77 21.00
CA TYR E 78 -39.73 34.85 20.85
C TYR E 78 -39.85 35.14 19.35
N LEU E 79 -38.71 35.26 18.67
CA LEU E 79 -38.71 35.54 17.24
C LEU E 79 -39.52 34.50 16.46
N LEU E 80 -39.30 33.23 16.78
CA LEU E 80 -40.00 32.14 16.09
C LEU E 80 -41.51 32.14 16.36
N GLU E 81 -41.90 32.58 17.56
CA GLU E 81 -43.32 32.64 17.89
C GLU E 81 -43.97 33.76 17.08
N VAL E 82 -43.25 34.87 16.89
CA VAL E 82 -43.78 35.98 16.10
C VAL E 82 -43.80 35.57 14.62
N TYR E 83 -42.81 34.78 14.20
CA TYR E 83 -42.75 34.27 12.83
C TYR E 83 -44.05 33.50 12.55
N ASP E 84 -44.47 32.71 13.52
CA ASP E 84 -45.68 31.91 13.39
C ASP E 84 -46.91 32.82 13.40
N LEU E 85 -46.95 33.72 14.38
CA LEU E 85 -48.06 34.66 14.50
C LEU E 85 -48.25 35.50 13.24
N ALA E 86 -47.15 36.01 12.70
CA ALA E 86 -47.20 36.84 11.50
C ALA E 86 -47.27 36.00 10.22
N GLU E 87 -47.22 34.69 10.38
CA GLU E 87 -47.27 33.78 9.23
C GLU E 87 -46.16 34.06 8.23
N VAL E 88 -44.95 34.28 8.74
CA VAL E 88 -43.80 34.55 7.89
C VAL E 88 -43.46 33.36 7.00
N LYS E 89 -43.57 33.57 5.70
CA LYS E 89 -43.28 32.53 4.72
C LYS E 89 -41.79 32.23 4.70
N VAL E 90 -41.45 30.97 4.43
CA VAL E 90 -40.06 30.57 4.34
C VAL E 90 -39.52 31.09 3.00
N ASP E 91 -38.51 31.95 3.05
CA ASP E 91 -37.90 32.48 1.84
C ASP E 91 -36.50 33.00 2.15
N ASP E 92 -35.81 33.50 1.14
CA ASP E 92 -34.46 34.00 1.32
C ASP E 92 -34.27 34.88 2.56
N ILE E 93 -35.13 35.88 2.71
CA ILE E 93 -35.00 36.80 3.84
C ILE E 93 -35.29 36.20 5.22
N SER E 94 -36.41 35.50 5.35
CA SER E 94 -36.77 34.90 6.64
C SER E 94 -35.77 33.82 7.06
N VAL E 95 -35.27 33.07 6.08
CA VAL E 95 -34.29 32.03 6.37
C VAL E 95 -32.94 32.66 6.70
N ALA E 96 -32.52 33.64 5.92
CA ALA E 96 -31.24 34.30 6.16
C ALA E 96 -31.14 34.85 7.57
N ARG E 97 -32.26 35.38 8.07
CA ARG E 97 -32.30 35.92 9.42
C ARG E 97 -31.97 34.87 10.47
N LEU E 98 -32.45 33.64 10.27
CA LEU E 98 -32.19 32.56 11.21
C LEU E 98 -30.76 32.03 11.07
N VAL E 99 -30.27 32.00 9.83
CA VAL E 99 -28.92 31.53 9.56
C VAL E 99 -27.90 32.41 10.26
N ARG E 100 -28.12 33.72 10.23
CA ARG E 100 -27.21 34.66 10.88
C ARG E 100 -27.15 34.40 12.39
N LEU E 101 -28.30 34.06 12.96
CA LEU E 101 -28.38 33.78 14.39
C LEU E 101 -27.64 32.49 14.73
N ILE E 102 -27.81 31.47 13.89
CA ILE E 102 -27.16 30.18 14.09
C ILE E 102 -25.64 30.31 14.10
N ALA E 103 -25.12 31.21 13.27
CA ALA E 103 -23.67 31.42 13.20
C ALA E 103 -23.08 31.92 14.53
N GLU E 104 -23.90 32.56 15.36
CA GLU E 104 -23.44 33.09 16.65
C GLU E 104 -23.81 32.17 17.82
N LEU E 105 -24.48 31.07 17.50
CA LEU E 105 -24.92 30.13 18.52
C LEU E 105 -23.82 29.16 18.95
N ASP E 106 -23.50 29.19 20.24
CA ASP E 106 -22.48 28.32 20.82
C ASP E 106 -22.97 26.89 20.74
N PRO E 107 -22.18 25.98 20.13
CA PRO E 107 -22.58 24.58 20.02
C PRO E 107 -22.84 23.89 21.35
N SER E 108 -22.44 24.51 22.44
CA SER E 108 -22.66 23.91 23.75
C SER E 108 -23.83 24.53 24.52
N GLU E 109 -24.59 25.42 23.87
CA GLU E 109 -25.74 26.01 24.55
C GLU E 109 -26.64 24.86 24.99
N PRO E 110 -27.04 24.86 26.27
CA PRO E 110 -27.90 23.80 26.80
C PRO E 110 -29.20 23.56 26.04
N ASN E 111 -29.77 24.61 25.44
CA ASN E 111 -31.02 24.46 24.70
C ASN E 111 -30.84 24.58 23.18
N LEU E 112 -29.65 24.21 22.71
CA LEU E 112 -29.34 24.28 21.28
C LEU E 112 -30.33 23.46 20.46
N LYS E 113 -30.63 22.25 20.93
CA LYS E 113 -31.53 21.35 20.23
C LYS E 113 -32.95 21.93 20.07
N ASP E 114 -33.49 22.51 21.15
CA ASP E 114 -34.83 23.08 21.11
C ASP E 114 -34.89 24.29 20.18
N VAL E 115 -33.82 25.06 20.14
CA VAL E 115 -33.76 26.22 19.26
C VAL E 115 -33.83 25.77 17.79
N ILE E 116 -33.02 24.77 17.46
CA ILE E 116 -32.95 24.24 16.10
C ILE E 116 -34.27 23.59 15.70
N THR E 117 -34.89 22.88 16.64
CA THR E 117 -36.17 22.23 16.41
C THR E 117 -37.19 23.32 16.09
N GLY E 118 -37.14 24.41 16.85
CA GLY E 118 -38.06 25.50 16.62
C GLY E 118 -37.88 26.10 15.23
N MET E 119 -36.63 26.19 14.78
CA MET E 119 -36.39 26.76 13.46
C MET E 119 -36.89 25.80 12.39
N ASN E 120 -36.58 24.52 12.55
CA ASN E 120 -37.00 23.53 11.57
C ASN E 120 -38.53 23.44 11.48
N ASN E 121 -39.21 23.47 12.62
CA ASN E 121 -40.67 23.38 12.64
C ASN E 121 -41.33 24.55 11.89
N TRP E 122 -40.83 25.76 12.13
CA TRP E 122 -41.37 26.92 11.44
C TRP E 122 -41.21 26.69 9.94
N SER E 123 -40.03 26.21 9.54
CA SER E 123 -39.76 25.99 8.12
C SER E 123 -40.67 24.94 7.50
N ILE E 124 -41.09 23.96 8.30
CA ILE E 124 -42.00 22.94 7.80
C ILE E 124 -43.37 23.57 7.59
N LYS E 125 -43.86 24.28 8.61
CA LYS E 125 -45.17 24.93 8.56
C LYS E 125 -45.36 25.96 7.48
N PHE E 126 -44.31 26.73 7.17
CA PHE E 126 -44.44 27.79 6.19
C PHE E 126 -43.67 27.68 4.88
N SER E 127 -43.55 26.43 4.39
CA SER E 127 -42.87 26.15 3.14
C SER E 127 -43.56 24.92 2.52
N GLU E 128 -43.11 24.52 1.34
CA GLU E 128 -43.70 23.36 0.66
C GLU E 128 -42.99 22.06 1.04
N TYR E 129 -42.08 22.14 2.01
CA TYR E 129 -41.33 20.95 2.44
C TYR E 129 -41.86 20.31 3.71
N LYS E 130 -42.43 19.12 3.55
CA LYS E 130 -43.00 18.37 4.66
C LYS E 130 -42.02 18.18 5.82
N PHE E 131 -40.73 18.11 5.52
CA PHE E 131 -39.73 17.91 6.56
C PHE E 131 -38.81 19.10 6.80
N GLY E 132 -39.14 20.23 6.20
CA GLY E 132 -38.31 21.41 6.39
C GLY E 132 -37.54 21.88 5.17
N ASP E 133 -37.19 23.17 5.17
CA ASP E 133 -36.44 23.76 4.08
C ASP E 133 -35.06 23.14 3.94
N PRO E 134 -34.72 22.64 2.74
CA PRO E 134 -33.39 22.04 2.55
C PRO E 134 -32.20 22.98 2.76
N TYR E 135 -32.33 24.25 2.39
CA TYR E 135 -31.22 25.18 2.58
C TYR E 135 -30.99 25.41 4.06
N LEU E 136 -32.07 25.60 4.82
CA LEU E 136 -31.93 25.80 6.25
C LEU E 136 -31.27 24.54 6.84
N HIS E 137 -31.70 23.37 6.36
CA HIS E 137 -31.15 22.10 6.84
C HIS E 137 -29.64 22.03 6.66
N ASN E 138 -29.13 22.62 5.58
CA ASN E 138 -27.69 22.59 5.32
C ASN E 138 -26.94 23.30 6.45
N THR E 139 -27.50 24.38 6.94
CA THR E 139 -26.88 25.14 8.01
C THR E 139 -27.09 24.51 9.40
N ILE E 140 -28.34 24.19 9.74
CA ILE E 140 -28.58 23.64 11.06
C ILE E 140 -28.00 22.24 11.24
N GLY E 141 -27.85 21.51 10.15
CA GLY E 141 -27.27 20.17 10.23
C GLY E 141 -25.83 20.24 10.73
N SER E 142 -25.07 21.20 10.22
CA SER E 142 -23.68 21.34 10.65
C SER E 142 -23.60 21.79 12.11
N LYS E 143 -24.53 22.65 12.52
CA LYS E 143 -24.55 23.15 13.90
C LYS E 143 -24.86 22.00 14.85
N LEU E 144 -25.83 21.15 14.48
CA LEU E 144 -26.18 20.00 15.31
C LEU E 144 -24.99 19.07 15.44
N LEU E 145 -24.28 18.83 14.34
CA LEU E 145 -23.11 17.96 14.36
C LEU E 145 -22.09 18.54 15.34
N GLU E 146 -21.88 19.85 15.25
CA GLU E 146 -20.95 20.54 16.13
C GLU E 146 -21.37 20.37 17.60
N GLY E 147 -22.67 20.23 17.84
CA GLY E 147 -23.18 20.05 19.19
C GLY E 147 -23.30 18.61 19.63
N ASP E 148 -22.80 17.71 18.80
CA ASP E 148 -22.81 16.26 19.06
C ASP E 148 -24.17 15.57 18.91
N PHE E 149 -25.01 16.08 18.01
CA PHE E 149 -26.31 15.48 17.73
C PHE E 149 -26.14 14.90 16.33
N VAL E 150 -25.42 13.79 16.27
CA VAL E 150 -25.07 13.14 15.01
C VAL E 150 -26.23 12.57 14.19
N TYR E 151 -27.16 11.89 14.83
CA TYR E 151 -28.28 11.32 14.08
C TYR E 151 -29.22 12.40 13.55
N GLU E 152 -29.31 13.51 14.26
CA GLU E 152 -30.15 14.60 13.80
C GLU E 152 -29.45 15.29 12.64
N ALA E 153 -28.13 15.42 12.74
CA ALA E 153 -27.34 16.05 11.68
C ALA E 153 -27.53 15.24 10.40
N GLU E 154 -27.44 13.93 10.52
CA GLU E 154 -27.60 13.04 9.39
C GLU E 154 -28.97 13.24 8.74
N ARG E 155 -30.01 13.28 9.58
CA ARG E 155 -31.37 13.46 9.08
C ARG E 155 -31.49 14.78 8.31
N TYR E 156 -30.98 15.86 8.88
CA TYR E 156 -31.07 17.14 8.21
C TYR E 156 -30.22 17.18 6.93
N PHE E 157 -29.07 16.53 6.94
CA PHE E 157 -28.23 16.53 5.74
C PHE E 157 -28.92 15.73 4.63
N MET E 158 -29.48 14.58 5.00
CA MET E 158 -30.17 13.73 4.04
C MET E 158 -31.32 14.49 3.39
N LEU E 159 -31.95 15.37 4.17
CA LEU E 159 -33.08 16.17 3.69
C LEU E 159 -32.61 17.57 3.29
N GLY E 160 -31.33 17.66 2.92
CA GLY E 160 -30.75 18.94 2.55
C GLY E 160 -30.47 19.12 1.08
N THR E 161 -29.44 19.91 0.79
CA THR E 161 -29.05 20.23 -0.58
C THR E 161 -27.85 19.40 -1.01
N HIS E 162 -27.35 19.67 -2.21
CA HIS E 162 -26.18 18.93 -2.70
C HIS E 162 -25.02 19.17 -1.75
N ASP E 163 -24.89 20.39 -1.22
CA ASP E 163 -23.82 20.71 -0.28
C ASP E 163 -23.94 19.84 0.98
N SER E 164 -25.18 19.56 1.38
CA SER E 164 -25.46 18.74 2.55
C SER E 164 -25.00 17.31 2.29
N MET E 165 -25.20 16.83 1.06
CA MET E 165 -24.79 15.48 0.69
C MET E 165 -23.28 15.34 0.90
N ILE E 166 -22.54 16.36 0.49
CA ILE E 166 -21.10 16.36 0.66
C ILE E 166 -20.75 16.30 2.15
N LYS E 167 -21.44 17.12 2.96
CA LYS E 167 -21.20 17.15 4.40
C LYS E 167 -21.55 15.82 5.03
N TYR E 168 -22.58 15.18 4.50
CA TYR E 168 -23.04 13.90 4.99
C TYR E 168 -21.98 12.82 4.75
N VAL E 169 -21.40 12.80 3.55
CA VAL E 169 -20.36 11.81 3.27
C VAL E 169 -19.21 12.01 4.24
N ASP E 170 -18.85 13.27 4.48
CA ASP E 170 -17.76 13.61 5.39
C ASP E 170 -18.09 13.14 6.80
N LEU E 171 -19.36 13.30 7.18
CA LEU E 171 -19.80 12.88 8.50
C LEU E 171 -19.54 11.38 8.69
N LEU E 172 -20.02 10.58 7.75
CA LEU E 172 -19.85 9.13 7.84
C LEU E 172 -18.41 8.69 7.68
N TRP E 173 -17.72 9.29 6.71
CA TRP E 173 -16.33 8.95 6.47
C TRP E 173 -15.46 9.24 7.69
N ASP E 174 -15.63 10.42 8.28
CA ASP E 174 -14.84 10.77 9.46
C ASP E 174 -15.18 9.85 10.62
N TRP E 175 -16.46 9.50 10.76
CA TRP E 175 -16.90 8.62 11.83
C TRP E 175 -16.25 7.25 11.65
N LEU E 176 -16.26 6.73 10.42
CA LEU E 176 -15.64 5.44 10.13
C LEU E 176 -14.16 5.43 10.55
N CYS E 177 -13.41 6.45 10.16
CA CYS E 177 -11.99 6.52 10.50
C CYS E 177 -11.79 6.59 12.02
N GLN E 178 -12.83 7.01 12.74
CA GLN E 178 -12.80 7.12 14.20
C GLN E 178 -12.73 5.76 14.91
N VAL E 179 -13.56 4.83 14.45
CA VAL E 179 -13.65 3.51 15.09
C VAL E 179 -12.53 2.48 14.90
N ASP E 180 -11.51 2.82 14.12
CA ASP E 180 -10.40 1.88 13.91
C ASP E 180 -10.90 0.46 13.63
N ASP E 181 -11.80 0.32 12.67
CA ASP E 181 -12.34 -0.98 12.34
C ASP E 181 -12.83 -1.02 10.88
N ILE E 182 -12.15 -1.80 10.04
CA ILE E 182 -12.56 -1.90 8.65
C ILE E 182 -13.06 -3.28 8.28
N GLU E 183 -13.69 -3.96 9.24
CA GLU E 183 -14.28 -5.27 9.02
C GLU E 183 -15.39 -4.96 8.01
N ASP E 184 -15.67 -5.88 7.09
CA ASP E 184 -16.72 -5.64 6.10
C ASP E 184 -18.03 -5.20 6.72
N SER E 185 -18.47 -5.90 7.77
CA SER E 185 -19.74 -5.55 8.41
C SER E 185 -19.77 -4.13 8.98
N THR E 186 -18.61 -3.65 9.45
CA THR E 186 -18.53 -2.31 10.01
C THR E 186 -18.57 -1.24 8.91
N VAL E 187 -17.74 -1.42 7.88
CA VAL E 187 -17.73 -0.47 6.78
C VAL E 187 -19.12 -0.40 6.14
N ALA E 188 -19.75 -1.55 5.98
CA ALA E 188 -21.09 -1.61 5.40
C ALA E 188 -22.11 -0.85 6.24
N GLU E 189 -21.89 -0.81 7.56
CA GLU E 189 -22.80 -0.10 8.45
C GLU E 189 -22.84 1.38 8.09
N PHE E 190 -21.72 1.91 7.62
CA PHE E 190 -21.64 3.32 7.24
C PHE E 190 -22.08 3.53 5.79
N PHE E 191 -21.54 2.71 4.90
CA PHE E 191 -21.86 2.80 3.47
C PHE E 191 -23.35 2.64 3.19
N SER E 192 -23.97 1.65 3.83
CA SER E 192 -25.38 1.36 3.61
C SER E 192 -26.31 2.51 3.95
N ARG E 193 -25.88 3.43 4.81
CA ARG E 193 -26.73 4.55 5.18
C ARG E 193 -26.91 5.50 4.00
N LEU E 194 -25.87 5.67 3.20
CA LEU E 194 -25.95 6.55 2.03
C LEU E 194 -26.89 5.92 1.00
N VAL E 195 -26.71 4.62 0.76
CA VAL E 195 -27.52 3.91 -0.21
C VAL E 195 -29.00 3.90 0.18
N PHE E 196 -29.30 3.42 1.38
CA PHE E 196 -30.69 3.34 1.84
C PHE E 196 -31.37 4.69 1.96
N ASN E 197 -30.72 5.65 2.62
CA ASN E 197 -31.33 6.96 2.79
C ASN E 197 -31.64 7.65 1.48
N TYR E 198 -30.71 7.62 0.52
CA TYR E 198 -30.99 8.27 -0.74
C TYR E 198 -31.99 7.49 -1.59
N LEU E 199 -32.03 6.16 -1.42
CA LEU E 199 -33.01 5.35 -2.15
C LEU E 199 -34.39 5.67 -1.56
N PHE E 200 -34.46 5.80 -0.24
CA PHE E 200 -35.73 6.11 0.39
C PHE E 200 -36.32 7.43 -0.14
N ILE E 201 -35.52 8.49 -0.21
CA ILE E 201 -36.03 9.77 -0.71
C ILE E 201 -35.96 9.86 -2.24
N SER E 202 -35.66 8.74 -2.87
CA SER E 202 -35.58 8.66 -4.32
C SER E 202 -34.67 9.64 -5.03
N ASN E 203 -33.51 9.92 -4.44
CA ASN E 203 -32.55 10.78 -5.11
C ASN E 203 -31.43 9.84 -5.53
N ILE E 204 -31.63 9.19 -6.67
CA ILE E 204 -30.66 8.25 -7.22
C ILE E 204 -29.34 8.95 -7.54
N SER E 205 -29.44 10.23 -7.92
CA SER E 205 -28.27 11.02 -8.25
C SER E 205 -27.35 11.15 -7.03
N PHE E 206 -27.91 11.51 -5.89
CA PHE E 206 -27.13 11.66 -4.67
C PHE E 206 -26.59 10.30 -4.22
N ALA E 207 -27.38 9.26 -4.41
CA ALA E 207 -26.95 7.92 -4.01
C ALA E 207 -25.65 7.56 -4.73
N HIS E 208 -25.62 7.79 -6.04
CA HIS E 208 -24.44 7.47 -6.84
C HIS E 208 -23.26 8.38 -6.51
N GLU E 209 -23.52 9.69 -6.42
CA GLU E 209 -22.46 10.64 -6.12
C GLU E 209 -21.83 10.41 -4.75
N SER E 210 -22.68 10.20 -3.74
CA SER E 210 -22.18 9.99 -2.39
C SER E 210 -21.43 8.67 -2.32
N LYS E 211 -21.95 7.65 -3.00
CA LYS E 211 -21.31 6.33 -3.03
C LYS E 211 -19.93 6.43 -3.64
N ASP E 212 -19.81 7.21 -4.72
CA ASP E 212 -18.54 7.39 -5.41
C ASP E 212 -17.48 8.00 -4.54
N ILE E 213 -17.84 9.07 -3.83
CA ILE E 213 -16.90 9.74 -2.95
C ILE E 213 -16.47 8.80 -1.83
N PHE E 214 -17.44 8.14 -1.21
CA PHE E 214 -17.15 7.23 -0.11
C PHE E 214 -16.28 6.06 -0.52
N LEU E 215 -16.61 5.40 -1.64
CA LEU E 215 -15.83 4.26 -2.07
C LEU E 215 -14.42 4.67 -2.53
N GLU E 216 -14.31 5.82 -3.16
CA GLU E 216 -13.00 6.29 -3.61
C GLU E 216 -12.11 6.57 -2.40
N ARG E 217 -12.69 7.16 -1.36
CA ARG E 217 -11.92 7.44 -0.15
C ARG E 217 -11.49 6.14 0.52
N PHE E 218 -12.39 5.17 0.55
CA PHE E 218 -12.10 3.88 1.18
C PHE E 218 -10.97 3.16 0.45
N ILE E 219 -11.04 3.14 -0.88
CA ILE E 219 -10.04 2.49 -1.71
C ILE E 219 -8.67 3.13 -1.59
N GLU E 220 -8.64 4.46 -1.62
CA GLU E 220 -7.38 5.19 -1.52
C GLU E 220 -6.73 5.12 -0.15
N LYS E 221 -7.55 5.05 0.88
CA LYS E 221 -7.05 5.01 2.26
C LYS E 221 -6.62 3.63 2.73
N PHE E 222 -7.46 2.63 2.49
CA PHE E 222 -7.17 1.29 2.98
C PHE E 222 -6.71 0.25 1.96
N HIS E 223 -6.63 0.66 0.70
CA HIS E 223 -6.19 -0.22 -0.38
C HIS E 223 -6.68 -1.67 -0.29
N PRO E 224 -8.01 -1.88 -0.29
CA PRO E 224 -8.47 -3.27 -0.23
C PRO E 224 -8.27 -3.87 -1.62
N LYS E 225 -8.31 -5.20 -1.72
CA LYS E 225 -8.17 -5.85 -3.02
C LYS E 225 -9.48 -5.68 -3.78
N TYR E 226 -9.41 -5.21 -5.01
CA TYR E 226 -10.63 -5.01 -5.78
C TYR E 226 -10.42 -5.01 -7.28
N GLU E 227 -11.53 -5.12 -8.01
CA GLU E 227 -11.53 -5.11 -9.46
C GLU E 227 -12.76 -4.33 -9.90
N LYS E 228 -12.57 -3.33 -10.74
CA LYS E 228 -13.69 -2.55 -11.23
C LYS E 228 -14.37 -3.29 -12.37
N ILE E 229 -15.68 -3.39 -12.31
CA ILE E 229 -16.44 -4.06 -13.36
C ILE E 229 -17.30 -2.98 -14.01
N ASP E 230 -17.11 -2.78 -15.31
CA ASP E 230 -17.84 -1.76 -16.04
C ASP E 230 -18.71 -2.35 -17.14
N LYS E 231 -20.01 -2.09 -17.05
CA LYS E 231 -20.95 -2.59 -18.04
C LYS E 231 -22.00 -1.55 -18.37
N ASN E 232 -22.17 -1.30 -19.66
CA ASN E 232 -23.18 -0.38 -20.14
C ASN E 232 -23.25 0.96 -19.43
N GLY E 233 -22.10 1.54 -19.09
CA GLY E 233 -22.10 2.83 -18.43
C GLY E 233 -22.23 2.78 -16.91
N TYR E 234 -22.35 1.59 -16.36
CA TYR E 234 -22.45 1.43 -14.91
C TYR E 234 -21.18 0.75 -14.39
N GLU E 235 -20.74 1.14 -13.21
CA GLU E 235 -19.54 0.55 -12.64
C GLU E 235 -19.79 -0.02 -11.25
N ILE E 236 -19.20 -1.17 -11.00
CA ILE E 236 -19.30 -1.82 -9.69
C ILE E 236 -17.86 -2.09 -9.25
N VAL E 237 -17.52 -1.66 -8.04
CA VAL E 237 -16.19 -1.95 -7.53
C VAL E 237 -16.34 -3.30 -6.84
N PHE E 238 -15.79 -4.34 -7.45
CA PHE E 238 -15.89 -5.66 -6.86
C PHE E 238 -14.80 -5.86 -5.82
N PHE E 239 -15.21 -5.94 -4.56
CA PHE E 239 -14.27 -6.14 -3.46
C PHE E 239 -14.17 -7.64 -3.18
N GLU E 240 -12.95 -8.15 -3.15
CA GLU E 240 -12.76 -9.56 -2.88
C GLU E 240 -13.06 -9.87 -1.41
N ASP E 241 -12.81 -8.92 -0.52
CA ASP E 241 -13.04 -9.14 0.90
C ASP E 241 -14.17 -8.33 1.54
N TYR E 242 -14.99 -7.69 0.71
CA TYR E 242 -16.11 -6.87 1.21
C TYR E 242 -17.37 -7.20 0.42
N SER E 243 -17.87 -8.41 0.62
CA SER E 243 -19.07 -8.88 -0.07
C SER E 243 -20.29 -8.02 0.22
N ASP E 244 -20.36 -7.47 1.44
CA ASP E 244 -21.49 -6.62 1.83
C ASP E 244 -21.50 -5.36 0.96
N LEU E 245 -20.31 -4.79 0.73
CA LEU E 245 -20.20 -3.60 -0.10
C LEU E 245 -20.58 -3.91 -1.55
N ASN E 246 -20.29 -5.14 -1.98
CA ASN E 246 -20.64 -5.54 -3.34
C ASN E 246 -22.16 -5.58 -3.45
N PHE E 247 -22.80 -6.16 -2.44
CA PHE E 247 -24.25 -6.29 -2.39
C PHE E 247 -24.94 -4.92 -2.41
N LEU E 248 -24.48 -4.02 -1.56
CA LEU E 248 -25.06 -2.69 -1.48
C LEU E 248 -24.96 -1.89 -2.78
N GLN E 249 -23.87 -2.06 -3.53
CA GLN E 249 -23.72 -1.36 -4.80
C GLN E 249 -24.72 -1.91 -5.82
N LEU E 250 -24.90 -3.22 -5.81
CA LEU E 250 -25.84 -3.87 -6.73
C LEU E 250 -27.27 -3.51 -6.34
N LEU E 251 -27.49 -3.36 -5.04
CA LEU E 251 -28.82 -3.02 -4.53
C LEU E 251 -29.28 -1.71 -5.16
N LEU E 252 -28.39 -0.73 -5.19
CA LEU E 252 -28.70 0.58 -5.77
C LEU E 252 -29.20 0.48 -7.20
N ILE E 253 -28.41 -0.13 -8.07
CA ILE E 253 -28.80 -0.27 -9.47
C ILE E 253 -30.01 -1.17 -9.68
N THR E 254 -30.22 -2.14 -8.79
CA THR E 254 -31.37 -3.03 -8.94
C THR E 254 -32.65 -2.24 -8.73
N CYS E 255 -32.68 -1.38 -7.70
CA CYS E 255 -33.86 -0.56 -7.44
C CYS E 255 -34.14 0.33 -8.66
N GLN E 256 -33.07 0.75 -9.34
CA GLN E 256 -33.20 1.60 -10.53
C GLN E 256 -33.94 0.88 -11.66
N THR E 257 -33.83 -0.44 -11.73
CA THR E 257 -34.51 -1.19 -12.78
C THR E 257 -35.99 -1.38 -12.48
N LYS E 258 -36.33 -1.43 -11.20
CA LYS E 258 -37.71 -1.62 -10.76
C LYS E 258 -38.22 -2.96 -11.28
N ASP E 259 -37.29 -3.89 -11.49
CA ASP E 259 -37.60 -5.23 -11.99
C ASP E 259 -37.64 -6.22 -10.83
N LYS E 260 -38.82 -6.70 -10.46
CA LYS E 260 -38.93 -7.64 -9.33
C LYS E 260 -38.09 -8.90 -9.50
N SER E 261 -37.80 -9.30 -10.73
CA SER E 261 -37.01 -10.49 -10.97
C SER E 261 -35.56 -10.27 -10.50
N TYR E 262 -35.00 -9.12 -10.83
CA TYR E 262 -33.63 -8.81 -10.44
C TYR E 262 -33.56 -8.68 -8.92
N PHE E 263 -34.57 -8.06 -8.34
CA PHE E 263 -34.67 -7.87 -6.90
C PHE E 263 -34.56 -9.23 -6.20
N LEU E 264 -35.37 -10.18 -6.68
CA LEU E 264 -35.36 -11.53 -6.11
C LEU E 264 -34.03 -12.24 -6.35
N ASN E 265 -33.50 -12.12 -7.56
CA ASN E 265 -32.24 -12.77 -7.88
C ASN E 265 -31.10 -12.28 -6.98
N LEU E 266 -31.06 -10.97 -6.74
CA LEU E 266 -30.02 -10.41 -5.89
C LEU E 266 -30.12 -10.97 -4.47
N LYS E 267 -31.34 -10.94 -3.91
CA LYS E 267 -31.56 -11.43 -2.56
C LYS E 267 -31.28 -12.92 -2.41
N ASN E 268 -31.61 -13.70 -3.44
CA ASN E 268 -31.37 -15.14 -3.40
C ASN E 268 -29.88 -15.49 -3.35
N HIS E 269 -29.06 -14.63 -3.92
CA HIS E 269 -27.61 -14.87 -3.93
C HIS E 269 -26.97 -14.45 -2.61
N TYR E 270 -27.52 -13.42 -2.00
CA TYR E 270 -26.99 -12.89 -0.73
C TYR E 270 -27.98 -13.14 0.41
N LEU E 271 -28.20 -14.40 0.77
CA LEU E 271 -29.15 -14.73 1.83
C LEU E 271 -28.88 -14.05 3.18
N ASP E 272 -27.64 -14.08 3.64
CA ASP E 272 -27.32 -13.45 4.93
C ASP E 272 -27.62 -11.96 4.94
N PHE E 273 -27.15 -11.25 3.92
CA PHE E 273 -27.38 -9.81 3.87
C PHE E 273 -28.86 -9.48 3.71
N SER E 274 -29.60 -10.30 2.99
CA SER E 274 -31.03 -10.03 2.80
C SER E 274 -31.77 -10.17 4.14
N GLN E 275 -31.18 -10.92 5.06
CA GLN E 275 -31.76 -11.12 6.38
C GLN E 275 -31.37 -9.93 7.27
N ALA E 276 -30.10 -9.52 7.19
CA ALA E 276 -29.62 -8.40 7.98
C ALA E 276 -30.33 -7.09 7.60
N TYR E 277 -30.73 -6.97 6.34
CA TYR E 277 -31.41 -5.77 5.86
C TYR E 277 -32.87 -6.06 5.53
N LYS E 278 -33.44 -7.06 6.17
CA LYS E 278 -34.83 -7.45 5.92
C LYS E 278 -35.81 -6.29 5.89
N SER E 279 -35.78 -5.46 6.93
CA SER E 279 -36.70 -4.33 7.01
C SER E 279 -36.52 -3.32 5.89
N GLU E 280 -35.29 -2.97 5.59
CA GLU E 280 -35.02 -2.00 4.54
C GLU E 280 -35.46 -2.54 3.19
N LEU E 281 -35.12 -3.80 2.92
CA LEU E 281 -35.48 -4.43 1.64
C LEU E 281 -36.98 -4.55 1.46
N GLU E 282 -37.69 -4.85 2.54
CA GLU E 282 -39.13 -4.96 2.48
C GLU E 282 -39.72 -3.62 2.06
N PHE E 283 -39.16 -2.53 2.58
CA PHE E 283 -39.65 -1.21 2.22
C PHE E 283 -39.32 -0.90 0.75
N LEU E 284 -38.11 -1.21 0.33
CA LEU E 284 -37.71 -0.95 -1.06
C LEU E 284 -38.53 -1.81 -2.02
N GLY E 285 -38.93 -2.99 -1.57
CA GLY E 285 -39.74 -3.86 -2.39
C GLY E 285 -41.00 -3.13 -2.81
N GLN E 286 -41.60 -2.41 -1.86
CA GLN E 286 -42.82 -1.68 -2.16
C GLN E 286 -42.53 -0.38 -2.90
N GLU E 287 -41.50 0.34 -2.47
CA GLU E 287 -41.18 1.60 -3.11
C GLU E 287 -40.77 1.49 -4.58
N TYR E 288 -39.89 0.53 -4.89
CA TYR E 288 -39.40 0.37 -6.25
C TYR E 288 -39.93 -0.80 -7.06
N PHE E 289 -40.42 -1.84 -6.41
CA PHE E 289 -40.90 -3.00 -7.15
C PHE E 289 -42.40 -3.29 -7.04
N ASN E 290 -43.13 -2.38 -6.41
CA ASN E 290 -44.57 -2.53 -6.25
C ASN E 290 -44.94 -3.80 -5.52
N ILE E 291 -44.00 -4.32 -4.73
CA ILE E 291 -44.24 -5.53 -3.97
C ILE E 291 -44.71 -5.17 -2.57
N VAL E 292 -46.01 -5.21 -2.34
CA VAL E 292 -46.54 -4.88 -1.02
C VAL E 292 -46.15 -5.93 0.02
N GLY F 7 -13.89 -15.48 -7.01
CA GLY F 7 -14.06 -16.26 -8.28
C GLY F 7 -15.53 -16.40 -8.64
N PRO F 8 -16.28 -17.24 -7.91
CA PRO F 8 -17.70 -17.42 -8.20
C PRO F 8 -18.50 -16.14 -7.97
N GLU F 9 -18.20 -15.42 -6.88
CA GLU F 9 -18.92 -14.18 -6.60
C GLU F 9 -18.62 -13.15 -7.69
N HIS F 10 -17.37 -13.09 -8.13
CA HIS F 10 -16.97 -12.16 -9.18
C HIS F 10 -17.80 -12.43 -10.43
N GLU F 11 -17.98 -13.71 -10.74
CA GLU F 11 -18.76 -14.13 -11.90
C GLU F 11 -20.21 -13.73 -11.76
N PHE F 12 -20.77 -13.92 -10.57
CA PHE F 12 -22.17 -13.55 -10.34
C PHE F 12 -22.38 -12.06 -10.49
N VAL F 13 -21.52 -11.26 -9.87
CA VAL F 13 -21.64 -9.81 -9.93
C VAL F 13 -21.50 -9.30 -11.35
N SER F 14 -20.51 -9.81 -12.07
CA SER F 14 -20.29 -9.38 -13.45
C SER F 14 -21.50 -9.67 -14.34
N LYS F 15 -22.03 -10.89 -14.23
CA LYS F 15 -23.18 -11.29 -15.01
C LYS F 15 -24.46 -10.58 -14.59
N PHE F 16 -24.62 -10.38 -13.29
CA PHE F 16 -25.81 -9.70 -12.79
C PHE F 16 -25.82 -8.26 -13.32
N LEU F 17 -24.65 -7.62 -13.26
CA LEU F 17 -24.54 -6.24 -13.73
C LEU F 17 -24.81 -6.17 -15.23
N THR F 18 -24.22 -7.09 -15.99
CA THR F 18 -24.41 -7.10 -17.44
C THR F 18 -25.88 -7.19 -17.83
N LEU F 19 -26.61 -8.07 -17.15
CA LEU F 19 -28.02 -8.25 -17.45
C LEU F 19 -28.90 -7.15 -16.85
N ALA F 20 -28.55 -6.69 -15.66
CA ALA F 20 -29.31 -5.66 -14.99
C ALA F 20 -29.31 -4.35 -15.76
N THR F 21 -28.28 -4.14 -16.58
CA THR F 21 -28.18 -2.92 -17.36
C THR F 21 -28.16 -3.20 -18.86
N LEU F 22 -28.58 -4.39 -19.26
CA LEU F 22 -28.62 -4.75 -20.69
C LEU F 22 -29.37 -3.67 -21.43
N THR F 23 -30.45 -3.20 -20.82
CA THR F 23 -31.25 -2.12 -21.37
C THR F 23 -31.24 -1.04 -20.28
N GLU F 24 -31.34 0.21 -20.68
CA GLU F 24 -31.32 1.33 -19.74
C GLU F 24 -32.32 1.17 -18.59
N PRO F 25 -31.84 1.24 -17.33
CA PRO F 25 -32.73 1.09 -16.17
C PRO F 25 -33.85 2.13 -16.22
N LYS F 26 -35.03 1.75 -15.76
CA LYS F 26 -36.17 2.67 -15.77
C LYS F 26 -35.80 4.02 -15.16
N LEU F 27 -35.07 4.00 -14.05
CA LEU F 27 -34.64 5.23 -13.41
C LEU F 27 -33.16 5.47 -13.73
N PRO F 28 -32.84 6.57 -14.41
CA PRO F 28 -31.48 6.93 -14.80
C PRO F 28 -30.63 7.22 -13.56
N LYS F 29 -29.30 7.17 -13.71
CA LYS F 29 -28.39 7.45 -12.61
C LYS F 29 -28.53 8.89 -12.15
N SER F 30 -29.06 9.73 -13.02
CA SER F 30 -29.24 11.15 -12.73
C SER F 30 -30.63 11.45 -12.17
N TYR F 31 -31.42 10.40 -11.97
CA TYR F 31 -32.78 10.57 -11.46
C TYR F 31 -32.86 11.19 -10.07
N THR F 32 -33.70 12.20 -9.94
CA THR F 32 -33.90 12.87 -8.67
C THR F 32 -35.36 13.26 -8.49
N LYS F 33 -36.02 12.67 -7.51
CA LYS F 33 -37.40 13.00 -7.21
C LYS F 33 -37.34 14.34 -6.50
N PRO F 34 -38.15 15.32 -6.91
CA PRO F 34 -38.13 16.63 -6.25
C PRO F 34 -38.35 16.46 -4.74
N LEU F 35 -37.45 17.02 -3.95
CA LEU F 35 -37.53 16.91 -2.50
C LEU F 35 -38.88 17.32 -1.92
N LYS F 36 -39.49 18.36 -2.48
CA LYS F 36 -40.78 18.80 -1.97
C LYS F 36 -41.88 17.77 -2.22
N ASP F 37 -41.60 16.78 -3.06
CA ASP F 37 -42.58 15.74 -3.35
C ASP F 37 -42.42 14.52 -2.45
N VAL F 38 -41.36 14.50 -1.64
CA VAL F 38 -41.13 13.37 -0.74
C VAL F 38 -42.07 13.42 0.46
N THR F 39 -42.81 12.33 0.65
CA THR F 39 -43.77 12.24 1.75
C THR F 39 -43.44 11.15 2.76
N ASN F 40 -42.51 10.27 2.41
CA ASN F 40 -42.14 9.16 3.29
C ASN F 40 -40.63 9.00 3.33
N LEU F 41 -40.07 8.86 4.53
CA LEU F 41 -38.64 8.69 4.70
C LEU F 41 -38.18 7.23 4.83
N GLY F 42 -39.10 6.30 4.59
CA GLY F 42 -38.76 4.88 4.66
C GLY F 42 -38.84 4.31 6.07
N VAL F 43 -37.88 3.47 6.43
CA VAL F 43 -37.86 2.89 7.76
C VAL F 43 -36.64 3.38 8.51
N PRO F 44 -36.71 3.43 9.85
CA PRO F 44 -35.56 3.90 10.62
C PRO F 44 -34.40 2.96 10.38
N LEU F 45 -33.19 3.51 10.27
CA LEU F 45 -32.03 2.66 10.09
C LEU F 45 -31.56 2.31 11.48
N PRO F 46 -30.80 1.22 11.62
CA PRO F 46 -30.32 0.89 12.96
C PRO F 46 -29.26 1.90 13.35
N THR F 47 -28.96 1.97 14.64
CA THR F 47 -27.91 2.87 15.09
C THR F 47 -26.61 2.21 14.62
N LEU F 48 -25.52 2.99 14.57
CA LEU F 48 -24.21 2.43 14.24
C LEU F 48 -23.90 1.67 15.53
N LYS F 49 -23.05 0.66 15.46
CA LYS F 49 -22.75 -0.10 16.67
C LYS F 49 -21.69 0.56 17.56
N TYR F 50 -21.27 1.76 17.18
CA TYR F 50 -20.27 2.51 17.94
C TYR F 50 -20.83 3.90 18.24
N LYS F 51 -20.37 4.50 19.33
CA LYS F 51 -20.83 5.84 19.64
C LYS F 51 -20.05 6.78 18.74
N TYR F 52 -20.38 8.06 18.78
CA TYR F 52 -19.69 9.05 17.98
C TYR F 52 -18.79 9.83 18.92
N LYS F 53 -17.59 10.18 18.46
CA LYS F 53 -16.66 10.93 19.29
C LYS F 53 -16.50 12.34 18.76
N LYS G 12 2.75 -3.16 -11.32
CA LYS G 12 1.37 -2.91 -10.81
C LYS G 12 1.16 -1.41 -10.64
N LEU G 13 -0.07 -0.98 -10.87
CA LEU G 13 -0.41 0.44 -10.76
C LEU G 13 -0.20 0.94 -9.34
N ALA G 14 -0.64 0.15 -8.36
CA ALA G 14 -0.50 0.50 -6.95
C ALA G 14 0.96 0.77 -6.58
N LYS G 15 1.85 -0.06 -7.09
CA LYS G 15 3.28 0.06 -6.83
C LYS G 15 3.83 1.34 -7.48
N THR G 16 3.45 1.57 -8.73
CA THR G 16 3.89 2.77 -9.44
C THR G 16 3.45 4.03 -8.68
N LEU G 17 2.23 4.02 -8.19
CA LEU G 17 1.70 5.16 -7.45
C LEU G 17 2.42 5.38 -6.12
N GLN G 18 2.77 4.28 -5.44
CA GLN G 18 3.47 4.41 -4.17
C GLN G 18 4.85 5.02 -4.40
N ARG G 19 5.52 4.60 -5.47
CA ARG G 19 6.83 5.14 -5.76
C ARG G 19 6.71 6.62 -6.14
N PHE G 20 5.65 6.94 -6.88
CA PHE G 20 5.41 8.33 -7.27
C PHE G 20 5.18 9.15 -5.99
N GLU G 21 4.28 8.68 -5.13
CA GLU G 21 4.00 9.41 -3.89
C GLU G 21 5.26 9.59 -3.03
N ASN G 22 6.14 8.59 -3.03
CA ASN G 22 7.37 8.70 -2.25
C ASN G 22 8.26 9.81 -2.80
N LYS G 23 8.27 9.98 -4.12
CA LYS G 23 9.07 11.05 -4.72
C LYS G 23 8.47 12.39 -4.34
N ILE G 24 7.14 12.47 -4.34
CA ILE G 24 6.46 13.71 -3.96
C ILE G 24 6.85 14.07 -2.53
N LYS G 25 6.80 13.07 -1.65
CA LYS G 25 7.14 13.28 -0.24
C LYS G 25 8.58 13.76 -0.10
N ALA G 26 9.47 13.24 -0.94
CA ALA G 26 10.89 13.62 -0.91
C ALA G 26 11.14 14.96 -1.59
N GLY G 27 10.09 15.56 -2.15
CA GLY G 27 10.25 16.84 -2.82
C GLY G 27 10.91 16.77 -4.19
N ASP G 28 10.95 15.58 -4.77
CA ASP G 28 11.56 15.39 -6.09
C ASP G 28 10.48 15.48 -7.16
N TYR G 29 9.86 16.66 -7.26
CA TYR G 29 8.77 16.92 -8.20
C TYR G 29 9.08 16.67 -9.66
N TYR G 30 10.17 17.24 -10.16
CA TYR G 30 10.53 17.08 -11.56
C TYR G 30 10.61 15.61 -11.99
N GLU G 31 11.38 14.82 -11.25
CA GLU G 31 11.52 13.41 -11.58
C GLU G 31 10.20 12.67 -11.40
N ALA G 32 9.42 13.08 -10.41
CA ALA G 32 8.11 12.46 -10.17
C ALA G 32 7.22 12.70 -11.39
N HIS G 33 7.23 13.94 -11.87
CA HIS G 33 6.43 14.33 -13.01
C HIS G 33 6.84 13.59 -14.28
N GLN G 34 8.14 13.54 -14.55
CA GLN G 34 8.64 12.88 -15.75
C GLN G 34 8.37 11.38 -15.79
N THR G 35 8.67 10.70 -14.68
CA THR G 35 8.47 9.26 -14.64
C THR G 35 7.00 8.90 -14.78
N LEU G 36 6.13 9.73 -14.20
CA LEU G 36 4.70 9.46 -14.30
C LEU G 36 4.22 9.59 -15.75
N ARG G 37 4.68 10.63 -16.44
CA ARG G 37 4.26 10.80 -17.83
C ARG G 37 4.78 9.68 -18.72
N THR G 38 5.99 9.20 -18.45
CA THR G 38 6.55 8.12 -19.24
C THR G 38 5.70 6.86 -19.05
N ILE G 39 5.33 6.59 -17.80
CA ILE G 39 4.51 5.42 -17.51
C ILE G 39 3.13 5.57 -18.13
N ALA G 40 2.52 6.73 -17.93
CA ALA G 40 1.19 6.98 -18.49
C ALA G 40 1.23 6.83 -20.00
N ASN G 41 2.29 7.32 -20.64
CA ASN G 41 2.40 7.23 -22.08
C ASN G 41 2.42 5.79 -22.59
N ARG G 42 3.05 4.89 -21.84
CA ARG G 42 3.10 3.49 -22.23
C ARG G 42 1.70 2.91 -22.14
N TYR G 43 0.98 3.27 -21.08
CA TYR G 43 -0.39 2.79 -20.89
C TYR G 43 -1.25 3.25 -22.07
N VAL G 44 -1.06 4.50 -22.49
CA VAL G 44 -1.81 5.06 -23.59
C VAL G 44 -1.51 4.32 -24.88
N ARG G 45 -0.23 4.04 -25.11
CA ARG G 45 0.17 3.33 -26.32
C ARG G 45 -0.44 1.94 -26.39
N SER G 46 -0.64 1.30 -25.23
CA SER G 46 -1.23 -0.02 -25.17
C SER G 46 -2.75 0.07 -25.10
N LYS G 47 -3.26 1.30 -25.11
CA LYS G 47 -4.69 1.54 -25.03
C LYS G 47 -5.27 1.13 -23.68
N SER G 48 -4.44 1.17 -22.64
CA SER G 48 -4.87 0.84 -21.29
C SER G 48 -5.28 2.20 -20.71
N TYR G 49 -6.34 2.77 -21.29
CA TYR G 49 -6.81 4.09 -20.88
C TYR G 49 -7.21 4.22 -19.43
N GLU G 50 -7.84 3.19 -18.87
CA GLU G 50 -8.25 3.26 -17.47
C GLU G 50 -7.04 3.37 -16.55
N HIS G 51 -5.99 2.61 -16.82
CA HIS G 51 -4.78 2.68 -16.00
C HIS G 51 -4.19 4.09 -16.13
N ALA G 52 -4.14 4.58 -17.36
CA ALA G 52 -3.60 5.92 -17.63
C ALA G 52 -4.40 6.99 -16.88
N ILE G 53 -5.72 6.91 -16.98
CA ILE G 53 -6.59 7.86 -16.31
C ILE G 53 -6.38 7.84 -14.79
N GLU G 54 -6.31 6.65 -14.21
CA GLU G 54 -6.11 6.55 -12.76
C GLU G 54 -4.78 7.16 -12.34
N LEU G 55 -3.72 6.83 -13.09
CA LEU G 55 -2.38 7.34 -12.81
C LEU G 55 -2.28 8.85 -12.96
N ILE G 56 -2.73 9.36 -14.12
CA ILE G 56 -2.67 10.78 -14.39
C ILE G 56 -3.50 11.57 -13.38
N SER G 57 -4.70 11.09 -13.10
CA SER G 57 -5.60 11.73 -12.16
C SER G 57 -4.99 11.84 -10.77
N GLN G 58 -4.50 10.72 -10.25
CA GLN G 58 -3.88 10.71 -8.93
C GLN G 58 -2.65 11.62 -8.94
N GLY G 59 -1.92 11.61 -10.05
CA GLY G 59 -0.73 12.44 -10.17
C GLY G 59 -1.06 13.92 -10.09
N ALA G 60 -2.03 14.36 -10.86
CA ALA G 60 -2.44 15.76 -10.84
C ALA G 60 -2.87 16.19 -9.44
N LEU G 61 -3.65 15.33 -8.79
CA LEU G 61 -4.14 15.60 -7.44
C LEU G 61 -2.99 15.80 -6.44
N SER G 62 -2.01 14.90 -6.49
CA SER G 62 -0.87 14.98 -5.59
C SER G 62 -0.08 16.26 -5.78
N PHE G 63 0.15 16.65 -7.04
CA PHE G 63 0.89 17.87 -7.30
C PHE G 63 0.15 19.11 -6.81
N LEU G 64 -1.17 19.14 -7.03
CA LEU G 64 -1.96 20.29 -6.59
C LEU G 64 -1.94 20.40 -5.07
N LYS G 65 -2.06 19.27 -4.38
CA LYS G 65 -2.03 19.29 -2.92
C LYS G 65 -0.65 19.71 -2.43
N ALA G 66 0.38 19.38 -3.22
CA ALA G 66 1.76 19.72 -2.88
C ALA G 66 2.07 21.16 -3.29
N LYS G 67 1.06 21.87 -3.78
CA LYS G 67 1.20 23.26 -4.21
C LYS G 67 2.08 23.41 -5.44
N GLN G 68 2.11 22.40 -6.29
CA GLN G 68 2.88 22.45 -7.52
C GLN G 68 1.86 22.60 -8.65
N GLY G 69 1.34 23.82 -8.79
CA GLY G 69 0.33 24.10 -9.80
C GLY G 69 0.71 23.81 -11.24
N GLY G 70 1.95 24.14 -11.61
CA GLY G 70 2.40 23.91 -12.97
C GLY G 70 2.34 22.43 -13.33
N SER G 71 2.91 21.58 -12.49
CA SER G 71 2.89 20.15 -12.74
C SER G 71 1.48 19.60 -12.64
N GLY G 72 0.72 20.14 -11.68
CA GLY G 72 -0.65 19.68 -11.49
C GLY G 72 -1.52 19.96 -12.70
N THR G 73 -1.53 21.20 -13.17
CA THR G 73 -2.35 21.56 -14.32
C THR G 73 -1.87 20.85 -15.58
N ASP G 74 -0.57 20.61 -15.67
CA ASP G 74 -0.03 19.92 -16.83
C ASP G 74 -0.70 18.55 -16.91
N LEU G 75 -0.80 17.88 -15.78
CA LEU G 75 -1.42 16.55 -15.77
C LEU G 75 -2.93 16.60 -15.97
N ILE G 76 -3.56 17.72 -15.64
CA ILE G 76 -5.00 17.84 -15.86
C ILE G 76 -5.25 17.90 -17.36
N PHE G 77 -4.43 18.65 -18.08
CA PHE G 77 -4.58 18.73 -19.53
C PHE G 77 -4.34 17.34 -20.10
N TYR G 78 -3.39 16.61 -19.53
CA TYR G 78 -3.09 15.25 -19.98
C TYR G 78 -4.32 14.36 -19.72
N LEU G 79 -4.90 14.49 -18.53
CA LEU G 79 -6.08 13.71 -18.19
C LEU G 79 -7.22 14.01 -19.18
N LEU G 80 -7.44 15.28 -19.46
CA LEU G 80 -8.52 15.67 -20.37
C LEU G 80 -8.31 15.16 -21.79
N GLU G 81 -7.04 15.07 -22.19
CA GLU G 81 -6.71 14.59 -23.52
C GLU G 81 -6.98 13.09 -23.61
N VAL G 82 -6.72 12.37 -22.54
CA VAL G 82 -6.97 10.93 -22.54
C VAL G 82 -8.48 10.69 -22.43
N TYR G 83 -9.17 11.58 -21.72
CA TYR G 83 -10.63 11.48 -21.57
C TYR G 83 -11.19 11.48 -23.00
N ASP G 84 -10.66 12.37 -23.83
CA ASP G 84 -11.10 12.49 -25.21
C ASP G 84 -10.73 11.24 -26.01
N LEU G 85 -9.47 10.84 -25.91
CA LEU G 85 -8.97 9.65 -26.61
C LEU G 85 -9.79 8.41 -26.28
N ALA G 86 -10.04 8.20 -25.00
CA ALA G 86 -10.81 7.05 -24.53
C ALA G 86 -12.32 7.27 -24.63
N GLU G 87 -12.74 8.42 -25.13
CA GLU G 87 -14.16 8.73 -25.27
C GLU G 87 -14.91 8.54 -23.96
N VAL G 88 -14.37 9.07 -22.88
CA VAL G 88 -15.00 8.96 -21.57
C VAL G 88 -16.31 9.73 -21.54
N LYS G 89 -17.42 9.02 -21.39
CA LYS G 89 -18.73 9.65 -21.34
C LYS G 89 -18.87 10.48 -20.09
N VAL G 90 -19.66 11.54 -20.16
CA VAL G 90 -19.89 12.38 -18.99
C VAL G 90 -20.86 11.64 -18.06
N ASP G 91 -20.47 11.43 -16.82
CA ASP G 91 -21.33 10.79 -15.82
C ASP G 91 -20.77 11.03 -14.43
N ASP G 92 -21.45 10.54 -13.40
CA ASP G 92 -21.00 10.75 -12.03
C ASP G 92 -19.52 10.46 -11.78
N ILE G 93 -19.03 9.33 -12.27
CA ILE G 93 -17.64 8.97 -12.06
C ILE G 93 -16.63 9.84 -12.79
N SER G 94 -16.84 10.07 -14.08
CA SER G 94 -15.89 10.88 -14.84
C SER G 94 -15.89 12.32 -14.37
N VAL G 95 -17.06 12.83 -14.02
CA VAL G 95 -17.16 14.21 -13.54
C VAL G 95 -16.55 14.36 -12.14
N ALA G 96 -16.75 13.36 -11.28
CA ALA G 96 -16.22 13.40 -9.93
C ALA G 96 -14.72 13.65 -9.89
N ARG G 97 -13.97 13.04 -10.82
CA ARG G 97 -12.52 13.24 -10.85
C ARG G 97 -12.16 14.71 -11.05
N LEU G 98 -12.88 15.37 -11.94
CA LEU G 98 -12.63 16.78 -12.24
C LEU G 98 -12.98 17.68 -11.07
N VAL G 99 -14.13 17.43 -10.45
CA VAL G 99 -14.60 18.20 -9.30
C VAL G 99 -13.56 18.11 -8.17
N ARG G 100 -12.99 16.93 -8.00
CA ARG G 100 -11.99 16.73 -6.96
C ARG G 100 -10.73 17.55 -7.26
N LEU G 101 -10.39 17.66 -8.54
CA LEU G 101 -9.22 18.43 -8.95
C LEU G 101 -9.50 19.92 -8.79
N ILE G 102 -10.69 20.35 -9.18
CA ILE G 102 -11.09 21.75 -9.07
C ILE G 102 -10.95 22.26 -7.64
N ALA G 103 -11.31 21.41 -6.67
CA ALA G 103 -11.23 21.80 -5.28
C ALA G 103 -9.80 22.09 -4.83
N GLU G 104 -8.82 21.51 -5.51
CA GLU G 104 -7.42 21.72 -5.15
C GLU G 104 -6.72 22.80 -5.98
N LEU G 105 -7.42 23.36 -6.97
CA LEU G 105 -6.84 24.39 -7.82
C LEU G 105 -6.87 25.78 -7.20
N ASP G 106 -5.71 26.41 -7.15
CA ASP G 106 -5.58 27.77 -6.61
C ASP G 106 -6.28 28.70 -7.60
N PRO G 107 -7.20 29.55 -7.12
CA PRO G 107 -7.91 30.47 -8.02
C PRO G 107 -6.98 31.45 -8.73
N SER G 108 -5.71 31.47 -8.33
CA SER G 108 -4.75 32.37 -8.93
C SER G 108 -3.82 31.71 -9.94
N GLU G 109 -4.01 30.41 -10.20
CA GLU G 109 -3.17 29.71 -11.17
C GLU G 109 -3.23 30.47 -12.50
N PRO G 110 -2.08 30.71 -13.13
CA PRO G 110 -2.05 31.44 -14.41
C PRO G 110 -2.95 30.86 -15.50
N ASN G 111 -3.05 29.53 -15.54
CA ASN G 111 -3.85 28.87 -16.57
C ASN G 111 -5.16 28.29 -16.07
N LEU G 112 -5.67 28.83 -14.97
CA LEU G 112 -6.94 28.37 -14.41
C LEU G 112 -8.02 28.34 -15.49
N LYS G 113 -8.14 29.44 -16.22
CA LYS G 113 -9.15 29.56 -17.27
C LYS G 113 -9.06 28.46 -18.32
N ASP G 114 -7.86 28.18 -18.81
CA ASP G 114 -7.68 27.15 -19.82
C ASP G 114 -8.03 25.76 -19.27
N VAL G 115 -7.71 25.52 -18.00
CA VAL G 115 -8.02 24.24 -17.39
C VAL G 115 -9.54 24.08 -17.34
N ILE G 116 -10.21 25.14 -16.90
CA ILE G 116 -11.66 25.15 -16.78
C ILE G 116 -12.34 24.98 -18.15
N THR G 117 -11.79 25.65 -19.15
CA THR G 117 -12.33 25.55 -20.50
C THR G 117 -12.18 24.12 -20.99
N GLY G 118 -11.04 23.50 -20.70
CA GLY G 118 -10.80 22.13 -21.11
C GLY G 118 -11.85 21.22 -20.50
N MET G 119 -12.12 21.39 -19.21
CA MET G 119 -13.12 20.58 -18.53
C MET G 119 -14.51 20.76 -19.15
N ASN G 120 -14.90 22.00 -19.36
CA ASN G 120 -16.21 22.27 -19.93
C ASN G 120 -16.34 21.72 -21.35
N ASN G 121 -15.31 21.91 -22.16
CA ASN G 121 -15.31 21.42 -23.54
C ASN G 121 -15.52 19.91 -23.59
N TRP G 122 -14.85 19.18 -22.70
CA TRP G 122 -15.02 17.73 -22.65
C TRP G 122 -16.46 17.39 -22.27
N SER G 123 -17.03 18.12 -21.31
CA SER G 123 -18.40 17.82 -20.88
C SER G 123 -19.42 18.09 -21.97
N ILE G 124 -19.11 19.03 -22.86
CA ILE G 124 -19.99 19.36 -23.99
C ILE G 124 -19.92 18.19 -24.97
N LYS G 125 -18.70 17.86 -25.36
CA LYS G 125 -18.42 16.82 -26.32
C LYS G 125 -18.97 15.44 -25.98
N PHE G 126 -18.92 15.08 -24.71
CA PHE G 126 -19.38 13.75 -24.30
C PHE G 126 -20.62 13.66 -23.42
N SER G 127 -21.52 14.62 -23.59
CA SER G 127 -22.80 14.62 -22.87
C SER G 127 -23.87 15.08 -23.85
N GLU G 128 -25.10 15.17 -23.37
CA GLU G 128 -26.23 15.61 -24.19
C GLU G 128 -26.43 17.13 -24.07
N TYR G 129 -25.56 17.79 -23.31
CA TYR G 129 -25.66 19.24 -23.13
C TYR G 129 -24.79 20.03 -24.09
N LYS G 130 -25.44 20.76 -24.98
CA LYS G 130 -24.75 21.58 -25.98
C LYS G 130 -23.76 22.56 -25.37
N PHE G 131 -24.08 23.07 -24.19
CA PHE G 131 -23.22 24.05 -23.54
C PHE G 131 -22.45 23.53 -22.33
N GLY G 132 -22.54 22.23 -22.06
CA GLY G 132 -21.80 21.65 -20.95
C GLY G 132 -22.65 21.15 -19.80
N ASP G 133 -22.12 20.18 -19.06
CA ASP G 133 -22.84 19.59 -17.94
C ASP G 133 -23.19 20.62 -16.86
N PRO G 134 -24.49 20.74 -16.52
CA PRO G 134 -24.94 21.69 -15.50
C PRO G 134 -24.34 21.46 -14.11
N TYR G 135 -24.19 20.21 -13.71
CA TYR G 135 -23.61 19.90 -12.40
C TYR G 135 -22.17 20.40 -12.38
N LEU G 136 -21.43 20.15 -13.46
CA LEU G 136 -20.04 20.60 -13.52
C LEU G 136 -20.02 22.13 -13.47
N HIS G 137 -20.95 22.75 -14.19
CA HIS G 137 -21.04 24.22 -14.22
C HIS G 137 -21.19 24.80 -12.83
N ASN G 138 -21.99 24.15 -11.99
CA ASN G 138 -22.18 24.65 -10.63
C ASN G 138 -20.85 24.79 -9.90
N THR G 139 -19.97 23.80 -10.07
CA THR G 139 -18.65 23.81 -9.43
C THR G 139 -17.69 24.77 -10.13
N ILE G 140 -17.62 24.67 -11.45
CA ILE G 140 -16.74 25.52 -12.27
C ILE G 140 -17.04 27.01 -12.13
N GLY G 141 -18.32 27.35 -12.13
CA GLY G 141 -18.72 28.75 -12.02
C GLY G 141 -18.17 29.41 -10.77
N SER G 142 -18.24 28.71 -9.64
CA SER G 142 -17.73 29.27 -8.40
C SER G 142 -16.22 29.43 -8.42
N LYS G 143 -15.52 28.50 -9.06
CA LYS G 143 -14.07 28.58 -9.16
C LYS G 143 -13.69 29.77 -10.03
N LEU G 144 -14.43 29.97 -11.12
CA LEU G 144 -14.17 31.09 -12.03
C LEU G 144 -14.43 32.43 -11.36
N LEU G 145 -15.48 32.48 -10.54
CA LEU G 145 -15.82 33.71 -9.83
C LEU G 145 -14.64 34.04 -8.92
N GLU G 146 -14.09 33.01 -8.28
CA GLU G 146 -12.94 33.19 -7.39
C GLU G 146 -11.74 33.72 -8.14
N GLY G 147 -11.61 33.31 -9.41
CA GLY G 147 -10.49 33.74 -10.22
C GLY G 147 -10.72 35.07 -10.92
N ASP G 148 -11.84 35.71 -10.61
CA ASP G 148 -12.22 36.99 -11.18
C ASP G 148 -12.61 36.95 -12.67
N PHE G 149 -13.34 35.91 -13.05
CA PHE G 149 -13.84 35.73 -14.40
C PHE G 149 -15.35 35.78 -14.20
N VAL G 150 -15.85 36.98 -13.91
CA VAL G 150 -17.25 37.20 -13.61
C VAL G 150 -18.28 36.88 -14.69
N TYR G 151 -18.01 37.24 -15.94
CA TYR G 151 -18.98 36.97 -17.00
C TYR G 151 -19.03 35.49 -17.36
N GLU G 152 -17.90 34.80 -17.21
CA GLU G 152 -17.86 33.37 -17.50
C GLU G 152 -18.61 32.67 -16.37
N ALA G 153 -18.43 33.15 -15.16
CA ALA G 153 -19.10 32.57 -14.00
C ALA G 153 -20.61 32.70 -14.16
N GLU G 154 -21.05 33.87 -14.61
CA GLU G 154 -22.47 34.14 -14.83
C GLU G 154 -23.04 33.16 -15.86
N ARG G 155 -22.31 32.98 -16.95
CA ARG G 155 -22.73 32.10 -18.02
C ARG G 155 -22.86 30.66 -17.51
N TYR G 156 -21.86 30.19 -16.77
CA TYR G 156 -21.92 28.84 -16.23
C TYR G 156 -23.07 28.68 -15.23
N PHE G 157 -23.28 29.67 -14.37
CA PHE G 157 -24.38 29.58 -13.39
C PHE G 157 -25.72 29.55 -14.12
N MET G 158 -25.86 30.41 -15.12
CA MET G 158 -27.08 30.48 -15.91
C MET G 158 -27.36 29.12 -16.53
N LEU G 159 -26.30 28.42 -16.93
CA LEU G 159 -26.45 27.10 -17.54
C LEU G 159 -26.17 26.01 -16.51
N GLY G 160 -26.41 26.34 -15.24
CA GLY G 160 -26.18 25.39 -14.17
C GLY G 160 -27.44 24.80 -13.57
N THR G 161 -27.38 24.51 -12.27
CA THR G 161 -28.49 23.91 -11.55
C THR G 161 -29.23 24.95 -10.72
N HIS G 162 -30.20 24.48 -9.93
CA HIS G 162 -30.96 25.38 -9.08
C HIS G 162 -29.99 26.01 -8.08
N ASP G 163 -29.00 25.25 -7.63
CA ASP G 163 -28.00 25.79 -6.70
C ASP G 163 -27.24 26.91 -7.39
N SER G 164 -27.04 26.77 -8.70
CA SER G 164 -26.33 27.78 -9.48
C SER G 164 -27.15 29.05 -9.59
N MET G 165 -28.47 28.90 -9.68
CA MET G 165 -29.34 30.07 -9.76
C MET G 165 -29.16 30.91 -8.49
N ILE G 166 -29.10 30.23 -7.35
CA ILE G 166 -28.92 30.90 -6.07
C ILE G 166 -27.59 31.64 -6.05
N LYS G 167 -26.54 30.99 -6.53
CA LYS G 167 -25.21 31.60 -6.57
C LYS G 167 -25.20 32.78 -7.53
N TYR G 168 -25.98 32.66 -8.60
CA TYR G 168 -26.06 33.70 -9.61
C TYR G 168 -26.67 34.97 -8.99
N VAL G 169 -27.75 34.81 -8.24
CA VAL G 169 -28.38 35.96 -7.59
C VAL G 169 -27.37 36.57 -6.61
N ASP G 170 -26.66 35.73 -5.86
CA ASP G 170 -25.68 36.25 -4.91
C ASP G 170 -24.62 37.07 -5.65
N LEU G 171 -24.20 36.57 -6.81
CA LEU G 171 -23.20 37.26 -7.62
C LEU G 171 -23.69 38.66 -8.00
N LEU G 172 -24.87 38.73 -8.62
CA LEU G 172 -25.42 40.01 -9.04
C LEU G 172 -25.72 40.91 -7.86
N TRP G 173 -26.32 40.34 -6.81
CA TRP G 173 -26.66 41.12 -5.62
C TRP G 173 -25.42 41.77 -4.99
N ASP G 174 -24.37 40.98 -4.81
CA ASP G 174 -23.16 41.51 -4.20
C ASP G 174 -22.49 42.54 -5.11
N TRP G 175 -22.60 42.34 -6.42
CA TRP G 175 -22.01 43.26 -7.37
C TRP G 175 -22.72 44.60 -7.28
N LEU G 176 -24.05 44.57 -7.21
CA LEU G 176 -24.82 45.80 -7.11
C LEU G 176 -24.41 46.59 -5.88
N CYS G 177 -24.22 45.89 -4.76
CA CYS G 177 -23.84 46.55 -3.52
C CYS G 177 -22.46 47.20 -3.59
N GLN G 178 -21.64 46.75 -4.54
CA GLN G 178 -20.29 47.30 -4.72
C GLN G 178 -20.30 48.69 -5.34
N VAL G 179 -21.22 48.92 -6.27
CA VAL G 179 -21.25 50.18 -6.99
C VAL G 179 -21.79 51.44 -6.32
N ASP G 180 -22.35 51.32 -5.11
CA ASP G 180 -22.85 52.50 -4.41
C ASP G 180 -23.76 53.35 -5.32
N ASP G 181 -24.54 52.68 -6.16
CA ASP G 181 -25.43 53.36 -7.09
C ASP G 181 -26.80 52.69 -7.01
N ILE G 182 -27.81 53.45 -6.60
CA ILE G 182 -29.14 52.89 -6.48
C ILE G 182 -30.15 53.49 -7.46
N GLU G 183 -29.64 54.17 -8.48
CA GLU G 183 -30.51 54.77 -9.49
C GLU G 183 -31.26 53.63 -10.18
N ASP G 184 -32.48 53.91 -10.64
CA ASP G 184 -33.30 52.91 -11.32
C ASP G 184 -32.56 52.23 -12.46
N SER G 185 -31.88 53.02 -13.29
CA SER G 185 -31.14 52.48 -14.43
C SER G 185 -30.04 51.52 -14.00
N THR G 186 -29.39 51.79 -12.88
CA THR G 186 -28.32 50.93 -12.39
C THR G 186 -28.86 49.63 -11.78
N VAL G 187 -29.89 49.73 -10.96
CA VAL G 187 -30.48 48.54 -10.36
C VAL G 187 -31.01 47.65 -11.47
N ALA G 188 -31.58 48.26 -12.51
CA ALA G 188 -32.14 47.54 -13.65
C ALA G 188 -31.07 46.83 -14.47
N GLU G 189 -29.85 47.34 -14.46
CA GLU G 189 -28.76 46.72 -15.20
C GLU G 189 -28.45 45.34 -14.63
N PHE G 190 -28.59 45.19 -13.31
CA PHE G 190 -28.32 43.90 -12.68
C PHE G 190 -29.54 43.01 -12.74
N PHE G 191 -30.69 43.56 -12.35
CA PHE G 191 -31.94 42.81 -12.34
C PHE G 191 -32.33 42.25 -13.72
N SER G 192 -32.15 43.04 -14.77
CA SER G 192 -32.52 42.61 -16.11
C SER G 192 -31.78 41.35 -16.56
N ARG G 193 -30.57 41.17 -16.04
CA ARG G 193 -29.74 40.02 -16.40
C ARG G 193 -30.44 38.71 -16.03
N LEU G 194 -31.05 38.68 -14.84
CA LEU G 194 -31.77 37.49 -14.38
C LEU G 194 -32.98 37.25 -15.26
N VAL G 195 -33.76 38.29 -15.51
CA VAL G 195 -34.95 38.17 -16.33
C VAL G 195 -34.65 37.72 -17.74
N PHE G 196 -33.74 38.42 -18.42
CA PHE G 196 -33.40 38.07 -19.79
C PHE G 196 -32.75 36.69 -19.94
N ASN G 197 -31.73 36.41 -19.14
CA ASN G 197 -31.05 35.12 -19.27
C ASN G 197 -31.95 33.92 -19.04
N TYR G 198 -32.80 33.97 -18.02
CA TYR G 198 -33.67 32.83 -17.79
C TYR G 198 -34.80 32.73 -18.78
N LEU G 199 -35.19 33.85 -19.37
CA LEU G 199 -36.23 33.84 -20.40
C LEU G 199 -35.57 33.26 -21.65
N PHE G 200 -34.31 33.60 -21.89
CA PHE G 200 -33.61 33.07 -23.05
C PHE G 200 -33.53 31.56 -23.06
N ILE G 201 -33.22 30.96 -21.92
CA ILE G 201 -33.12 29.50 -21.87
C ILE G 201 -34.45 28.88 -21.43
N SER G 202 -35.50 29.67 -21.49
CA SER G 202 -36.84 29.23 -21.15
C SER G 202 -37.01 28.51 -19.80
N ASN G 203 -36.42 29.05 -18.75
CA ASN G 203 -36.62 28.45 -17.43
C ASN G 203 -37.40 29.50 -16.65
N ILE G 204 -38.71 29.49 -16.87
CA ILE G 204 -39.63 30.43 -16.22
C ILE G 204 -39.59 30.28 -14.71
N SER G 205 -39.42 29.05 -14.24
CA SER G 205 -39.35 28.79 -12.80
C SER G 205 -38.17 29.53 -12.17
N PHE G 206 -36.98 29.36 -12.76
CA PHE G 206 -35.79 30.04 -12.24
C PHE G 206 -35.92 31.55 -12.36
N ALA G 207 -36.57 32.01 -13.43
CA ALA G 207 -36.76 33.44 -13.64
C ALA G 207 -37.59 34.02 -12.50
N HIS G 208 -38.69 33.35 -12.16
CA HIS G 208 -39.54 33.81 -11.08
C HIS G 208 -38.86 33.75 -9.72
N GLU G 209 -38.20 32.64 -9.42
CA GLU G 209 -37.54 32.51 -8.13
C GLU G 209 -36.37 33.48 -7.96
N SER G 210 -35.57 33.66 -9.01
CA SER G 210 -34.44 34.56 -8.91
C SER G 210 -34.91 36.02 -8.75
N LYS G 211 -35.91 36.41 -9.51
CA LYS G 211 -36.40 37.78 -9.40
C LYS G 211 -36.99 38.03 -8.00
N ASP G 212 -37.63 37.01 -7.42
CA ASP G 212 -38.19 37.16 -6.07
C ASP G 212 -37.11 37.39 -5.02
N ILE G 213 -36.04 36.61 -5.10
CA ILE G 213 -34.94 36.73 -4.15
C ILE G 213 -34.29 38.11 -4.28
N PHE G 214 -33.99 38.48 -5.52
CA PHE G 214 -33.36 39.78 -5.78
C PHE G 214 -34.22 40.94 -5.28
N LEU G 215 -35.49 40.96 -5.67
CA LEU G 215 -36.40 42.03 -5.26
C LEU G 215 -36.60 42.12 -3.75
N GLU G 216 -36.80 40.99 -3.08
CA GLU G 216 -36.98 41.03 -1.64
C GLU G 216 -35.72 41.54 -0.93
N ARG G 217 -34.55 41.24 -1.51
CA ARG G 217 -33.30 41.72 -0.93
C ARG G 217 -33.20 43.22 -1.13
N PHE G 218 -33.57 43.67 -2.33
CA PHE G 218 -33.52 45.09 -2.66
C PHE G 218 -34.45 45.86 -1.71
N ILE G 219 -35.64 45.32 -1.50
CA ILE G 219 -36.62 45.95 -0.62
C ILE G 219 -36.14 45.99 0.84
N GLU G 220 -35.65 44.85 1.32
CA GLU G 220 -35.17 44.75 2.70
C GLU G 220 -34.02 45.70 2.99
N LYS G 221 -33.07 45.80 2.07
CA LYS G 221 -31.91 46.66 2.28
C LYS G 221 -32.11 48.14 1.98
N PHE G 222 -32.86 48.46 0.94
CA PHE G 222 -33.03 49.87 0.58
C PHE G 222 -34.40 50.48 0.87
N HIS G 223 -35.31 49.66 1.36
CA HIS G 223 -36.66 50.11 1.68
C HIS G 223 -37.22 51.15 0.71
N PRO G 224 -37.33 50.80 -0.58
CA PRO G 224 -37.87 51.78 -1.52
C PRO G 224 -39.39 51.84 -1.32
N LYS G 225 -40.05 52.84 -1.90
CA LYS G 225 -41.49 52.95 -1.78
C LYS G 225 -42.08 51.98 -2.79
N TYR G 226 -42.94 51.09 -2.34
CA TYR G 226 -43.55 50.11 -3.23
C TYR G 226 -44.91 49.68 -2.73
N GLU G 227 -45.59 48.90 -3.57
CA GLU G 227 -46.91 48.37 -3.25
C GLU G 227 -47.05 47.06 -4.03
N LYS G 228 -47.44 46.00 -3.34
CA LYS G 228 -47.61 44.71 -4.00
C LYS G 228 -48.97 44.58 -4.67
N ILE G 229 -48.94 44.21 -5.94
CA ILE G 229 -50.18 44.03 -6.70
C ILE G 229 -50.32 42.55 -7.02
N ASP G 230 -51.38 41.92 -6.50
CA ASP G 230 -51.61 40.51 -6.73
C ASP G 230 -52.89 40.22 -7.50
N LYS G 231 -52.77 39.43 -8.55
CA LYS G 231 -53.90 39.05 -9.39
C LYS G 231 -53.75 37.62 -9.89
N ASN G 232 -54.76 36.80 -9.63
CA ASN G 232 -54.78 35.40 -10.06
C ASN G 232 -53.51 34.60 -9.82
N GLY G 233 -52.91 34.74 -8.64
CA GLY G 233 -51.71 33.98 -8.33
C GLY G 233 -50.41 34.62 -8.79
N TYR G 234 -50.51 35.81 -9.39
CA TYR G 234 -49.32 36.53 -9.84
C TYR G 234 -49.14 37.80 -9.05
N GLU G 235 -47.90 38.18 -8.84
CA GLU G 235 -47.62 39.40 -8.10
C GLU G 235 -46.57 40.27 -8.77
N ILE G 236 -46.83 41.57 -8.75
CA ILE G 236 -45.91 42.54 -9.31
C ILE G 236 -45.60 43.53 -8.19
N VAL G 237 -44.33 43.70 -7.88
CA VAL G 237 -43.96 44.66 -6.84
C VAL G 237 -43.87 46.00 -7.56
N PHE G 238 -44.89 46.83 -7.38
CA PHE G 238 -44.91 48.13 -8.03
C PHE G 238 -44.05 49.13 -7.28
N PHE G 239 -42.95 49.52 -7.92
CA PHE G 239 -42.03 50.49 -7.34
C PHE G 239 -42.44 51.87 -7.84
N GLU G 240 -42.63 52.80 -6.91
CA GLU G 240 -43.02 54.14 -7.28
C GLU G 240 -41.88 54.90 -7.94
N ASP G 241 -40.65 54.54 -7.61
CA ASP G 241 -39.49 55.23 -8.17
C ASP G 241 -38.57 54.38 -9.06
N TYR G 242 -39.01 53.17 -9.41
CA TYR G 242 -38.22 52.28 -10.26
C TYR G 242 -39.07 51.69 -11.37
N SER G 243 -39.40 52.52 -12.35
CA SER G 243 -40.24 52.10 -13.46
C SER G 243 -39.64 50.93 -14.24
N ASP G 244 -38.33 50.94 -14.43
CA ASP G 244 -37.66 49.87 -15.17
C ASP G 244 -37.90 48.54 -14.49
N LEU G 245 -37.85 48.53 -13.16
CA LEU G 245 -38.08 47.29 -12.42
C LEU G 245 -39.51 46.80 -12.64
N ASN G 246 -40.45 47.74 -12.73
CA ASN G 246 -41.85 47.37 -12.97
C ASN G 246 -41.98 46.74 -14.35
N PHE G 247 -41.35 47.38 -15.34
CA PHE G 247 -41.37 46.87 -16.70
C PHE G 247 -40.79 45.46 -16.79
N LEU G 248 -39.62 45.26 -16.20
CA LEU G 248 -38.95 43.97 -16.23
C LEU G 248 -39.78 42.84 -15.62
N GLN G 249 -40.51 43.13 -14.54
CA GLN G 249 -41.34 42.12 -13.90
C GLN G 249 -42.51 41.72 -14.81
N LEU G 250 -43.09 42.70 -15.48
CA LEU G 250 -44.22 42.45 -16.38
C LEU G 250 -43.77 41.70 -17.62
N LEU G 251 -42.53 41.95 -18.04
CA LEU G 251 -41.97 41.29 -19.21
C LEU G 251 -42.04 39.78 -19.01
N LEU G 252 -41.74 39.35 -17.78
CA LEU G 252 -41.74 37.94 -17.44
C LEU G 252 -43.10 37.29 -17.71
N ILE G 253 -44.17 37.86 -17.17
CA ILE G 253 -45.50 37.32 -17.34
C ILE G 253 -45.99 37.43 -18.79
N THR G 254 -45.61 38.50 -19.46
CA THR G 254 -46.02 38.70 -20.85
C THR G 254 -45.46 37.60 -21.76
N CYS G 255 -44.19 37.23 -21.58
CA CYS G 255 -43.61 36.16 -22.40
C CYS G 255 -44.37 34.86 -22.14
N GLN G 256 -44.81 34.67 -20.90
CA GLN G 256 -45.55 33.47 -20.53
C GLN G 256 -46.88 33.36 -21.29
N THR G 257 -47.48 34.51 -21.63
CA THR G 257 -48.75 34.50 -22.35
C THR G 257 -48.55 34.22 -23.83
N LYS G 258 -47.38 34.60 -24.34
CA LYS G 258 -47.06 34.39 -25.75
C LYS G 258 -48.03 35.16 -26.65
N ASP G 259 -48.68 36.18 -26.08
CA ASP G 259 -49.64 37.01 -26.83
C ASP G 259 -48.89 38.23 -27.35
N LYS G 260 -48.70 38.30 -28.66
CA LYS G 260 -47.96 39.42 -29.23
C LYS G 260 -48.63 40.77 -29.04
N SER G 261 -49.94 40.78 -28.84
CA SER G 261 -50.66 42.03 -28.62
C SER G 261 -50.19 42.62 -27.29
N TYR G 262 -50.14 41.79 -26.25
CA TYR G 262 -49.71 42.24 -24.94
C TYR G 262 -48.26 42.72 -25.01
N PHE G 263 -47.44 41.93 -25.70
CA PHE G 263 -46.03 42.24 -25.88
C PHE G 263 -45.84 43.65 -26.45
N LEU G 264 -46.56 43.94 -27.53
CA LEU G 264 -46.46 45.24 -28.17
C LEU G 264 -46.97 46.37 -27.28
N ASN G 265 -48.08 46.12 -26.59
CA ASN G 265 -48.65 47.14 -25.71
C ASN G 265 -47.69 47.49 -24.58
N LEU G 266 -47.08 46.48 -23.98
CA LEU G 266 -46.14 46.69 -22.88
C LEU G 266 -44.97 47.57 -23.34
N LYS G 267 -44.40 47.25 -24.49
CA LYS G 267 -43.29 48.05 -25.02
C LYS G 267 -43.75 49.49 -25.27
N ASN G 268 -44.92 49.63 -25.90
CA ASN G 268 -45.47 50.96 -26.18
C ASN G 268 -45.56 51.81 -24.92
N HIS G 269 -45.85 51.19 -23.79
CA HIS G 269 -45.99 51.92 -22.54
C HIS G 269 -44.66 52.28 -21.88
N TYR G 270 -43.60 51.58 -22.26
CA TYR G 270 -42.27 51.84 -21.73
C TYR G 270 -41.30 52.04 -22.89
N LEU G 271 -41.54 53.08 -23.68
CA LEU G 271 -40.74 53.39 -24.86
C LEU G 271 -39.24 53.49 -24.61
N ASP G 272 -38.84 54.27 -23.61
CA ASP G 272 -37.42 54.43 -23.30
C ASP G 272 -36.72 53.11 -22.96
N PHE G 273 -37.32 52.33 -22.07
CA PHE G 273 -36.73 51.05 -21.68
C PHE G 273 -36.69 50.07 -22.84
N SER G 274 -37.74 50.05 -23.64
CA SER G 274 -37.83 49.16 -24.80
C SER G 274 -36.70 49.42 -25.78
N GLN G 275 -36.39 50.70 -25.99
CA GLN G 275 -35.32 51.09 -26.90
C GLN G 275 -33.98 50.66 -26.32
N ALA G 276 -33.82 50.83 -25.02
CA ALA G 276 -32.59 50.46 -24.34
C ALA G 276 -32.33 48.95 -24.41
N TYR G 277 -33.41 48.17 -24.45
CA TYR G 277 -33.29 46.70 -24.52
C TYR G 277 -33.79 46.19 -25.87
N LYS G 278 -33.72 47.05 -26.89
CA LYS G 278 -34.21 46.70 -28.21
C LYS G 278 -33.77 45.31 -28.66
N SER G 279 -32.47 45.06 -28.61
CA SER G 279 -31.89 43.80 -29.03
C SER G 279 -32.47 42.59 -28.28
N GLU G 280 -32.55 42.68 -26.96
CA GLU G 280 -33.09 41.58 -26.17
C GLU G 280 -34.57 41.34 -26.48
N LEU G 281 -35.35 42.42 -26.53
CA LEU G 281 -36.77 42.32 -26.82
C LEU G 281 -37.03 41.72 -28.19
N GLU G 282 -36.17 42.05 -29.15
CA GLU G 282 -36.31 41.52 -30.49
C GLU G 282 -36.14 40.02 -30.47
N PHE G 283 -35.21 39.53 -29.66
CA PHE G 283 -34.99 38.09 -29.59
C PHE G 283 -36.20 37.44 -28.92
N LEU G 284 -36.72 38.07 -27.86
CA LEU G 284 -37.87 37.52 -27.15
C LEU G 284 -39.09 37.53 -28.06
N GLY G 285 -39.19 38.55 -28.90
CA GLY G 285 -40.31 38.63 -29.81
C GLY G 285 -40.38 37.38 -30.68
N GLN G 286 -39.21 36.91 -31.11
CA GLN G 286 -39.15 35.71 -31.95
C GLN G 286 -39.30 34.46 -31.11
N GLU G 287 -38.62 34.42 -29.96
CA GLU G 287 -38.67 33.25 -29.10
C GLU G 287 -40.04 32.93 -28.49
N TYR G 288 -40.74 33.95 -27.99
CA TYR G 288 -42.04 33.72 -27.38
C TYR G 288 -43.28 34.20 -28.14
N PHE G 289 -43.10 35.14 -29.05
CA PHE G 289 -44.24 35.68 -29.78
C PHE G 289 -44.24 35.39 -31.27
N ASN G 290 -43.29 34.57 -31.69
CA ASN G 290 -43.17 34.17 -33.09
C ASN G 290 -43.13 35.35 -34.06
N ILE G 291 -42.53 36.45 -33.64
CA ILE G 291 -42.39 37.63 -34.49
C ILE G 291 -41.05 37.52 -35.21
N VAL G 292 -41.09 37.33 -36.52
CA VAL G 292 -39.87 37.20 -37.31
C VAL G 292 -39.03 38.46 -37.29
N GLY H 7 -49.39 57.45 -10.17
CA GLY H 7 -50.81 57.02 -10.28
C GLY H 7 -51.13 56.36 -11.61
N PRO H 8 -50.82 57.03 -12.73
CA PRO H 8 -51.11 56.43 -14.04
C PRO H 8 -50.32 55.14 -14.33
N GLU H 9 -49.05 55.08 -13.93
CA GLU H 9 -48.28 53.88 -14.18
C GLU H 9 -48.83 52.76 -13.29
N HIS H 10 -49.21 53.12 -12.07
CA HIS H 10 -49.77 52.15 -11.13
C HIS H 10 -51.04 51.55 -11.73
N GLU H 11 -51.88 52.41 -12.31
CA GLU H 11 -53.12 51.94 -12.92
C GLU H 11 -52.83 50.99 -14.07
N PHE H 12 -51.90 51.38 -14.93
CA PHE H 12 -51.53 50.54 -16.06
C PHE H 12 -51.02 49.18 -15.61
N VAL H 13 -50.08 49.18 -14.66
CA VAL H 13 -49.52 47.93 -14.17
C VAL H 13 -50.61 47.04 -13.60
N SER H 14 -51.50 47.63 -12.81
CA SER H 14 -52.60 46.89 -12.21
C SER H 14 -53.56 46.32 -13.26
N LYS H 15 -53.99 47.16 -14.21
CA LYS H 15 -54.93 46.72 -15.24
C LYS H 15 -54.27 45.71 -16.20
N PHE H 16 -53.00 45.93 -16.51
CA PHE H 16 -52.27 45.04 -17.42
C PHE H 16 -52.10 43.65 -16.78
N LEU H 17 -51.73 43.63 -15.51
CA LEU H 17 -51.53 42.37 -14.81
C LEU H 17 -52.84 41.57 -14.82
N THR H 18 -53.95 42.26 -14.58
CA THR H 18 -55.26 41.61 -14.57
C THR H 18 -55.56 40.99 -15.93
N LEU H 19 -55.34 41.76 -17.00
CA LEU H 19 -55.57 41.28 -18.36
C LEU H 19 -54.67 40.09 -18.70
N ALA H 20 -53.38 40.24 -18.42
CA ALA H 20 -52.42 39.18 -18.73
C ALA H 20 -52.67 37.89 -17.96
N THR H 21 -53.29 37.98 -16.80
CA THR H 21 -53.56 36.79 -15.99
C THR H 21 -55.04 36.44 -15.92
N LEU H 22 -55.84 37.09 -16.76
CA LEU H 22 -57.29 36.84 -16.79
C LEU H 22 -57.52 35.34 -16.97
N THR H 23 -56.75 34.74 -17.86
CA THR H 23 -56.81 33.31 -18.12
C THR H 23 -55.41 32.82 -17.81
N GLU H 24 -55.25 31.55 -17.49
CA GLU H 24 -53.93 31.02 -17.19
C GLU H 24 -53.02 31.10 -18.40
N PRO H 25 -51.91 31.86 -18.30
CA PRO H 25 -50.96 31.99 -19.41
C PRO H 25 -50.49 30.65 -19.95
N LYS H 26 -50.23 30.63 -21.26
CA LYS H 26 -49.78 29.42 -21.94
C LYS H 26 -48.69 28.71 -21.15
N LEU H 27 -47.67 29.45 -20.72
CA LEU H 27 -46.59 28.88 -19.95
C LEU H 27 -46.80 29.15 -18.47
N PRO H 28 -46.89 28.09 -17.66
CA PRO H 28 -47.10 28.25 -16.22
C PRO H 28 -45.83 28.78 -15.54
N LYS H 29 -45.97 29.28 -14.31
CA LYS H 29 -44.84 29.81 -13.57
C LYS H 29 -43.76 28.75 -13.31
N SER H 30 -44.16 27.49 -13.34
CA SER H 30 -43.23 26.40 -13.08
C SER H 30 -42.58 25.87 -14.36
N TYR H 31 -42.90 26.47 -15.49
CA TYR H 31 -42.35 26.00 -16.75
C TYR H 31 -40.82 26.02 -16.84
N THR H 32 -40.26 24.90 -17.28
CA THR H 32 -38.82 24.77 -17.44
C THR H 32 -38.49 23.93 -18.65
N LYS H 33 -37.88 24.55 -19.65
CA LYS H 33 -37.50 23.83 -20.85
C LYS H 33 -36.31 22.99 -20.40
N PRO H 34 -36.32 21.68 -20.70
CA PRO H 34 -35.19 20.84 -20.29
C PRO H 34 -33.90 21.46 -20.83
N LEU H 35 -32.93 21.62 -19.95
CA LEU H 35 -31.65 22.23 -20.31
C LEU H 35 -30.97 21.51 -21.48
N LYS H 36 -31.15 20.20 -21.57
CA LYS H 36 -30.53 19.45 -22.65
C LYS H 36 -31.13 19.82 -24.01
N ASP H 37 -32.29 20.47 -24.00
CA ASP H 37 -32.94 20.86 -25.25
C ASP H 37 -32.66 22.31 -25.65
N VAL H 38 -31.99 23.05 -24.77
CA VAL H 38 -31.65 24.45 -25.05
C VAL H 38 -30.56 24.51 -26.11
N THR H 39 -30.83 25.21 -27.20
CA THR H 39 -29.86 25.32 -28.29
C THR H 39 -29.42 26.74 -28.61
N ASN H 40 -30.13 27.72 -28.07
CA ASN H 40 -29.83 29.12 -28.33
C ASN H 40 -29.83 29.91 -27.02
N LEU H 41 -28.73 30.60 -26.74
CA LEU H 41 -28.63 31.38 -25.51
C LEU H 41 -29.21 32.77 -25.65
N GLY H 42 -29.71 33.09 -26.83
CA GLY H 42 -30.27 34.41 -27.05
C GLY H 42 -29.22 35.34 -27.62
N VAL H 43 -29.24 36.59 -27.17
CA VAL H 43 -28.26 37.58 -27.65
C VAL H 43 -27.38 38.00 -26.48
N PRO H 44 -26.15 38.43 -26.77
CA PRO H 44 -25.25 38.86 -25.70
C PRO H 44 -25.83 40.07 -24.99
N LEU H 45 -25.77 40.09 -23.67
CA LEU H 45 -26.28 41.23 -22.93
C LEU H 45 -25.16 42.25 -22.92
N PRO H 46 -25.49 43.54 -22.77
CA PRO H 46 -24.39 44.50 -22.74
C PRO H 46 -23.59 44.23 -21.48
N THR H 47 -22.40 44.80 -21.38
CA THR H 47 -21.60 44.61 -20.18
C THR H 47 -22.22 45.53 -19.12
N LEU H 48 -21.88 45.30 -17.85
CA LEU H 48 -22.34 46.18 -16.79
C LEU H 48 -21.46 47.41 -17.02
N LYS H 49 -21.95 48.60 -16.68
CA LYS H 49 -21.15 49.81 -16.88
C LYS H 49 -20.16 50.04 -15.75
N TYR H 50 -19.89 48.97 -15.00
CA TYR H 50 -18.96 49.02 -13.87
C TYR H 50 -18.09 47.79 -13.94
N LYS H 51 -16.86 47.88 -13.43
CA LYS H 51 -16.00 46.71 -13.39
C LYS H 51 -16.46 45.94 -12.15
N TYR H 52 -15.93 44.73 -11.98
CA TYR H 52 -16.27 43.91 -10.82
C TYR H 52 -15.04 43.96 -9.90
N LYS H 53 -15.26 44.13 -8.59
CA LYS H 53 -14.14 44.19 -7.64
C LYS H 53 -13.89 42.87 -6.93
N GLN H 54 -12.63 42.44 -6.93
CA GLN H 54 -12.17 41.20 -6.30
C GLN H 54 -12.30 39.99 -7.23
HG HG I . 41.83 -41.79 15.70
HG HG J . 38.15 1.61 5.32
HG HG K . -32.96 -3.04 -4.50
HG HG L . -41.93 39.66 -22.85
#